data_5WRN
#
_entry.id   5WRN
#
_cell.length_a   110.096
_cell.length_b   110.096
_cell.length_c   317.268
_cell.angle_alpha   90.000
_cell.angle_beta   90.000
_cell.angle_gamma   90.000
#
_symmetry.space_group_name_H-M   'P 43 21 2'
#
loop_
_entity.id
_entity.type
_entity.pdbx_description
1 polymer 'Thymidylate synthase'
2 non-polymer "2'-DEOXYCYTIDINE-5'-MONOPHOSPHATE"
3 water water
#
_entity_poly.entity_id   1
_entity_poly.type   'polypeptide(L)'
_entity_poly.pdbx_seq_one_letter_code
;MPPHGELQYLGQIQHILRCGVRKDDRTGTGTLSVFGMQARYSLRDEFPLLTTKRVFWKGVLEELLWFIKGSTNAKELSSK
GVKIWDANGSRDFLDSLGFSTREEGDLGPVYGFQWRHFGAEYRDMESDYSGQGVDQLQRVIDTIKTNPDDRRIIMCAWNP
RDLPLMALPPCHALCQFYVVNSELSCQLYQRSGDMGLGVPFNIASYALLTYMIAHITGLKPGDFIHTLGDAHIYLNHIEP
LKIQLQREPRPFPKLRILRKVEKIDDFKAEDFQIEGYNPHPTIKMEMAV
;
_entity_poly.pdbx_strand_id   B,A,C,D,E,F
#
loop_
_chem_comp.id
_chem_comp.type
_chem_comp.name
_chem_comp.formula
DCM non-polymer 2'-DEOXYCYTIDINE-5'-MONOPHOSPHATE 'C9 H14 N3 O7 P'
#
# COMPACT_ATOMS: atom_id res chain seq x y z
N MET A 1 15.12 51.66 27.94
CA MET A 1 14.49 51.46 26.56
C MET A 1 14.07 49.98 26.37
N PRO A 2 12.92 49.72 25.73
CA PRO A 2 12.43 48.31 25.73
C PRO A 2 13.31 47.34 24.89
N PRO A 3 13.46 46.07 25.33
CA PRO A 3 14.32 45.10 24.59
C PRO A 3 14.00 45.00 23.07
N HIS A 4 15.04 45.15 22.25
CA HIS A 4 14.93 45.23 20.79
C HIS A 4 15.98 44.24 20.21
N GLY A 5 15.75 43.85 18.95
CA GLY A 5 16.68 43.04 18.21
C GLY A 5 17.00 41.70 18.87
N GLU A 6 18.30 41.48 19.00
CA GLU A 6 18.85 40.27 19.53
C GLU A 6 18.38 39.96 20.95
N LEU A 7 18.07 40.99 21.71
CA LEU A 7 17.58 40.80 23.07
C LEU A 7 16.21 40.15 23.21
N GLN A 8 15.35 40.27 22.18
CA GLN A 8 14.11 39.43 22.06
C GLN A 8 14.51 37.93 22.12
N TYR A 9 15.46 37.53 21.29
CA TYR A 9 15.84 36.14 21.19
C TYR A 9 16.41 35.68 22.52
N LEU A 10 17.33 36.46 23.06
CA LEU A 10 17.98 36.08 24.30
C LEU A 10 16.95 36.09 25.45
N GLY A 11 16.02 37.05 25.44
CA GLY A 11 14.87 37.03 26.37
C GLY A 11 14.05 35.73 26.28
N GLN A 12 13.80 35.22 25.06
CA GLN A 12 13.05 33.99 24.94
C GLN A 12 13.78 32.80 25.55
N ILE A 13 15.09 32.75 25.36
CA ILE A 13 15.93 31.68 25.96
C ILE A 13 15.82 31.70 27.50
N GLN A 14 15.88 32.92 28.05
CA GLN A 14 15.84 33.16 29.49
C GLN A 14 14.51 32.72 30.05
N HIS A 15 13.40 33.14 29.41
CA HIS A 15 12.05 32.68 29.79
C HIS A 15 11.88 31.15 29.80
N ILE A 16 12.45 30.48 28.82
CA ILE A 16 12.35 29.02 28.75
C ILE A 16 13.11 28.40 29.88
N LEU A 17 14.31 28.94 30.13
CA LEU A 17 15.16 28.39 31.18
C LEU A 17 14.48 28.49 32.54
N ARG A 18 13.85 29.63 32.81
CA ARG A 18 13.18 29.84 34.09
C ARG A 18 11.77 29.22 34.20
N CYS A 19 10.96 29.32 33.13
CA CYS A 19 9.53 28.87 33.16
C CYS A 19 9.18 27.60 32.35
N GLY A 20 10.10 27.08 31.56
CA GLY A 20 9.81 25.94 30.68
C GLY A 20 9.71 24.67 31.47
N VAL A 21 8.99 23.70 30.93
CA VAL A 21 8.78 22.44 31.60
C VAL A 21 9.58 21.33 30.95
N ARG A 22 9.95 20.34 31.74
CA ARG A 22 10.56 19.13 31.23
C ARG A 22 9.66 18.17 30.49
N LYS A 23 9.82 18.16 29.17
CA LYS A 23 9.03 17.38 28.23
C LYS A 23 10.04 16.65 27.35
N ASP A 24 9.89 15.33 27.27
CA ASP A 24 10.96 14.45 26.77
C ASP A 24 10.44 13.62 25.57
N THR A 29 15.47 12.25 24.73
CA THR A 29 16.46 12.39 25.79
C THR A 29 16.46 13.78 26.49
N GLY A 30 15.80 14.77 25.86
CA GLY A 30 14.98 15.72 26.63
C GLY A 30 15.10 17.22 26.43
N THR A 31 14.06 17.94 26.87
CA THR A 31 13.95 19.38 26.63
C THR A 31 13.36 20.13 27.78
N LEU A 32 13.56 21.43 27.78
CA LEU A 32 12.73 22.39 28.49
C LEU A 32 11.90 23.09 27.40
N SER A 33 10.61 23.27 27.70
CA SER A 33 9.69 23.75 26.69
C SER A 33 8.56 24.63 27.20
N VAL A 34 8.22 25.59 26.38
CA VAL A 34 7.11 26.55 26.55
C VAL A 34 6.31 26.53 25.25
N PHE A 35 5.00 26.53 25.35
CA PHE A 35 4.15 26.57 24.19
C PHE A 35 3.58 27.96 23.92
N GLY A 36 3.93 28.57 22.79
CA GLY A 36 3.36 29.85 22.38
C GLY A 36 4.32 30.95 22.74
N MET A 37 5.06 31.45 21.76
CA MET A 37 5.98 32.61 21.97
C MET A 37 5.99 33.48 20.73
N GLN A 38 6.43 34.71 20.90
CA GLN A 38 6.39 35.64 19.84
C GLN A 38 7.43 36.74 20.05
N ALA A 39 8.30 36.92 19.04
CA ALA A 39 9.31 37.97 19.02
C ALA A 39 9.16 38.79 17.76
N ARG A 40 9.55 40.06 17.84
CA ARG A 40 9.50 41.01 16.75
C ARG A 40 10.94 41.50 16.45
N TYR A 41 11.41 41.33 15.22
CA TYR A 41 12.75 41.80 14.78
C TYR A 41 12.57 42.88 13.74
N SER A 42 12.93 44.12 14.09
CA SER A 42 12.96 45.20 13.09
C SER A 42 13.90 44.85 11.92
N LEU A 43 13.47 45.19 10.71
CA LEU A 43 14.29 44.96 9.53
C LEU A 43 14.75 46.25 8.88
N ARG A 44 14.50 47.39 9.54
CA ARG A 44 14.69 48.74 8.98
C ARG A 44 16.15 49.13 9.15
N ASP A 45 16.91 49.11 8.05
CA ASP A 45 18.34 49.43 8.07
C ASP A 45 19.20 48.50 8.92
N GLU A 46 18.73 47.27 9.10
CA GLU A 46 19.51 46.26 9.77
C GLU A 46 19.00 44.85 9.38
N PHE A 47 19.80 43.84 9.65
CA PHE A 47 19.46 42.49 9.27
C PHE A 47 19.71 41.56 10.46
N PRO A 48 18.69 40.81 10.91
CA PRO A 48 18.77 40.08 12.18
C PRO A 48 19.58 38.77 12.11
N LEU A 49 20.87 38.87 11.77
CA LEU A 49 21.77 37.75 11.85
C LEU A 49 22.43 37.81 13.21
N LEU A 50 22.25 36.81 14.05
CA LEU A 50 22.61 36.93 15.46
C LEU A 50 24.12 37.18 15.68
N THR A 51 24.47 38.03 16.62
CA THR A 51 25.84 38.26 16.96
C THR A 51 26.38 37.52 18.18
N THR A 52 25.55 36.95 19.07
CA THR A 52 26.09 36.26 20.27
C THR A 52 26.71 34.89 19.99
N LYS A 53 26.57 34.48 18.75
CA LYS A 53 27.11 33.27 18.21
C LYS A 53 26.98 33.37 16.68
N ARG A 54 27.99 32.91 15.94
CA ARG A 54 27.96 32.95 14.48
C ARG A 54 26.87 32.02 13.89
N VAL A 55 26.07 32.59 13.00
CA VAL A 55 25.07 31.87 12.30
C VAL A 55 25.60 31.52 10.91
N PHE A 56 25.17 30.34 10.42
CA PHE A 56 25.63 29.76 9.15
C PHE A 56 24.92 30.45 7.98
N TRP A 57 25.41 31.67 7.70
CA TRP A 57 24.86 32.56 6.69
C TRP A 57 24.77 31.89 5.36
N LYS A 58 25.82 31.15 5.03
CA LYS A 58 25.93 30.57 3.72
C LYS A 58 24.81 29.53 3.54
N GLY A 59 24.65 28.64 4.51
CA GLY A 59 23.51 27.74 4.57
C GLY A 59 22.15 28.45 4.47
N VAL A 60 21.96 29.52 5.23
CA VAL A 60 20.72 30.27 5.10
C VAL A 60 20.44 30.66 3.64
N LEU A 61 21.42 31.27 2.98
CA LEU A 61 21.18 31.85 1.64
C LEU A 61 20.99 30.74 0.57
N GLU A 62 21.82 29.72 0.60
CA GLU A 62 21.65 28.63 -0.37
C GLU A 62 20.35 27.79 -0.15
N GLU A 63 20.02 27.51 1.11
CA GLU A 63 18.75 26.84 1.39
C GLU A 63 17.62 27.64 0.79
N LEU A 64 17.62 28.94 0.97
CA LEU A 64 16.48 29.71 0.50
C LEU A 64 16.39 29.71 -1.00
N LEU A 65 17.50 29.91 -1.69
CA LEU A 65 17.50 29.86 -3.15
C LEU A 65 17.05 28.48 -3.65
N TRP A 66 17.46 27.43 -2.95
CA TRP A 66 17.06 26.09 -3.27
C TRP A 66 15.51 25.95 -3.18
N PHE A 67 14.89 26.43 -2.08
CA PHE A 67 13.40 26.45 -1.96
C PHE A 67 12.75 27.23 -3.08
N ILE A 68 13.29 28.42 -3.32
CA ILE A 68 12.76 29.28 -4.38
C ILE A 68 12.73 28.57 -5.73
N LYS A 69 13.77 27.76 -6.00
CA LYS A 69 13.89 26.99 -7.24
C LYS A 69 12.82 25.92 -7.33
N GLY A 70 12.22 25.49 -6.22
CA GLY A 70 11.26 24.42 -6.21
C GLY A 70 11.88 23.06 -5.93
N SER A 71 13.14 23.02 -5.53
CA SER A 71 13.85 21.77 -5.56
C SER A 71 13.47 20.97 -4.36
N THR A 72 13.38 19.65 -4.55
CA THR A 72 13.19 18.69 -3.47
C THR A 72 14.29 17.66 -3.39
N ASN A 73 15.47 18.06 -3.85
CA ASN A 73 16.60 17.17 -4.08
C ASN A 73 17.72 17.64 -3.22
N ALA A 74 18.03 16.83 -2.20
CA ALA A 74 18.96 17.25 -1.16
C ALA A 74 20.36 17.41 -1.78
N LYS A 75 20.66 16.56 -2.76
CA LYS A 75 21.93 16.61 -3.52
C LYS A 75 22.14 17.93 -4.22
N GLU A 76 21.04 18.55 -4.66
CA GLU A 76 21.12 19.86 -5.30
C GLU A 76 21.53 20.98 -4.35
N LEU A 77 21.19 20.88 -3.05
CA LEU A 77 21.69 21.82 -2.00
C LEU A 77 23.08 21.40 -1.54
N SER A 78 23.32 20.09 -1.49
CA SER A 78 24.62 19.59 -1.09
C SER A 78 25.75 19.94 -2.08
N SER A 79 25.39 20.18 -3.33
CA SER A 79 26.34 20.57 -4.34
C SER A 79 26.92 21.97 -4.09
N LYS A 80 26.21 22.79 -3.31
CA LYS A 80 26.62 24.15 -2.99
C LYS A 80 27.34 24.20 -1.65
N GLY A 81 27.62 23.05 -1.08
CA GLY A 81 28.35 22.96 0.19
C GLY A 81 27.51 23.02 1.46
N VAL A 82 26.18 22.83 1.33
CA VAL A 82 25.24 22.94 2.44
C VAL A 82 24.60 21.57 2.61
N LYS A 83 24.97 20.90 3.70
CA LYS A 83 24.67 19.50 3.94
C LYS A 83 23.51 19.29 4.89
N ILE A 84 22.78 20.34 5.21
CA ILE A 84 21.83 20.30 6.32
C ILE A 84 20.65 19.38 6.05
N TRP A 85 20.24 19.21 4.81
CA TRP A 85 19.20 18.24 4.46
C TRP A 85 19.70 16.86 4.04
N ASP A 86 21.00 16.67 3.93
CA ASP A 86 21.58 15.40 3.43
C ASP A 86 21.19 14.14 4.20
N ALA A 87 21.28 14.16 5.52
CA ALA A 87 20.82 13.01 6.33
C ALA A 87 19.34 12.60 6.03
N ASN A 88 18.49 13.59 5.72
CA ASN A 88 17.09 13.30 5.47
C ASN A 88 16.82 12.61 4.12
N GLY A 89 17.80 12.66 3.23
CA GLY A 89 17.71 12.07 1.90
C GLY A 89 18.55 10.84 1.74
N SER A 90 19.23 10.39 2.80
CA SER A 90 20.08 9.19 2.70
C SER A 90 19.28 7.90 2.39
N ARG A 91 19.94 6.97 1.70
CA ARG A 91 19.36 5.67 1.38
C ARG A 91 18.69 5.03 2.63
N ASP A 92 19.46 4.96 3.71
CA ASP A 92 19.04 4.29 4.94
C ASP A 92 17.80 4.98 5.57
N PHE A 93 17.86 6.30 5.73
CA PHE A 93 16.74 7.07 6.25
C PHE A 93 15.48 7.02 5.36
N LEU A 94 15.66 7.10 4.04
CA LEU A 94 14.52 6.92 3.15
C LEU A 94 13.97 5.51 3.27
N ASP A 95 14.85 4.51 3.32
CA ASP A 95 14.43 3.10 3.51
C ASP A 95 13.63 2.92 4.80
N SER A 96 14.09 3.55 5.89
CA SER A 96 13.34 3.47 7.17
C SER A 96 11.93 4.07 7.14
N LEU A 97 11.65 4.93 6.16
CA LEU A 97 10.31 5.49 6.01
C LEU A 97 9.39 4.70 5.04
N GLY A 98 9.90 3.62 4.46
CA GLY A 98 9.17 2.79 3.49
C GLY A 98 9.41 3.19 2.04
N PHE A 99 10.37 4.10 1.80
CA PHE A 99 10.62 4.67 0.48
C PHE A 99 11.87 4.03 -0.11
N SER A 100 11.90 2.70 -0.17
CA SER A 100 13.05 1.98 -0.79
C SER A 100 13.17 2.12 -2.32
N THR A 101 12.03 2.34 -2.95
CA THR A 101 11.95 2.73 -4.36
C THR A 101 12.63 4.08 -4.74
N ARG A 102 12.73 4.99 -3.79
CA ARG A 102 12.97 6.40 -4.09
C ARG A 102 14.46 6.65 -4.29
N GLU A 103 14.88 7.59 -5.15
CA GLU A 103 16.35 7.77 -5.29
C GLU A 103 16.89 8.58 -4.09
N GLU A 104 18.14 8.31 -3.71
CA GLU A 104 18.84 9.03 -2.64
C GLU A 104 18.76 10.54 -2.90
N GLY A 105 18.43 11.31 -1.87
CA GLY A 105 18.19 12.72 -2.05
C GLY A 105 16.76 13.21 -2.30
N ASP A 106 15.80 12.32 -2.56
CA ASP A 106 14.45 12.76 -2.86
C ASP A 106 13.69 12.85 -1.54
N LEU A 107 13.59 14.08 -1.08
CA LEU A 107 12.97 14.41 0.19
C LEU A 107 11.43 14.38 0.12
N GLY A 108 10.88 14.27 -1.10
CA GLY A 108 9.46 14.24 -1.31
C GLY A 108 8.99 15.67 -1.41
N PRO A 109 7.68 15.91 -1.22
CA PRO A 109 7.13 17.25 -1.46
C PRO A 109 7.27 18.20 -0.27
N VAL A 110 8.51 18.59 -0.01
CA VAL A 110 8.83 19.54 1.06
C VAL A 110 8.72 20.97 0.53
N TYR A 111 9.33 21.92 1.20
CA TYR A 111 9.04 23.36 1.05
C TYR A 111 8.96 23.85 -0.36
N GLY A 112 10.01 23.56 -1.12
CA GLY A 112 10.15 24.02 -2.48
C GLY A 112 9.00 23.64 -3.37
N PHE A 113 8.54 22.40 -3.24
CA PHE A 113 7.34 21.92 -3.98
C PHE A 113 6.06 22.55 -3.50
N GLN A 114 5.88 22.70 -2.18
CA GLN A 114 4.67 23.35 -1.63
C GLN A 114 4.57 24.84 -1.97
N TRP A 115 5.71 25.53 -1.95
CA TRP A 115 5.78 26.93 -2.33
C TRP A 115 5.45 27.24 -3.79
N ARG A 116 5.87 26.38 -4.70
CA ARG A 116 5.66 26.55 -6.15
C ARG A 116 4.59 25.74 -6.76
N HIS A 117 4.21 24.60 -6.16
CA HIS A 117 3.28 23.60 -6.78
C HIS A 117 2.31 23.04 -5.76
N PHE A 118 1.86 23.86 -4.81
CA PHE A 118 0.95 23.38 -3.82
C PHE A 118 -0.26 22.66 -4.47
N GLY A 119 -0.40 21.41 -4.10
CA GLY A 119 -1.56 20.62 -4.43
C GLY A 119 -1.43 19.77 -5.68
N ALA A 120 -0.29 19.83 -6.36
CA ALA A 120 -0.04 19.03 -7.53
C ALA A 120 0.36 17.66 -7.03
N GLU A 121 0.39 16.67 -7.91
CA GLU A 121 0.62 15.32 -7.51
C GLU A 121 2.13 15.08 -7.53
N TYR A 122 2.73 14.70 -6.42
CA TYR A 122 4.18 14.52 -6.38
C TYR A 122 4.59 13.20 -6.98
N ARG A 123 5.54 13.20 -7.89
CA ARG A 123 5.98 11.95 -8.45
C ARG A 123 7.35 11.65 -7.90
N ASP A 124 8.40 12.22 -8.49
CA ASP A 124 9.72 12.25 -7.82
C ASP A 124 10.38 13.64 -8.00
N MET A 125 11.58 13.76 -7.43
CA MET A 125 12.29 15.01 -7.40
C MET A 125 12.79 15.49 -8.76
N GLU A 126 12.75 14.63 -9.80
CA GLU A 126 13.17 15.02 -11.17
C GLU A 126 12.03 15.48 -12.10
N SER A 127 10.78 15.20 -11.71
CA SER A 127 9.66 15.45 -12.57
C SER A 127 9.53 16.94 -12.86
N ASP A 128 8.91 17.21 -14.01
CA ASP A 128 8.53 18.53 -14.39
C ASP A 128 7.11 18.78 -13.82
N TYR A 129 7.00 19.86 -13.05
CA TYR A 129 5.77 20.26 -12.42
C TYR A 129 5.34 21.63 -12.92
N SER A 130 5.91 22.05 -14.04
CA SER A 130 5.51 23.27 -14.73
C SER A 130 4.02 23.42 -14.91
N GLY A 131 3.52 24.55 -14.40
CA GLY A 131 2.12 24.94 -14.41
C GLY A 131 1.17 24.08 -13.58
N GLN A 132 1.71 23.21 -12.72
CA GLN A 132 0.90 22.31 -11.92
C GLN A 132 0.87 22.84 -10.48
N GLY A 133 -0.30 22.71 -9.86
CA GLY A 133 -0.59 23.29 -8.53
C GLY A 133 -0.48 24.80 -8.44
N VAL A 134 -0.41 25.29 -7.21
CA VAL A 134 -0.51 26.72 -6.96
C VAL A 134 0.86 27.27 -6.64
N ASP A 135 1.25 28.30 -7.39
CA ASP A 135 2.54 28.87 -7.17
C ASP A 135 2.34 29.93 -6.09
N GLN A 136 2.37 29.49 -4.85
CA GLN A 136 2.09 30.43 -3.74
C GLN A 136 3.07 31.63 -3.65
N LEU A 137 4.33 31.36 -3.91
CA LEU A 137 5.34 32.40 -3.87
C LEU A 137 5.07 33.53 -4.89
N GLN A 138 4.89 33.18 -6.15
CA GLN A 138 4.55 34.19 -7.17
C GLN A 138 3.21 34.85 -6.83
N ARG A 139 2.21 34.06 -6.39
CA ARG A 139 0.89 34.62 -6.01
C ARG A 139 1.00 35.65 -4.88
N VAL A 140 1.87 35.41 -3.91
CA VAL A 140 2.25 36.41 -2.87
C VAL A 140 2.85 37.71 -3.43
N ILE A 141 3.81 37.58 -4.32
CA ILE A 141 4.44 38.75 -4.95
C ILE A 141 3.41 39.60 -5.74
N ASP A 142 2.59 38.94 -6.55
CA ASP A 142 1.56 39.58 -7.35
C ASP A 142 0.57 40.31 -6.51
N THR A 143 0.12 39.70 -5.41
CA THR A 143 -0.86 40.34 -4.50
C THR A 143 -0.26 41.58 -3.80
N ILE A 144 0.99 41.49 -3.38
CA ILE A 144 1.68 42.65 -2.83
C ILE A 144 1.71 43.85 -3.81
N LYS A 145 1.97 43.56 -5.09
CA LYS A 145 2.01 44.58 -6.10
C LYS A 145 0.64 45.15 -6.37
N THR A 146 -0.32 44.33 -6.70
CA THR A 146 -1.64 44.86 -7.11
C THR A 146 -2.68 45.15 -5.97
N ASN A 147 -2.56 44.50 -4.81
CA ASN A 147 -3.43 44.83 -3.66
C ASN A 147 -2.69 44.67 -2.31
N PRO A 148 -1.79 45.61 -1.96
CA PRO A 148 -1.01 45.51 -0.73
C PRO A 148 -1.81 45.43 0.57
N ASP A 149 -3.04 45.90 0.54
CA ASP A 149 -3.93 45.89 1.72
C ASP A 149 -4.50 44.50 2.10
N ASP A 150 -4.40 43.55 1.17
CA ASP A 150 -4.89 42.22 1.37
C ASP A 150 -4.35 41.57 2.68
N ARG A 151 -5.28 40.93 3.40
CA ARG A 151 -5.03 40.19 4.61
C ARG A 151 -4.98 38.69 4.44
N ARG A 152 -4.87 38.20 3.22
CA ARG A 152 -4.76 36.77 2.90
C ARG A 152 -3.44 36.48 2.19
N ILE A 153 -2.43 37.34 2.40
CA ILE A 153 -1.14 37.15 1.73
C ILE A 153 -0.35 36.06 2.46
N ILE A 154 -0.61 34.81 2.10
CA ILE A 154 -0.12 33.65 2.81
C ILE A 154 0.58 32.63 1.95
N MET A 155 1.61 32.00 2.52
CA MET A 155 2.32 30.90 1.87
C MET A 155 2.40 29.78 2.88
N CYS A 156 1.87 28.63 2.51
CA CYS A 156 1.66 27.53 3.44
C CYS A 156 2.42 26.33 2.98
N ALA A 157 3.29 25.81 3.84
CA ALA A 157 4.04 24.59 3.55
C ALA A 157 3.40 23.33 4.12
N TRP A 158 2.47 23.53 5.04
CA TRP A 158 1.79 22.43 5.75
C TRP A 158 0.66 21.92 4.86
N ASN A 159 0.80 20.70 4.36
CA ASN A 159 -0.15 20.08 3.45
C ASN A 159 -0.38 18.67 3.99
N PRO A 160 -1.46 18.48 4.78
CA PRO A 160 -1.80 17.18 5.40
C PRO A 160 -1.85 16.02 4.41
N ARG A 161 -2.34 16.26 3.19
CA ARG A 161 -2.35 15.17 2.18
C ARG A 161 -0.96 14.66 1.82
N ASP A 162 -0.01 15.58 1.67
CA ASP A 162 1.39 15.29 1.29
C ASP A 162 2.28 14.92 2.46
N LEU A 163 1.87 15.17 3.72
CA LEU A 163 2.76 14.80 4.87
C LEU A 163 3.37 13.40 4.84
N PRO A 164 2.57 12.36 4.58
CA PRO A 164 3.13 11.01 4.62
C PRO A 164 4.20 10.78 3.57
N LEU A 165 4.22 11.56 2.48
CA LEU A 165 5.31 11.44 1.49
C LEU A 165 6.62 12.19 1.81
N MET A 166 6.62 13.07 2.82
CA MET A 166 7.74 13.96 3.05
C MET A 166 8.74 13.29 3.94
N ALA A 167 10.02 13.54 3.68
CA ALA A 167 11.09 13.04 4.56
C ALA A 167 10.91 13.56 5.98
N LEU A 168 10.51 14.84 6.08
CA LEU A 168 10.30 15.58 7.33
C LEU A 168 9.06 16.43 7.24
N PRO A 169 8.23 16.44 8.28
CA PRO A 169 7.20 17.41 8.22
C PRO A 169 7.82 18.80 8.48
N PRO A 170 7.33 19.78 7.76
CA PRO A 170 7.85 21.13 7.88
C PRO A 170 7.66 21.72 9.30
N CYS A 171 8.70 22.42 9.80
CA CYS A 171 8.65 23.24 11.02
C CYS A 171 8.00 24.56 10.72
N HIS A 172 8.21 25.06 9.52
CA HIS A 172 7.66 26.34 9.09
C HIS A 172 6.39 26.16 8.35
N ALA A 173 5.31 26.19 9.11
CA ALA A 173 4.04 25.74 8.65
C ALA A 173 3.46 26.77 7.71
N LEU A 174 3.60 28.04 8.05
CA LEU A 174 3.14 29.10 7.21
C LEU A 174 3.75 30.41 7.51
N CYS A 175 3.73 31.28 6.52
CA CYS A 175 4.02 32.67 6.70
C CYS A 175 3.00 33.57 6.03
N GLN A 176 2.86 34.78 6.57
CA GLN A 176 1.93 35.79 6.10
C GLN A 176 2.70 37.07 5.95
N PHE A 177 2.37 37.85 4.95
CA PHE A 177 2.99 39.11 4.69
C PHE A 177 1.97 40.23 4.90
N TYR A 178 2.50 41.44 5.02
CA TYR A 178 1.71 42.59 5.36
C TYR A 178 2.37 43.85 4.87
N VAL A 179 1.59 44.76 4.31
CA VAL A 179 2.09 46.05 3.86
C VAL A 179 1.32 47.23 4.45
N VAL A 180 2.05 48.17 5.00
CA VAL A 180 1.55 49.51 5.24
C VAL A 180 2.70 50.49 5.28
N ASN A 181 2.43 51.73 4.84
CA ASN A 181 3.44 52.79 4.76
C ASN A 181 4.68 52.40 3.95
N SER A 182 4.45 51.75 2.80
CA SER A 182 5.55 51.18 1.95
C SER A 182 6.64 50.27 2.63
N GLU A 183 6.25 49.63 3.75
CA GLU A 183 7.08 48.67 4.45
C GLU A 183 6.41 47.28 4.37
N LEU A 184 7.19 46.25 4.04
CA LEU A 184 6.70 44.89 4.00
C LEU A 184 7.18 44.16 5.23
N SER A 185 6.22 43.62 5.98
CA SER A 185 6.49 42.79 7.14
C SER A 185 6.05 41.35 6.88
N CYS A 186 6.60 40.41 7.67
CA CYS A 186 6.36 38.99 7.53
C CYS A 186 6.21 38.34 8.92
N GLN A 187 5.22 37.47 9.07
CA GLN A 187 5.11 36.68 10.24
C GLN A 187 5.19 35.23 9.90
N LEU A 188 6.02 34.51 10.67
CA LEU A 188 6.26 33.09 10.46
C LEU A 188 5.61 32.32 11.57
N TYR A 189 4.79 31.31 11.21
CA TYR A 189 4.34 30.34 12.21
C TYR A 189 5.20 29.12 12.16
N GLN A 190 5.97 28.92 13.21
CA GLN A 190 6.92 27.84 13.29
C GLN A 190 6.41 26.96 14.37
N ARG A 191 6.12 25.72 14.04
CA ARG A 191 5.45 24.83 14.96
C ARG A 191 6.34 24.22 16.04
N SER A 192 7.66 24.22 15.78
CA SER A 192 8.61 23.60 16.63
C SER A 192 9.93 24.30 16.45
N GLY A 193 10.50 24.72 17.56
CA GLY A 193 11.71 25.53 17.55
C GLY A 193 12.74 25.02 18.55
N ASP A 194 13.88 24.58 18.01
CA ASP A 194 15.08 24.27 18.79
C ASP A 194 15.80 25.59 18.90
N MET A 195 15.82 26.18 20.09
CA MET A 195 16.22 27.60 20.22
C MET A 195 17.71 27.81 20.12
N GLY A 196 18.48 26.83 20.50
CA GLY A 196 19.91 26.94 20.42
C GLY A 196 20.41 26.74 19.03
N LEU A 197 19.98 25.67 18.39
CA LEU A 197 20.44 25.34 17.07
C LEU A 197 19.68 25.87 15.85
N GLY A 198 18.39 25.62 15.80
CA GLY A 198 17.58 25.98 14.64
C GLY A 198 17.20 27.43 14.53
N VAL A 199 16.66 28.01 15.60
CA VAL A 199 15.91 29.27 15.52
C VAL A 199 16.73 30.45 14.95
N PRO A 200 18.01 30.58 15.32
CA PRO A 200 18.80 31.71 14.73
C PRO A 200 18.89 31.62 13.23
N PHE A 201 19.05 30.40 12.75
CA PHE A 201 19.01 30.09 11.30
C PHE A 201 17.62 30.46 10.70
N ASN A 202 16.57 30.00 11.40
CA ASN A 202 15.19 30.26 10.98
C ASN A 202 14.85 31.75 10.90
N ILE A 203 15.22 32.54 11.91
CA ILE A 203 15.04 34.02 11.81
C ILE A 203 15.73 34.63 10.56
N ALA A 204 16.98 34.23 10.37
CA ALA A 204 17.73 34.73 9.24
C ALA A 204 17.06 34.34 7.93
N SER A 205 16.58 33.11 7.81
CA SER A 205 15.92 32.69 6.56
C SER A 205 14.78 33.59 6.13
N TYR A 206 13.85 33.81 7.07
CA TYR A 206 12.60 34.55 6.75
C TYR A 206 12.79 36.05 6.62
N ALA A 207 13.76 36.58 7.36
CA ALA A 207 14.21 37.94 7.17
C ALA A 207 14.80 38.05 5.79
N LEU A 208 15.59 37.04 5.38
CA LEU A 208 16.18 37.07 4.00
C LEU A 208 15.09 37.02 2.92
N LEU A 209 14.09 36.18 3.13
CA LEU A 209 12.96 36.08 2.21
C LEU A 209 12.22 37.39 2.14
N THR A 210 12.05 38.09 3.27
CA THR A 210 11.33 39.36 3.28
C THR A 210 12.12 40.46 2.55
N TYR A 211 13.42 40.54 2.81
CA TYR A 211 14.31 41.40 1.99
C TYR A 211 14.17 41.15 0.50
N MET A 212 14.16 39.88 0.10
CA MET A 212 13.99 39.54 -1.33
C MET A 212 12.67 40.02 -1.88
N ILE A 213 11.57 39.86 -1.13
CA ILE A 213 10.24 40.15 -1.72
C ILE A 213 10.04 41.65 -1.73
N ALA A 214 10.46 42.31 -0.66
CA ALA A 214 10.54 43.77 -0.64
C ALA A 214 11.26 44.34 -1.87
N HIS A 215 12.42 43.77 -2.19
CA HIS A 215 13.19 44.22 -3.30
C HIS A 215 12.43 44.08 -4.62
N ILE A 216 11.80 42.94 -4.83
CA ILE A 216 11.04 42.66 -6.05
C ILE A 216 9.83 43.59 -6.17
N THR A 217 9.22 44.00 -5.06
CA THR A 217 7.93 44.73 -5.10
C THR A 217 8.09 46.24 -4.92
N GLY A 218 9.33 46.69 -4.81
CA GLY A 218 9.65 48.11 -4.55
C GLY A 218 9.27 48.65 -3.18
N LEU A 219 9.29 47.80 -2.16
CA LEU A 219 8.86 48.16 -0.83
C LEU A 219 10.12 48.14 0.00
N LYS A 220 10.06 48.72 1.21
CA LYS A 220 11.17 48.61 2.20
C LYS A 220 10.87 47.58 3.23
N PRO A 221 11.88 46.82 3.67
CA PRO A 221 11.63 45.84 4.77
C PRO A 221 11.11 46.49 6.07
N GLY A 222 10.18 45.81 6.76
CA GLY A 222 9.51 46.32 7.97
C GLY A 222 9.84 45.46 9.19
N ASP A 223 8.91 44.64 9.66
CA ASP A 223 9.23 43.70 10.75
C ASP A 223 9.21 42.26 10.28
N PHE A 224 10.04 41.45 10.94
CA PHE A 224 9.88 40.00 10.92
C PHE A 224 9.31 39.58 12.28
N ILE A 225 8.09 39.02 12.29
CA ILE A 225 7.47 38.47 13.54
C ILE A 225 7.57 36.97 13.56
N HIS A 226 8.30 36.45 14.56
CA HIS A 226 8.56 35.02 14.72
C HIS A 226 7.64 34.48 15.77
N THR A 227 6.66 33.65 15.35
CA THR A 227 5.76 32.96 16.28
C THR A 227 6.13 31.48 16.38
N LEU A 228 6.26 30.98 17.62
CA LEU A 228 6.51 29.59 17.88
C LEU A 228 5.32 28.84 18.59
N GLY A 229 5.17 27.59 18.19
CA GLY A 229 4.44 26.60 18.92
C GLY A 229 5.29 26.04 20.03
N ASP A 230 5.89 24.88 19.82
CA ASP A 230 6.67 24.21 20.81
C ASP A 230 8.07 24.78 20.77
N ALA A 231 8.36 25.68 21.72
CA ALA A 231 9.67 26.31 21.81
C ALA A 231 10.53 25.63 22.88
N HIS A 232 11.64 25.05 22.48
CA HIS A 232 12.41 24.22 23.41
C HIS A 232 13.93 24.38 23.32
N ILE A 233 14.56 24.11 24.46
CA ILE A 233 16.01 24.00 24.59
C ILE A 233 16.28 22.53 24.88
N TYR A 234 17.11 21.89 24.10
CA TYR A 234 17.55 20.54 24.47
C TYR A 234 18.36 20.66 25.75
N LEU A 235 18.27 19.69 26.63
CA LEU A 235 18.98 19.79 27.93
C LEU A 235 20.51 19.91 27.77
N ASN A 236 21.07 19.19 26.79
CA ASN A 236 22.50 19.30 26.43
C ASN A 236 22.95 20.68 25.89
N HIS A 237 22.01 21.57 25.62
CA HIS A 237 22.30 22.92 25.15
C HIS A 237 22.24 23.95 26.27
N ILE A 238 21.83 23.60 27.47
CA ILE A 238 21.67 24.60 28.54
C ILE A 238 22.99 25.33 28.87
N GLU A 239 24.07 24.58 29.07
CA GLU A 239 25.32 25.19 29.54
C GLU A 239 25.95 26.14 28.52
N PRO A 240 25.91 25.77 27.26
CA PRO A 240 26.43 26.62 26.22
C PRO A 240 25.55 27.82 26.04
N LEU A 241 24.25 27.66 26.20
CA LEU A 241 23.33 28.75 26.11
C LEU A 241 23.55 29.69 27.28
N LYS A 242 23.94 29.14 28.42
CA LYS A 242 24.28 29.94 29.58
C LYS A 242 25.54 30.79 29.37
N ILE A 243 26.53 30.25 28.66
CA ILE A 243 27.71 31.03 28.24
C ILE A 243 27.25 32.18 27.33
N GLN A 244 26.43 31.84 26.35
CA GLN A 244 26.00 32.78 25.34
C GLN A 244 25.20 33.96 25.84
N LEU A 245 24.34 33.71 26.80
CA LEU A 245 23.47 34.77 27.34
C LEU A 245 24.23 35.90 28.01
N GLN A 246 25.47 35.62 28.38
CA GLN A 246 26.29 36.61 28.99
C GLN A 246 27.19 37.40 28.04
N ARG A 247 27.18 37.11 26.75
CA ARG A 247 27.93 37.91 25.80
C ARG A 247 27.13 39.14 25.41
N GLU A 248 27.82 40.25 25.23
CA GLU A 248 27.24 41.53 24.84
C GLU A 248 26.83 41.45 23.36
N PRO A 249 25.57 41.75 23.04
CA PRO A 249 25.30 41.77 21.61
C PRO A 249 26.09 42.87 20.90
N ARG A 250 26.51 42.59 19.67
CA ARG A 250 27.06 43.64 18.81
C ARG A 250 25.90 44.09 17.96
N PRO A 251 25.96 45.32 17.41
CA PRO A 251 24.90 45.76 16.50
C PRO A 251 24.73 44.83 15.29
N PHE A 252 23.49 44.67 14.86
CA PHE A 252 23.18 43.79 13.73
C PHE A 252 23.87 44.30 12.46
N PRO A 253 24.30 43.37 11.60
CA PRO A 253 24.82 43.72 10.29
C PRO A 253 23.77 44.30 9.35
N LYS A 254 24.20 44.74 8.19
CA LYS A 254 23.26 45.08 7.13
C LYS A 254 23.29 44.04 6.00
N LEU A 255 22.25 43.98 5.21
CA LEU A 255 22.24 43.16 4.03
C LEU A 255 22.14 44.12 2.88
N ARG A 256 23.11 44.08 2.00
CA ARG A 256 23.10 44.85 0.77
C ARG A 256 22.71 43.91 -0.41
N ILE A 257 21.74 44.33 -1.21
CA ILE A 257 21.43 43.69 -2.48
C ILE A 257 22.14 44.43 -3.67
N LEU A 258 23.09 43.75 -4.29
CA LEU A 258 24.09 44.36 -5.17
C LEU A 258 23.60 44.77 -6.57
N ARG A 259 22.43 44.33 -7.01
CA ARG A 259 21.85 44.72 -8.30
C ARG A 259 20.33 44.74 -8.24
N LYS A 260 19.74 45.41 -9.23
CA LYS A 260 18.30 45.53 -9.39
C LYS A 260 17.90 44.23 -10.05
N VAL A 261 17.03 43.46 -9.39
CA VAL A 261 16.50 42.17 -9.87
C VAL A 261 14.97 42.21 -9.98
N GLU A 262 14.46 41.71 -11.11
CA GLU A 262 13.04 41.94 -11.44
C GLU A 262 12.10 40.79 -11.02
N LYS A 263 12.60 39.54 -11.10
CA LYS A 263 11.84 38.36 -10.73
C LYS A 263 12.64 37.55 -9.68
N ILE A 264 11.91 37.00 -8.70
CA ILE A 264 12.51 36.25 -7.58
C ILE A 264 13.28 35.01 -7.98
N ASP A 265 12.93 34.39 -9.10
CA ASP A 265 13.72 33.26 -9.61
C ASP A 265 15.12 33.66 -10.10
N ASP A 266 15.34 34.94 -10.39
CA ASP A 266 16.62 35.42 -10.89
C ASP A 266 17.64 35.72 -9.78
N PHE A 267 17.24 35.81 -8.52
CA PHE A 267 18.24 36.02 -7.47
C PHE A 267 19.31 34.91 -7.49
N LYS A 268 20.55 35.29 -7.20
CA LYS A 268 21.71 34.38 -7.13
C LYS A 268 22.49 34.72 -5.88
N ALA A 269 23.23 33.76 -5.31
CA ALA A 269 23.94 34.01 -4.06
C ALA A 269 24.85 35.30 -4.06
N GLU A 270 25.47 35.58 -5.21
CA GLU A 270 26.46 36.68 -5.35
C GLU A 270 25.77 38.03 -5.41
N ASP A 271 24.46 38.03 -5.61
CA ASP A 271 23.69 39.24 -5.40
C ASP A 271 23.65 39.79 -3.97
N PHE A 272 24.11 39.03 -2.98
CA PHE A 272 23.87 39.37 -1.57
C PHE A 272 25.18 39.59 -0.83
N GLN A 273 25.27 40.67 -0.05
CA GLN A 273 26.42 40.92 0.79
C GLN A 273 26.01 41.36 2.19
N ILE A 274 26.59 40.70 3.17
CA ILE A 274 26.36 40.95 4.56
C ILE A 274 27.48 41.84 5.01
N GLU A 275 27.15 43.01 5.54
CA GLU A 275 28.09 44.05 5.88
C GLU A 275 28.16 44.20 7.38
N GLY A 276 29.36 44.29 7.93
CA GLY A 276 29.54 44.60 9.34
C GLY A 276 29.09 43.49 10.28
N TYR A 277 29.27 42.25 9.84
CA TYR A 277 28.88 41.14 10.64
C TYR A 277 30.04 40.86 11.52
N ASN A 278 29.84 41.10 12.80
CA ASN A 278 30.87 41.00 13.77
C ASN A 278 30.52 40.07 14.93
N PRO A 279 30.39 38.78 14.67
CA PRO A 279 29.94 37.89 15.73
C PRO A 279 31.03 37.42 16.67
N HIS A 280 30.60 37.15 17.90
CA HIS A 280 31.36 36.38 18.89
C HIS A 280 31.63 34.96 18.39
N PRO A 281 32.54 34.19 18.96
CA PRO A 281 32.80 32.86 18.43
C PRO A 281 31.62 31.88 18.32
N THR A 282 31.62 31.09 17.26
CA THR A 282 30.63 30.06 17.06
C THR A 282 30.96 29.21 18.24
N ILE A 283 30.06 29.17 19.17
CA ILE A 283 30.27 28.41 20.36
C ILE A 283 28.95 27.68 20.40
N LYS A 284 28.91 26.59 19.64
CA LYS A 284 27.67 25.86 19.51
C LYS A 284 27.52 24.40 19.96
N MET A 285 26.25 24.01 20.06
CA MET A 285 25.75 22.75 20.61
C MET A 285 25.29 21.61 19.70
N GLU A 286 25.08 20.44 20.30
CA GLU A 286 24.67 19.23 19.58
C GLU A 286 23.21 19.16 19.18
N MET B 1 -2.98 39.05 43.35
CA MET B 1 -3.63 37.90 42.67
C MET B 1 -3.31 38.06 41.18
N PRO B 2 -3.11 36.95 40.44
CA PRO B 2 -2.76 37.08 39.03
C PRO B 2 -3.86 37.82 38.25
N PRO B 3 -3.49 38.72 37.36
CA PRO B 3 -4.56 39.51 36.80
C PRO B 3 -5.57 38.72 35.89
N HIS B 4 -6.72 39.35 35.68
CA HIS B 4 -7.83 38.78 34.92
C HIS B 4 -7.43 38.59 33.45
N GLY B 5 -7.65 37.41 32.88
CA GLY B 5 -7.22 37.07 31.49
C GLY B 5 -7.70 38.08 30.44
N GLU B 6 -8.89 38.59 30.64
CA GLU B 6 -9.46 39.56 29.73
C GLU B 6 -8.67 40.85 29.55
N LEU B 7 -7.86 41.24 30.54
CA LEU B 7 -7.02 42.46 30.37
C LEU B 7 -6.03 42.41 29.21
N GLN B 8 -5.62 41.22 28.82
CA GLN B 8 -4.86 41.08 27.58
C GLN B 8 -5.65 41.48 26.33
N TYR B 9 -6.91 41.06 26.26
CA TYR B 9 -7.74 41.44 25.11
C TYR B 9 -7.87 42.96 25.11
N LEU B 10 -8.23 43.55 26.25
CA LEU B 10 -8.42 45.01 26.31
C LEU B 10 -7.09 45.72 26.11
N GLY B 11 -6.01 45.12 26.57
CA GLY B 11 -4.70 45.69 26.28
C GLY B 11 -4.40 45.78 24.79
N GLN B 12 -4.83 44.75 24.03
CA GLN B 12 -4.56 44.67 22.63
C GLN B 12 -5.33 45.74 21.88
N ILE B 13 -6.55 45.98 22.33
CA ILE B 13 -7.37 47.05 21.79
C ILE B 13 -6.68 48.38 21.99
N GLN B 14 -6.15 48.56 23.18
CA GLN B 14 -5.52 49.82 23.57
C GLN B 14 -4.22 50.08 22.73
N HIS B 15 -3.41 49.04 22.55
CA HIS B 15 -2.20 49.11 21.75
C HIS B 15 -2.54 49.46 20.32
N ILE B 16 -3.69 49.00 19.83
CA ILE B 16 -4.03 49.30 18.45
C ILE B 16 -4.53 50.71 18.33
N LEU B 17 -5.30 51.14 19.35
CA LEU B 17 -5.79 52.53 19.38
C LEU B 17 -4.64 53.50 19.52
N ARG B 18 -3.63 53.13 20.31
CA ARG B 18 -2.50 54.01 20.52
C ARG B 18 -1.50 54.02 19.38
N CYS B 19 -1.15 52.84 18.85
CA CYS B 19 -0.04 52.64 17.94
C CYS B 19 -0.43 52.13 16.54
N GLY B 20 -1.67 51.69 16.36
CA GLY B 20 -2.08 51.12 15.08
C GLY B 20 -2.03 52.19 14.05
N VAL B 21 -1.88 51.79 12.79
CA VAL B 21 -1.84 52.71 11.64
C VAL B 21 -3.06 52.54 10.74
N ARG B 22 -3.47 53.62 10.08
CA ARG B 22 -4.49 53.64 9.06
C ARG B 22 -4.18 52.73 7.87
N LYS B 23 -5.04 51.75 7.69
CA LYS B 23 -4.93 50.78 6.60
C LYS B 23 -6.37 50.53 6.15
N ASP B 24 -6.60 50.59 4.84
CA ASP B 24 -7.93 50.34 4.24
C ASP B 24 -8.17 48.84 3.93
N ASP B 25 -9.35 48.55 3.39
CA ASP B 25 -9.80 47.21 2.96
C ASP B 25 -10.80 47.34 1.77
N ARG B 26 -11.38 46.22 1.32
CA ARG B 26 -12.36 46.24 0.21
C ARG B 26 -13.55 47.21 0.47
N THR B 27 -14.21 47.09 1.63
CA THR B 27 -15.27 48.06 1.97
C THR B 27 -14.79 49.54 1.94
N GLY B 28 -13.48 49.78 2.10
CA GLY B 28 -12.88 51.14 2.02
C GLY B 28 -13.12 52.05 3.24
N THR B 29 -13.87 51.57 4.24
CA THR B 29 -14.29 52.33 5.44
C THR B 29 -13.12 52.57 6.42
N GLY B 30 -12.17 51.64 6.41
CA GLY B 30 -10.87 51.84 7.01
C GLY B 30 -10.71 51.21 8.38
N THR B 31 -9.45 51.01 8.75
CA THR B 31 -9.07 50.39 10.03
C THR B 31 -7.89 51.13 10.62
N LEU B 32 -7.72 50.89 11.92
CA LEU B 32 -6.48 51.02 12.59
C LEU B 32 -5.94 49.61 12.71
N SER B 33 -4.63 49.41 12.46
CA SER B 33 -4.06 48.11 12.24
C SER B 33 -2.66 47.93 12.80
N VAL B 34 -2.43 46.79 13.44
CA VAL B 34 -1.11 46.30 13.78
C VAL B 34 -0.92 44.90 13.22
N PHE B 35 0.29 44.58 12.80
CA PHE B 35 0.64 43.23 12.36
C PHE B 35 1.42 42.47 13.43
N GLY B 36 0.88 41.34 13.88
CA GLY B 36 1.55 40.42 14.81
C GLY B 36 1.23 40.73 16.25
N MET B 37 0.32 39.99 16.85
CA MET B 37 0.06 40.08 18.31
C MET B 37 -0.16 38.67 18.84
N GLN B 38 -0.05 38.53 20.15
CA GLN B 38 -0.20 37.24 20.78
C GLN B 38 -0.75 37.44 22.19
N ALA B 39 -1.78 36.67 22.58
CA ALA B 39 -2.28 36.70 23.97
C ALA B 39 -2.38 35.28 24.48
N ARG B 40 -2.37 35.06 25.80
CA ARG B 40 -2.47 33.72 26.38
C ARG B 40 -3.63 33.68 27.37
N TYR B 41 -4.58 32.76 27.25
CA TYR B 41 -5.76 32.75 28.15
C TYR B 41 -5.80 31.42 28.79
N SER B 42 -5.56 31.37 30.09
CA SER B 42 -5.64 30.15 30.85
C SER B 42 -7.04 29.58 30.74
N LEU B 43 -7.09 28.26 30.63
CA LEU B 43 -8.32 27.50 30.61
C LEU B 43 -8.51 26.64 31.89
N ARG B 44 -7.62 26.80 32.90
CA ARG B 44 -7.62 25.97 34.17
C ARG B 44 -8.72 26.43 35.14
N ASP B 45 -9.78 25.61 35.30
CA ASP B 45 -11.01 25.97 36.07
C ASP B 45 -11.60 27.32 35.65
N GLU B 46 -11.45 27.71 34.39
CA GLU B 46 -12.10 28.92 33.89
C GLU B 46 -12.25 28.84 32.39
N PHE B 47 -13.22 29.61 31.87
CA PHE B 47 -13.48 29.64 30.46
C PHE B 47 -13.45 31.08 29.95
N PRO B 48 -12.57 31.39 29.00
CA PRO B 48 -12.37 32.76 28.56
C PRO B 48 -13.47 33.30 27.68
N LEU B 49 -14.69 33.31 28.20
CA LEU B 49 -15.79 33.98 27.53
C LEU B 49 -15.83 35.40 28.06
N LEU B 50 -15.55 36.36 27.20
CA LEU B 50 -15.40 37.74 27.62
C LEU B 50 -16.62 38.34 28.32
N THR B 51 -16.36 39.16 29.36
CA THR B 51 -17.37 39.75 30.22
C THR B 51 -17.58 41.25 30.01
N THR B 52 -16.70 41.94 29.32
CA THR B 52 -16.90 43.38 29.15
C THR B 52 -17.93 43.72 28.07
N LYS B 53 -18.32 42.71 27.30
CA LYS B 53 -19.43 42.74 26.36
C LYS B 53 -19.92 41.28 26.30
N ARG B 54 -21.23 41.08 26.23
CA ARG B 54 -21.77 39.73 26.12
C ARG B 54 -21.37 39.17 24.75
N VAL B 55 -20.88 37.93 24.76
CA VAL B 55 -20.51 37.20 23.56
C VAL B 55 -21.62 36.19 23.25
N PHE B 56 -21.88 35.97 21.96
CA PHE B 56 -22.96 35.10 21.43
C PHE B 56 -22.59 33.62 21.56
N TRP B 57 -22.66 33.14 22.81
CA TRP B 57 -22.24 31.79 23.16
C TRP B 57 -22.95 30.76 22.34
N LYS B 58 -24.24 30.97 22.13
CA LYS B 58 -25.04 30.00 21.39
C LYS B 58 -24.46 29.83 19.96
N GLY B 59 -24.19 30.96 19.32
CA GLY B 59 -23.47 31.04 18.07
C GLY B 59 -22.15 30.33 18.09
N VAL B 60 -21.34 30.58 19.13
CA VAL B 60 -20.04 29.91 19.27
C VAL B 60 -20.18 28.38 19.23
N LEU B 61 -21.14 27.89 19.96
CA LEU B 61 -21.23 26.43 20.23
C LEU B 61 -21.84 25.68 19.05
N GLU B 62 -22.90 26.25 18.46
CA GLU B 62 -23.55 25.63 17.28
C GLU B 62 -22.64 25.61 16.03
N GLU B 63 -21.93 26.72 15.79
CA GLU B 63 -20.96 26.83 14.71
C GLU B 63 -19.93 25.78 14.86
N LEU B 64 -19.46 25.54 16.07
CA LEU B 64 -18.42 24.56 16.25
C LEU B 64 -18.92 23.17 15.99
N LEU B 65 -20.13 22.88 16.47
CA LEU B 65 -20.67 21.53 16.26
C LEU B 65 -20.97 21.36 14.75
N TRP B 66 -21.38 22.45 14.12
CA TRP B 66 -21.56 22.50 12.67
C TRP B 66 -20.21 22.11 11.97
N PHE B 67 -19.09 22.72 12.38
CA PHE B 67 -17.77 22.41 11.84
C PHE B 67 -17.45 20.97 12.05
N ILE B 68 -17.71 20.46 13.25
CA ILE B 68 -17.34 19.09 13.58
C ILE B 68 -18.09 18.05 12.69
N LYS B 69 -19.36 18.38 12.41
CA LYS B 69 -20.22 17.63 11.48
C LYS B 69 -19.63 17.61 10.07
N GLY B 70 -18.72 18.54 9.75
CA GLY B 70 -18.09 18.58 8.44
C GLY B 70 -18.95 19.34 7.45
N SER B 71 -19.96 20.06 7.90
CA SER B 71 -20.91 20.72 7.01
C SER B 71 -20.33 21.96 6.34
N THR B 72 -20.76 22.16 5.10
CA THR B 72 -20.46 23.35 4.37
C THR B 72 -21.69 24.08 3.92
N ASN B 73 -22.77 23.91 4.68
CA ASN B 73 -24.10 24.33 4.30
C ASN B 73 -24.60 25.31 5.30
N ALA B 74 -24.60 26.60 4.93
CA ALA B 74 -25.05 27.66 5.80
C ALA B 74 -26.47 27.41 6.41
N LYS B 75 -27.29 26.71 5.66
CA LYS B 75 -28.64 26.43 6.09
C LYS B 75 -28.73 25.47 7.24
N GLU B 76 -27.82 24.50 7.34
CA GLU B 76 -27.78 23.61 8.50
C GLU B 76 -27.42 24.32 9.80
N LEU B 77 -26.71 25.44 9.73
CA LEU B 77 -26.39 26.25 10.91
C LEU B 77 -27.51 27.18 11.22
N SER B 78 -27.99 27.87 10.19
CA SER B 78 -29.16 28.76 10.26
C SER B 78 -30.39 28.12 10.88
N SER B 79 -30.52 26.81 10.72
CA SER B 79 -31.66 26.06 11.22
C SER B 79 -31.60 25.88 12.74
N LYS B 80 -30.41 26.10 13.32
CA LYS B 80 -30.19 26.03 14.76
C LYS B 80 -30.34 27.43 15.37
N GLY B 81 -30.74 28.45 14.58
CA GLY B 81 -30.93 29.81 15.10
C GLY B 81 -29.73 30.78 14.92
N VAL B 82 -28.65 30.32 14.25
CA VAL B 82 -27.36 31.00 14.17
C VAL B 82 -27.16 31.44 12.72
N LYS B 83 -27.32 32.73 12.49
CA LYS B 83 -27.39 33.30 11.16
C LYS B 83 -26.01 33.83 10.63
N ILE B 84 -24.91 33.54 11.32
CA ILE B 84 -23.63 34.25 11.04
C ILE B 84 -23.01 33.94 9.66
N TRP B 85 -23.29 32.76 9.11
CA TRP B 85 -22.80 32.38 7.78
C TRP B 85 -23.82 32.64 6.67
N ASP B 86 -25.02 33.11 7.01
CA ASP B 86 -26.13 33.12 6.03
C ASP B 86 -25.86 34.01 4.83
N ALA B 87 -25.30 35.19 5.07
CA ALA B 87 -25.10 36.19 4.02
C ALA B 87 -24.11 35.74 2.97
N ASN B 88 -23.19 34.88 3.42
CA ASN B 88 -22.15 34.32 2.61
C ASN B 88 -22.63 33.15 1.75
N GLY B 89 -23.84 32.64 2.04
CA GLY B 89 -24.44 31.53 1.24
C GLY B 89 -25.65 31.94 0.43
N SER B 90 -26.00 33.22 0.49
CA SER B 90 -27.11 33.78 -0.26
C SER B 90 -26.85 33.80 -1.78
N ARG B 91 -27.91 33.54 -2.52
CA ARG B 91 -27.89 33.59 -4.00
C ARG B 91 -27.09 34.82 -4.50
N ASP B 92 -27.35 35.97 -3.93
CA ASP B 92 -26.69 37.16 -4.33
C ASP B 92 -25.17 37.20 -4.12
N PHE B 93 -24.75 36.84 -2.92
CA PHE B 93 -23.34 36.82 -2.60
C PHE B 93 -22.62 35.76 -3.42
N LEU B 94 -23.22 34.59 -3.57
CA LEU B 94 -22.63 33.52 -4.39
C LEU B 94 -22.50 33.95 -5.87
N ASP B 95 -23.56 34.63 -6.38
CA ASP B 95 -23.52 35.16 -7.77
C ASP B 95 -22.39 36.15 -7.89
N SER B 96 -22.24 37.04 -6.89
CA SER B 96 -21.16 38.03 -6.94
C SER B 96 -19.75 37.43 -6.98
N LEU B 97 -19.56 36.20 -6.53
CA LEU B 97 -18.27 35.53 -6.62
C LEU B 97 -18.13 34.73 -7.90
N GLY B 98 -19.14 34.81 -8.78
CA GLY B 98 -19.14 34.05 -10.01
C GLY B 98 -19.59 32.61 -9.87
N PHE B 99 -20.22 32.23 -8.75
CA PHE B 99 -20.82 30.90 -8.56
C PHE B 99 -22.31 30.90 -8.86
N SER B 100 -22.70 31.39 -10.03
CA SER B 100 -24.14 31.50 -10.42
C SER B 100 -24.89 30.18 -10.40
N THR B 101 -24.11 29.12 -10.55
CA THR B 101 -24.59 27.76 -10.71
C THR B 101 -24.78 26.94 -9.39
N ARG B 102 -24.25 27.48 -8.28
CA ARG B 102 -24.16 26.76 -7.01
C ARG B 102 -25.46 26.93 -6.22
N GLU B 103 -25.89 25.90 -5.50
CA GLU B 103 -27.07 26.04 -4.62
C GLU B 103 -26.86 27.04 -3.46
N GLU B 104 -27.93 27.74 -3.10
CA GLU B 104 -27.97 28.65 -1.97
C GLU B 104 -27.60 27.88 -0.69
N GLY B 105 -26.72 28.47 0.13
CA GLY B 105 -26.13 27.80 1.30
C GLY B 105 -24.81 27.04 1.09
N ASP B 106 -24.47 26.65 -0.14
CA ASP B 106 -23.23 25.99 -0.40
C ASP B 106 -22.06 27.01 -0.32
N LEU B 107 -21.32 26.93 0.76
CA LEU B 107 -20.24 27.86 1.06
C LEU B 107 -18.92 27.40 0.45
N GLY B 108 -18.94 26.21 -0.12
CA GLY B 108 -17.78 25.66 -0.75
C GLY B 108 -16.97 24.97 0.31
N PRO B 109 -15.70 24.63 -0.01
CA PRO B 109 -14.88 23.80 0.90
C PRO B 109 -14.30 24.60 2.10
N VAL B 110 -15.19 25.07 2.98
CA VAL B 110 -14.73 25.82 4.17
C VAL B 110 -14.38 24.89 5.36
N TYR B 111 -14.37 25.43 6.57
CA TYR B 111 -13.74 24.78 7.70
C TYR B 111 -14.05 23.31 7.87
N GLY B 112 -15.33 23.00 7.87
CA GLY B 112 -15.82 21.65 8.14
C GLY B 112 -15.23 20.64 7.20
N PHE B 113 -15.15 21.04 5.95
CA PHE B 113 -14.64 20.16 4.91
C PHE B 113 -13.14 20.00 5.03
N GLN B 114 -12.43 21.10 5.28
CA GLN B 114 -10.97 21.03 5.53
C GLN B 114 -10.57 20.20 6.78
N TRP B 115 -11.33 20.35 7.88
CA TRP B 115 -11.03 19.62 9.10
C TRP B 115 -11.25 18.10 9.00
N ARG B 116 -12.25 17.69 8.25
CA ARG B 116 -12.64 16.32 8.13
C ARG B 116 -12.28 15.69 6.81
N HIS B 117 -12.01 16.48 5.77
CA HIS B 117 -11.69 15.93 4.44
C HIS B 117 -10.62 16.68 3.68
N PHE B 118 -9.56 17.14 4.34
CA PHE B 118 -8.55 17.93 3.64
C PHE B 118 -8.03 17.19 2.42
N GLY B 119 -8.04 17.82 1.25
CA GLY B 119 -7.36 17.30 0.09
C GLY B 119 -8.32 16.53 -0.81
N ALA B 120 -9.50 16.17 -0.30
CA ALA B 120 -10.55 15.58 -1.12
C ALA B 120 -11.05 16.57 -2.13
N GLU B 121 -11.62 16.04 -3.21
CA GLU B 121 -12.13 16.89 -4.28
C GLU B 121 -13.53 17.37 -3.91
N TYR B 122 -13.70 18.67 -3.79
CA TYR B 122 -15.01 19.22 -3.46
C TYR B 122 -15.94 19.23 -4.68
N ARG B 123 -17.18 18.79 -4.45
CA ARG B 123 -18.21 18.76 -5.46
C ARG B 123 -19.28 19.74 -5.02
N ASP B 124 -20.06 19.36 -4.04
CA ASP B 124 -21.07 20.27 -3.47
C ASP B 124 -21.37 19.90 -2.01
N MET B 125 -22.27 20.65 -1.39
CA MET B 125 -22.45 20.55 0.03
C MET B 125 -23.20 19.29 0.46
N GLU B 126 -23.89 18.66 -0.47
CA GLU B 126 -24.75 17.48 -0.16
C GLU B 126 -24.02 16.16 -0.44
N SER B 127 -22.92 16.21 -1.20
CA SER B 127 -22.14 14.99 -1.55
C SER B 127 -21.61 14.25 -0.34
N ASP B 128 -21.31 12.98 -0.54
CA ASP B 128 -20.82 12.12 0.51
C ASP B 128 -19.31 12.16 0.39
N TYR B 129 -18.62 12.56 1.46
CA TYR B 129 -17.16 12.53 1.43
C TYR B 129 -16.54 11.46 2.35
N SER B 130 -17.34 10.51 2.83
CA SER B 130 -16.85 9.48 3.76
C SER B 130 -15.64 8.78 3.23
N GLY B 131 -14.59 8.73 4.05
CA GLY B 131 -13.31 8.13 3.65
C GLY B 131 -12.48 8.89 2.64
N GLN B 132 -12.89 10.11 2.26
CA GLN B 132 -12.08 10.92 1.33
C GLN B 132 -11.28 12.02 2.08
N GLY B 133 -10.04 12.20 1.65
CA GLY B 133 -9.05 13.12 2.21
C GLY B 133 -8.63 12.81 3.63
N VAL B 134 -7.99 13.77 4.27
CA VAL B 134 -7.48 13.59 5.64
C VAL B 134 -8.46 14.11 6.68
N ASP B 135 -8.81 13.23 7.61
CA ASP B 135 -9.62 13.61 8.74
C ASP B 135 -8.68 14.24 9.78
N GLN B 136 -8.44 15.55 9.71
CA GLN B 136 -7.43 16.13 10.59
C GLN B 136 -7.89 16.12 12.04
N LEU B 137 -9.17 16.36 12.24
CA LEU B 137 -9.69 16.43 13.60
C LEU B 137 -9.48 15.11 14.33
N GLN B 138 -9.77 14.00 13.69
CA GLN B 138 -9.58 12.69 14.35
C GLN B 138 -8.13 12.34 14.50
N ARG B 139 -7.29 12.69 13.52
CA ARG B 139 -5.86 12.39 13.58
C ARG B 139 -5.25 13.18 14.76
N VAL B 140 -5.74 14.40 14.97
CA VAL B 140 -5.35 15.17 16.13
C VAL B 140 -5.72 14.45 17.45
N ILE B 141 -6.97 14.01 17.58
CA ILE B 141 -7.43 13.30 18.78
C ILE B 141 -6.61 12.00 18.98
N ASP B 142 -6.40 11.23 17.93
CA ASP B 142 -5.63 9.99 17.98
C ASP B 142 -4.22 10.24 18.38
N THR B 143 -3.58 11.24 17.79
CA THR B 143 -2.21 11.55 18.21
C THR B 143 -2.14 12.04 19.68
N ILE B 144 -3.11 12.80 20.16
CA ILE B 144 -3.07 13.25 21.54
C ILE B 144 -3.06 12.02 22.51
N LYS B 145 -3.86 10.99 22.21
CA LYS B 145 -3.88 9.78 23.01
C LYS B 145 -2.60 8.97 22.96
N THR B 146 -2.14 8.67 21.75
CA THR B 146 -1.05 7.75 21.58
C THR B 146 0.32 8.41 21.62
N ASN B 147 0.46 9.67 21.21
CA ASN B 147 1.78 10.29 21.30
C ASN B 147 1.72 11.77 21.71
N PRO B 148 1.43 12.06 23.01
CA PRO B 148 1.21 13.46 23.43
C PRO B 148 2.40 14.42 23.27
N ASP B 149 3.61 13.89 23.20
CA ASP B 149 4.83 14.70 23.01
C ASP B 149 5.04 15.19 21.59
N ASP B 150 4.26 14.68 20.65
CA ASP B 150 4.39 15.03 19.25
C ASP B 150 4.29 16.53 19.04
N ARG B 151 5.17 17.05 18.18
CA ARG B 151 5.19 18.45 17.84
C ARG B 151 4.48 18.88 16.56
N ARG B 152 3.65 17.98 16.01
CA ARG B 152 3.03 18.10 14.67
C ARG B 152 1.51 17.94 14.79
N ILE B 153 0.96 18.28 15.94
CA ILE B 153 -0.47 18.08 16.19
C ILE B 153 -1.13 19.36 15.71
N ILE B 154 -1.52 19.34 14.45
CA ILE B 154 -1.94 20.49 13.70
C ILE B 154 -3.16 20.19 12.91
N MET B 155 -3.98 21.20 12.77
CA MET B 155 -5.19 21.11 11.98
C MET B 155 -5.20 22.36 11.19
N CYS B 156 -5.13 22.21 9.85
CA CYS B 156 -4.96 23.35 8.93
C CYS B 156 -6.22 23.55 8.09
N ALA B 157 -6.72 24.78 8.00
CA ALA B 157 -7.89 25.09 7.20
C ALA B 157 -7.50 25.79 5.92
N TRP B 158 -6.24 26.18 5.80
CA TRP B 158 -5.79 26.99 4.71
C TRP B 158 -5.34 26.02 3.58
N ASN B 159 -6.08 26.02 2.50
CA ASN B 159 -5.86 25.06 1.45
C ASN B 159 -5.85 25.89 0.17
N PRO B 160 -4.66 26.31 -0.27
CA PRO B 160 -4.53 27.13 -1.48
C PRO B 160 -5.20 26.59 -2.71
N ARG B 161 -5.24 25.27 -2.87
CA ARG B 161 -5.93 24.68 -4.00
C ARG B 161 -7.45 24.93 -3.99
N ASP B 162 -8.04 25.01 -2.81
CA ASP B 162 -9.48 25.16 -2.62
C ASP B 162 -9.91 26.58 -2.38
N LEU B 163 -9.00 27.48 -2.03
CA LEU B 163 -9.35 28.90 -1.86
C LEU B 163 -10.31 29.48 -2.91
N PRO B 164 -10.06 29.23 -4.21
CA PRO B 164 -10.97 29.87 -5.21
C PRO B 164 -12.45 29.39 -5.14
N LEU B 165 -12.70 28.21 -4.58
CA LEU B 165 -14.07 27.72 -4.42
C LEU B 165 -14.76 28.18 -3.10
N MET B 166 -13.99 28.76 -2.18
CA MET B 166 -14.58 29.13 -0.89
C MET B 166 -15.29 30.43 -1.02
N ALA B 167 -16.41 30.51 -0.32
CA ALA B 167 -17.19 31.72 -0.25
C ALA B 167 -16.42 32.81 0.52
N LEU B 168 -15.53 32.37 1.42
CA LEU B 168 -14.70 33.23 2.26
C LEU B 168 -13.45 32.48 2.59
N PRO B 169 -12.28 33.08 2.39
CA PRO B 169 -11.08 32.38 2.82
C PRO B 169 -11.02 32.38 4.34
N PRO B 170 -10.54 31.29 4.95
CA PRO B 170 -10.61 31.20 6.38
C PRO B 170 -9.73 32.27 7.07
N CYS B 171 -10.24 32.85 8.16
CA CYS B 171 -9.45 33.62 9.09
C CYS B 171 -8.58 32.72 9.93
N HIS B 172 -9.07 31.53 10.25
CA HIS B 172 -8.36 30.63 11.19
C HIS B 172 -7.57 29.64 10.41
N ALA B 173 -6.38 30.09 10.02
CA ALA B 173 -5.55 29.37 9.10
C ALA B 173 -5.17 28.02 9.68
N LEU B 174 -4.73 28.02 10.92
CA LEU B 174 -4.38 26.76 11.56
C LEU B 174 -4.38 26.85 13.03
N CYS B 175 -4.39 25.67 13.62
CA CYS B 175 -4.23 25.58 15.03
C CYS B 175 -3.37 24.40 15.41
N GLN B 176 -2.70 24.51 16.54
CA GLN B 176 -1.74 23.51 16.93
C GLN B 176 -2.04 23.12 18.36
N PHE B 177 -1.85 21.83 18.67
CA PHE B 177 -2.04 21.33 20.03
C PHE B 177 -0.77 20.84 20.67
N TYR B 178 -0.82 20.81 22.00
CA TYR B 178 0.35 20.52 22.79
C TYR B 178 -0.09 20.01 24.17
N VAL B 179 0.66 19.03 24.64
CA VAL B 179 0.40 18.39 25.89
C VAL B 179 1.65 18.36 26.75
N VAL B 180 1.51 18.74 28.00
CA VAL B 180 2.51 18.51 29.03
C VAL B 180 1.84 18.46 30.40
N ASN B 181 2.22 17.54 31.29
CA ASN B 181 1.63 17.41 32.66
C ASN B 181 0.10 17.21 32.59
N SER B 182 -0.32 16.43 31.60
CA SER B 182 -1.70 16.02 31.36
C SER B 182 -2.63 17.19 31.05
N GLU B 183 -2.03 18.27 30.55
CA GLU B 183 -2.75 19.47 30.17
C GLU B 183 -2.64 19.70 28.67
N LEU B 184 -3.76 19.97 28.01
CA LEU B 184 -3.80 20.24 26.59
C LEU B 184 -3.89 21.74 26.37
N SER B 185 -2.89 22.32 25.74
CA SER B 185 -3.00 23.69 25.28
C SER B 185 -3.30 23.69 23.77
N CYS B 186 -3.67 24.86 23.25
CA CYS B 186 -4.00 25.06 21.86
C CYS B 186 -3.56 26.41 21.40
N GLN B 187 -2.96 26.50 20.23
CA GLN B 187 -2.59 27.79 19.68
C GLN B 187 -3.28 28.00 18.35
N LEU B 188 -3.87 29.18 18.16
CA LEU B 188 -4.55 29.54 16.94
C LEU B 188 -3.78 30.58 16.21
N TYR B 189 -3.50 30.35 14.92
CA TYR B 189 -3.00 31.36 14.05
C TYR B 189 -4.20 31.95 13.30
N GLN B 190 -4.57 33.16 13.62
CA GLN B 190 -5.63 33.82 12.95
C GLN B 190 -5.04 34.91 12.06
N ARG B 191 -5.26 34.84 10.74
CA ARG B 191 -4.57 35.71 9.80
C ARG B 191 -5.09 37.12 9.83
N SER B 192 -6.30 37.30 10.35
CA SER B 192 -6.97 38.57 10.30
C SER B 192 -7.98 38.60 11.39
N GLY B 193 -7.98 39.69 12.13
CA GLY B 193 -8.78 39.79 13.31
C GLY B 193 -9.47 41.12 13.43
N ASP B 194 -10.80 41.09 13.36
CA ASP B 194 -11.67 42.22 13.69
C ASP B 194 -11.78 42.21 15.19
N MET B 195 -11.15 43.19 15.84
CA MET B 195 -10.99 43.08 17.29
C MET B 195 -12.27 43.29 18.05
N GLY B 196 -13.16 44.11 17.49
CA GLY B 196 -14.40 44.46 18.14
C GLY B 196 -15.48 43.42 17.99
N LEU B 197 -15.68 42.94 16.77
CA LEU B 197 -16.79 42.05 16.44
C LEU B 197 -16.43 40.54 16.53
N GLY B 198 -15.29 40.13 15.96
CA GLY B 198 -14.95 38.73 15.80
C GLY B 198 -14.06 38.17 16.88
N VAL B 199 -13.02 38.89 17.32
CA VAL B 199 -11.98 38.25 18.18
C VAL B 199 -12.55 37.57 19.43
N PRO B 200 -13.47 38.22 20.12
CA PRO B 200 -14.04 37.56 21.33
C PRO B 200 -14.76 36.24 21.04
N PHE B 201 -15.60 36.25 20.01
CA PHE B 201 -16.24 35.04 19.49
C PHE B 201 -15.16 33.95 19.20
N ASN B 202 -14.10 34.37 18.51
CA ASN B 202 -13.03 33.47 18.10
C ASN B 202 -12.29 32.83 19.25
N ILE B 203 -12.00 33.61 20.28
CA ILE B 203 -11.37 33.12 21.51
C ILE B 203 -12.21 32.01 22.15
N ALA B 204 -13.53 32.21 22.22
CA ALA B 204 -14.44 31.20 22.78
C ALA B 204 -14.50 29.96 21.92
N SER B 205 -14.50 30.07 20.59
CA SER B 205 -14.60 28.86 19.73
C SER B 205 -13.49 27.91 20.02
N TYR B 206 -12.26 28.42 20.05
CA TYR B 206 -11.03 27.58 20.22
C TYR B 206 -10.77 27.11 21.64
N ALA B 207 -11.18 27.95 22.58
CA ALA B 207 -11.25 27.53 23.97
C ALA B 207 -12.21 26.37 24.10
N LEU B 208 -13.36 26.47 23.45
CA LEU B 208 -14.38 25.40 23.52
C LEU B 208 -13.86 24.13 22.85
N LEU B 209 -13.21 24.31 21.71
CA LEU B 209 -12.65 23.16 20.98
C LEU B 209 -11.64 22.43 21.86
N THR B 210 -10.80 23.20 22.56
CA THR B 210 -9.78 22.58 23.41
C THR B 210 -10.44 21.79 24.56
N TYR B 211 -11.45 22.39 25.20
CA TYR B 211 -12.27 21.71 26.24
C TYR B 211 -12.84 20.39 25.69
N MET B 212 -13.36 20.44 24.48
CA MET B 212 -13.86 19.21 23.85
C MET B 212 -12.82 18.12 23.66
N ILE B 213 -11.67 18.50 23.13
CA ILE B 213 -10.65 17.50 22.85
C ILE B 213 -10.06 16.97 24.15
N ALA B 214 -9.95 17.85 25.14
CA ALA B 214 -9.46 17.45 26.47
C ALA B 214 -10.35 16.41 27.10
N HIS B 215 -11.66 16.65 27.07
CA HIS B 215 -12.66 15.68 27.55
C HIS B 215 -12.57 14.35 26.79
N ILE B 216 -12.48 14.38 25.46
CA ILE B 216 -12.28 13.12 24.67
C ILE B 216 -11.01 12.32 25.03
N THR B 217 -9.94 13.01 25.41
CA THR B 217 -8.60 12.41 25.47
C THR B 217 -8.10 12.17 26.89
N GLY B 218 -8.98 12.45 27.87
CA GLY B 218 -8.68 12.29 29.28
C GLY B 218 -7.70 13.32 29.84
N LEU B 219 -7.67 14.54 29.33
CA LEU B 219 -6.71 15.55 29.80
C LEU B 219 -7.45 16.73 30.41
N LYS B 220 -6.74 17.67 31.05
CA LYS B 220 -7.35 18.90 31.56
C LYS B 220 -7.00 20.05 30.61
N PRO B 221 -7.88 21.03 30.43
CA PRO B 221 -7.46 22.17 29.61
C PRO B 221 -6.31 22.95 30.24
N GLY B 222 -5.35 23.40 29.42
CA GLY B 222 -4.24 24.22 29.87
C GLY B 222 -4.37 25.67 29.43
N ASP B 223 -3.63 26.05 28.38
CA ASP B 223 -3.74 27.38 27.80
C ASP B 223 -4.31 27.42 26.37
N PHE B 224 -5.03 28.49 26.09
CA PHE B 224 -5.30 28.88 24.72
C PHE B 224 -4.44 30.09 24.35
N ILE B 225 -3.59 29.90 23.33
CA ILE B 225 -2.74 30.95 22.79
C ILE B 225 -3.35 31.47 21.50
N HIS B 226 -3.67 32.74 21.47
CA HIS B 226 -4.24 33.40 20.35
C HIS B 226 -3.19 34.28 19.68
N THR B 227 -2.89 33.97 18.44
CA THR B 227 -1.92 34.69 17.67
C THR B 227 -2.62 35.31 16.49
N LEU B 228 -2.38 36.57 16.29
CA LEU B 228 -2.93 37.30 15.16
C LEU B 228 -1.90 37.73 14.10
N GLY B 229 -2.37 37.75 12.86
CA GLY B 229 -1.75 38.52 11.77
C GLY B 229 -2.18 39.96 11.78
N ASP B 230 -3.00 40.36 10.83
CA ASP B 230 -3.45 41.72 10.75
C ASP B 230 -4.54 41.88 11.79
N ALA B 231 -4.21 42.48 12.91
CA ALA B 231 -5.13 42.80 13.98
C ALA B 231 -5.62 44.20 13.82
N HIS B 232 -6.91 44.38 13.72
CA HIS B 232 -7.42 45.66 13.32
C HIS B 232 -8.75 46.00 14.00
N ILE B 233 -8.96 47.32 14.13
CA ILE B 233 -10.18 47.94 14.60
C ILE B 233 -10.72 48.82 13.48
N TYR B 234 -11.96 48.56 13.09
CA TYR B 234 -12.68 49.39 12.11
C TYR B 234 -12.98 50.73 12.74
N LEU B 235 -12.90 51.80 11.96
CA LEU B 235 -12.99 53.17 12.49
C LEU B 235 -14.38 53.40 13.07
N ASN B 236 -15.35 52.86 12.37
CA ASN B 236 -16.68 52.41 12.85
C ASN B 236 -16.84 52.06 14.30
N HIS B 237 -15.88 51.29 14.82
CA HIS B 237 -16.04 50.60 16.10
C HIS B 237 -15.25 51.33 17.16
N ILE B 238 -14.63 52.46 16.82
CA ILE B 238 -13.77 53.12 17.78
C ILE B 238 -14.56 53.67 18.98
N GLU B 239 -15.63 54.39 18.74
CA GLU B 239 -16.43 54.94 19.85
C GLU B 239 -17.01 53.81 20.73
N PRO B 240 -17.67 52.80 20.13
CA PRO B 240 -18.11 51.64 20.92
C PRO B 240 -17.02 50.94 21.76
N LEU B 241 -15.82 50.76 21.21
CA LEU B 241 -14.72 50.10 21.93
C LEU B 241 -14.19 50.98 23.03
N LYS B 242 -14.14 52.28 22.80
CA LYS B 242 -13.74 53.18 23.89
C LYS B 242 -14.74 53.09 25.03
N ILE B 243 -16.02 52.91 24.72
CA ILE B 243 -17.05 52.63 25.75
C ILE B 243 -16.71 51.32 26.49
N GLN B 244 -16.47 50.24 25.74
CA GLN B 244 -16.18 48.93 26.37
C GLN B 244 -14.95 48.93 27.31
N LEU B 245 -13.93 49.67 26.90
CA LEU B 245 -12.66 49.73 27.65
C LEU B 245 -12.78 50.33 29.05
N GLN B 246 -13.82 51.14 29.26
CA GLN B 246 -14.19 51.70 30.58
C GLN B 246 -14.63 50.64 31.63
N ARG B 247 -14.93 49.41 31.24
CA ARG B 247 -15.60 48.45 32.11
C ARG B 247 -14.61 47.52 32.72
N GLU B 248 -14.88 47.14 33.97
CA GLU B 248 -14.04 46.21 34.70
C GLU B 248 -14.53 44.83 34.38
N PRO B 249 -13.65 43.95 33.88
CA PRO B 249 -14.02 42.57 33.69
C PRO B 249 -14.65 42.00 34.92
N ARG B 250 -15.63 41.11 34.76
CA ARG B 250 -16.04 40.20 35.86
C ARG B 250 -15.28 38.92 35.72
N PRO B 251 -15.14 38.15 36.82
CA PRO B 251 -14.49 36.86 36.69
C PRO B 251 -15.12 35.96 35.61
N PHE B 252 -14.25 35.29 34.90
CA PHE B 252 -14.65 34.36 33.88
C PHE B 252 -15.56 33.24 34.41
N PRO B 253 -16.50 32.79 33.59
CA PRO B 253 -17.34 31.69 33.97
C PRO B 253 -16.59 30.40 33.84
N LYS B 254 -17.29 29.32 34.11
CA LYS B 254 -16.76 27.99 34.00
C LYS B 254 -17.59 27.25 32.96
N LEU B 255 -16.95 26.26 32.32
CA LEU B 255 -17.61 25.47 31.32
C LEU B 255 -17.77 24.10 31.86
N ARG B 256 -19.00 23.65 31.90
CA ARG B 256 -19.35 22.32 32.44
C ARG B 256 -19.79 21.40 31.30
N ILE B 257 -19.28 20.18 31.26
CA ILE B 257 -19.58 19.22 30.23
C ILE B 257 -20.37 18.17 30.96
N LEU B 258 -21.65 18.04 30.63
CA LEU B 258 -22.61 17.40 31.52
C LEU B 258 -22.69 15.88 31.47
N ARG B 259 -22.03 15.21 30.53
CA ARG B 259 -21.92 13.72 30.55
C ARG B 259 -20.58 13.27 30.00
N LYS B 260 -20.22 12.02 30.25
CA LYS B 260 -19.01 11.42 29.68
C LYS B 260 -19.25 11.15 28.18
N VAL B 261 -18.33 11.57 27.29
CA VAL B 261 -18.54 11.52 25.82
C VAL B 261 -17.31 10.84 25.18
N GLU B 262 -17.54 9.88 24.27
CA GLU B 262 -16.44 9.06 23.74
C GLU B 262 -15.81 9.59 22.45
N LYS B 263 -16.65 10.04 21.53
CA LYS B 263 -16.21 10.52 20.22
C LYS B 263 -16.64 11.99 20.02
N ILE B 264 -15.74 12.79 19.46
CA ILE B 264 -16.03 14.20 19.15
C ILE B 264 -17.35 14.40 18.41
N ASP B 265 -17.73 13.47 17.57
CA ASP B 265 -18.93 13.56 16.77
C ASP B 265 -20.21 13.50 17.58
N ASP B 266 -20.17 12.96 18.80
CA ASP B 266 -21.34 12.70 19.66
C ASP B 266 -21.67 13.85 20.60
N PHE B 267 -20.82 14.86 20.74
CA PHE B 267 -21.22 16.07 21.46
C PHE B 267 -22.48 16.69 20.88
N LYS B 268 -23.39 17.14 21.76
CA LYS B 268 -24.60 17.91 21.40
C LYS B 268 -24.56 19.18 22.23
N ALA B 269 -25.23 20.21 21.79
CA ALA B 269 -25.30 21.46 22.53
C ALA B 269 -25.77 21.33 23.99
N GLU B 270 -26.66 20.37 24.22
CA GLU B 270 -27.23 20.19 25.56
C GLU B 270 -26.14 19.68 26.48
N ASP B 271 -25.09 19.05 25.93
CA ASP B 271 -23.99 18.59 26.78
C ASP B 271 -23.21 19.69 27.51
N PHE B 272 -23.43 20.97 27.25
CA PHE B 272 -22.50 22.02 27.70
C PHE B 272 -23.26 23.05 28.51
N GLN B 273 -22.71 23.44 29.66
CA GLN B 273 -23.32 24.49 30.47
C GLN B 273 -22.28 25.50 30.95
N ILE B 274 -22.58 26.77 30.68
CA ILE B 274 -21.83 27.92 31.10
C ILE B 274 -22.37 28.38 32.44
N GLU B 275 -21.58 28.13 33.48
CA GLU B 275 -21.87 28.45 34.89
C GLU B 275 -21.25 29.81 35.22
N GLY B 276 -22.03 30.73 35.75
CA GLY B 276 -21.49 31.91 36.36
C GLY B 276 -21.02 32.97 35.36
N TYR B 277 -21.72 33.08 34.24
CA TYR B 277 -21.41 34.10 33.25
C TYR B 277 -22.20 35.36 33.55
N ASN B 278 -21.48 36.43 33.78
CA ASN B 278 -22.00 37.66 34.29
C ASN B 278 -21.49 38.83 33.50
N PRO B 279 -21.83 38.89 32.22
CA PRO B 279 -21.34 39.95 31.33
C PRO B 279 -22.00 41.30 31.50
N HIS B 280 -21.29 42.37 31.16
CA HIS B 280 -21.92 43.70 31.00
C HIS B 280 -22.83 43.66 29.74
N PRO B 281 -23.67 44.68 29.49
CA PRO B 281 -24.48 44.71 28.24
C PRO B 281 -23.74 44.62 26.85
N THR B 282 -24.30 43.82 25.93
CA THR B 282 -23.99 43.82 24.48
C THR B 282 -23.85 45.26 24.00
N ILE B 283 -22.95 45.47 23.04
CA ILE B 283 -22.59 46.83 22.57
C ILE B 283 -23.22 47.27 21.20
N LYS B 284 -22.75 46.71 20.07
CA LYS B 284 -22.98 47.28 18.73
C LYS B 284 -22.40 46.43 17.61
N MET C 1 13.19 -5.75 38.11
CA MET C 1 12.31 -6.82 37.51
C MET C 1 13.18 -7.59 36.50
N PRO C 2 12.99 -8.91 36.35
CA PRO C 2 13.94 -9.67 35.48
C PRO C 2 13.77 -9.38 33.97
N PRO C 3 14.83 -9.63 33.15
CA PRO C 3 14.87 -9.17 31.73
C PRO C 3 13.70 -9.63 30.83
N HIS C 4 12.99 -8.68 30.23
CA HIS C 4 11.77 -8.92 29.42
C HIS C 4 12.08 -8.45 27.98
N GLY C 5 11.34 -8.98 27.02
CA GLY C 5 11.36 -8.52 25.65
C GLY C 5 12.72 -8.58 24.96
N GLU C 6 13.14 -7.43 24.42
CA GLU C 6 14.36 -7.29 23.70
C GLU C 6 15.62 -7.59 24.53
N LEU C 7 15.51 -7.41 25.84
CA LEU C 7 16.62 -7.72 26.77
C LEU C 7 17.01 -9.20 26.80
N GLN C 8 16.08 -10.09 26.45
CA GLN C 8 16.40 -11.51 26.29
C GLN C 8 17.39 -11.70 25.12
N TYR C 9 17.02 -11.12 23.96
CA TYR C 9 17.87 -11.20 22.77
C TYR C 9 19.24 -10.59 23.05
N LEU C 10 19.25 -9.36 23.55
CA LEU C 10 20.50 -8.67 23.91
C LEU C 10 21.27 -9.45 24.93
N GLY C 11 20.59 -9.97 25.96
CA GLY C 11 21.22 -10.85 26.93
C GLY C 11 21.86 -12.08 26.29
N GLN C 12 21.22 -12.65 25.27
CA GLN C 12 21.84 -13.79 24.53
C GLN C 12 23.12 -13.40 23.76
N ILE C 13 23.13 -12.21 23.13
CA ILE C 13 24.34 -11.71 22.45
C ILE C 13 25.49 -11.62 23.48
N GLN C 14 25.20 -11.06 24.64
CA GLN C 14 26.20 -10.82 25.70
C GLN C 14 26.77 -12.13 26.18
N HIS C 15 25.92 -13.15 26.38
CA HIS C 15 26.35 -14.48 26.89
C HIS C 15 27.27 -15.12 25.89
N ILE C 16 26.97 -14.92 24.63
CA ILE C 16 27.79 -15.51 23.60
C ILE C 16 29.15 -14.79 23.52
N LEU C 17 29.15 -13.45 23.60
CA LEU C 17 30.39 -12.70 23.60
C LEU C 17 31.29 -13.17 24.73
N ARG C 18 30.74 -13.30 25.94
CA ARG C 18 31.53 -13.69 27.11
C ARG C 18 31.89 -15.15 27.19
N CYS C 19 30.95 -16.04 26.86
CA CYS C 19 31.11 -17.50 27.05
C CYS C 19 31.11 -18.34 25.75
N GLY C 20 30.91 -17.72 24.60
CA GLY C 20 30.91 -18.47 23.36
C GLY C 20 32.29 -18.98 23.05
N VAL C 21 32.38 -20.14 22.41
CA VAL C 21 33.65 -20.71 21.96
C VAL C 21 33.90 -20.42 20.50
N ARG C 22 35.18 -20.33 20.17
CA ARG C 22 35.66 -20.18 18.81
C ARG C 22 35.37 -21.50 18.05
N LYS C 23 34.69 -21.43 16.91
CA LYS C 23 34.33 -22.64 16.16
C LYS C 23 34.22 -22.30 14.69
N ASP C 24 34.95 -23.04 13.82
CA ASP C 24 34.93 -22.79 12.35
C ASP C 24 33.58 -23.20 11.79
N ASP C 25 33.09 -22.53 10.76
CA ASP C 25 31.84 -22.96 10.11
C ASP C 25 32.18 -23.31 8.68
N ARG C 26 31.19 -23.77 7.92
CA ARG C 26 31.42 -24.14 6.50
C ARG C 26 31.88 -22.91 5.66
N THR C 27 31.37 -21.71 6.02
CA THR C 27 31.81 -20.47 5.37
C THR C 27 33.33 -20.26 5.49
N GLY C 28 33.91 -20.70 6.61
CA GLY C 28 35.32 -20.51 6.93
C GLY C 28 35.57 -19.30 7.82
N THR C 29 34.57 -18.41 7.92
CA THR C 29 34.65 -17.09 8.59
C THR C 29 35.06 -17.13 10.04
N GLY C 30 34.41 -18.03 10.77
CA GLY C 30 34.64 -18.22 12.18
C GLY C 30 33.53 -17.54 12.95
N THR C 31 33.20 -18.16 14.07
CA THR C 31 32.13 -17.68 14.91
C THR C 31 32.52 -17.83 16.34
N LEU C 32 31.87 -17.06 17.22
CA LEU C 32 31.71 -17.43 18.60
C LEU C 32 30.34 -18.17 18.74
N SER C 33 30.34 -19.25 19.53
CA SER C 33 29.28 -20.20 19.46
C SER C 33 28.99 -20.84 20.79
N VAL C 34 27.70 -20.92 21.12
CA VAL C 34 27.18 -21.65 22.24
C VAL C 34 26.10 -22.58 21.72
N PHE C 35 26.10 -23.80 22.24
CA PHE C 35 25.11 -24.77 21.87
C PHE C 35 23.99 -24.85 22.92
N GLY C 36 22.75 -24.56 22.50
CA GLY C 36 21.58 -24.65 23.41
C GLY C 36 21.30 -23.30 24.08
N MET C 37 20.32 -22.57 23.58
CA MET C 37 19.80 -21.36 24.24
C MET C 37 18.28 -21.32 24.11
N GLN C 38 17.64 -20.50 24.91
CA GLN C 38 16.20 -20.37 24.89
C GLN C 38 15.77 -19.01 25.41
N ALA C 39 14.96 -18.30 24.64
CA ALA C 39 14.37 -17.02 25.09
C ALA C 39 12.89 -17.09 24.95
N ARG C 40 12.19 -16.31 25.78
CA ARG C 40 10.73 -16.22 25.80
C ARG C 40 10.27 -14.76 25.53
N TYR C 41 9.50 -14.54 24.44
CA TYR C 41 9.02 -13.21 24.05
C TYR C 41 7.53 -13.18 24.25
N SER C 42 7.08 -12.36 25.17
CA SER C 42 5.67 -12.14 25.32
C SER C 42 5.02 -11.54 24.03
N LEU C 43 3.86 -12.08 23.66
CA LEU C 43 3.09 -11.59 22.50
C LEU C 43 1.84 -10.82 22.95
N ARG C 44 1.68 -10.65 24.27
CA ARG C 44 0.44 -10.11 24.86
C ARG C 44 0.48 -8.62 24.71
N ASP C 45 -0.32 -8.13 23.75
CA ASP C 45 -0.54 -6.70 23.48
C ASP C 45 0.76 -5.94 23.09
N GLU C 46 1.68 -6.66 22.46
CA GLU C 46 2.90 -6.13 21.90
C GLU C 46 3.43 -7.14 20.85
N PHE C 47 4.32 -6.69 19.97
CA PHE C 47 4.82 -7.55 18.90
C PHE C 47 6.34 -7.41 18.83
N PRO C 48 7.06 -8.54 18.91
CA PRO C 48 8.49 -8.48 19.14
C PRO C 48 9.36 -8.25 17.86
N LEU C 49 9.26 -7.04 17.32
CA LEU C 49 10.10 -6.58 16.21
C LEU C 49 11.22 -5.75 16.83
N LEU C 50 12.47 -6.21 16.80
CA LEU C 50 13.51 -5.55 17.62
C LEU C 50 13.64 -4.04 17.32
N THR C 51 13.96 -3.26 18.35
CA THR C 51 14.10 -1.80 18.26
C THR C 51 15.57 -1.35 18.27
N THR C 52 16.52 -2.16 18.74
CA THR C 52 17.93 -1.71 18.77
C THR C 52 18.61 -1.68 17.40
N LYS C 53 17.93 -2.27 16.42
CA LYS C 53 18.31 -2.18 15.01
C LYS C 53 17.09 -2.56 14.20
N ARG C 54 16.87 -1.81 13.12
CA ARG C 54 15.72 -2.00 12.24
C ARG C 54 15.72 -3.41 11.61
N VAL C 55 14.57 -4.08 11.74
CA VAL C 55 14.35 -5.39 11.17
C VAL C 55 13.51 -5.20 9.88
N PHE C 56 13.75 -6.07 8.90
CA PHE C 56 13.17 -5.96 7.56
C PHE C 56 11.75 -6.52 7.56
N TRP C 57 10.83 -5.68 8.03
CA TRP C 57 9.45 -6.10 8.24
C TRP C 57 8.77 -6.62 7.00
N LYS C 58 8.97 -5.94 5.87
CA LYS C 58 8.33 -6.34 4.61
C LYS C 58 8.73 -7.80 4.25
N GLY C 59 10.05 -8.07 4.25
CA GLY C 59 10.62 -9.42 4.14
C GLY C 59 9.91 -10.45 4.99
N VAL C 60 9.72 -10.13 6.25
CA VAL C 60 9.18 -11.07 7.17
C VAL C 60 7.78 -11.47 6.71
N LEU C 61 6.99 -10.47 6.35
CA LEU C 61 5.58 -10.69 6.04
C LEU C 61 5.38 -11.38 4.70
N GLU C 62 6.18 -10.98 3.70
CA GLU C 62 6.06 -11.58 2.36
C GLU C 62 6.61 -13.02 2.36
N GLU C 63 7.74 -13.24 3.05
CA GLU C 63 8.27 -14.58 3.10
C GLU C 63 7.25 -15.50 3.76
N LEU C 64 6.58 -15.04 4.82
CA LEU C 64 5.61 -15.89 5.50
C LEU C 64 4.41 -16.20 4.61
N LEU C 65 3.88 -15.20 3.91
CA LEU C 65 2.75 -15.43 2.99
C LEU C 65 3.18 -16.39 1.85
N TRP C 66 4.44 -16.29 1.44
CA TRP C 66 5.04 -17.15 0.42
C TRP C 66 5.07 -18.63 0.92
N PHE C 67 5.44 -18.86 2.19
CA PHE C 67 5.44 -20.23 2.74
C PHE C 67 4.01 -20.76 2.82
N ILE C 68 3.09 -19.91 3.30
CA ILE C 68 1.67 -20.25 3.46
C ILE C 68 1.00 -20.73 2.15
N LYS C 69 1.34 -20.04 1.06
CA LYS C 69 0.91 -20.38 -0.31
C LYS C 69 1.48 -21.68 -0.78
N GLY C 70 2.46 -22.24 -0.10
CA GLY C 70 3.05 -23.51 -0.50
C GLY C 70 4.15 -23.36 -1.56
N SER C 71 4.57 -22.12 -1.83
CA SER C 71 5.49 -21.86 -2.92
C SER C 71 6.90 -22.34 -2.54
N THR C 72 7.58 -22.92 -3.55
CA THR C 72 9.00 -23.23 -3.54
C THR C 72 9.73 -22.51 -4.66
N ASN C 73 9.12 -21.43 -5.14
CA ASN C 73 9.65 -20.67 -6.27
C ASN C 73 10.19 -19.32 -5.80
N ALA C 74 11.49 -19.11 -5.88
CA ALA C 74 12.09 -17.91 -5.31
C ALA C 74 11.57 -16.69 -6.05
N LYS C 75 11.18 -16.88 -7.30
CA LYS C 75 10.70 -15.78 -8.11
C LYS C 75 9.37 -15.26 -7.63
N GLU C 76 8.49 -16.12 -7.11
CA GLU C 76 7.23 -15.67 -6.52
C GLU C 76 7.52 -14.66 -5.41
N LEU C 77 8.60 -14.85 -4.62
CA LEU C 77 9.02 -13.89 -3.53
C LEU C 77 9.79 -12.70 -4.03
N SER C 78 10.71 -12.94 -4.94
CA SER C 78 11.39 -11.85 -5.62
C SER C 78 10.42 -10.90 -6.34
N SER C 79 9.29 -11.38 -6.80
CA SER C 79 8.27 -10.51 -7.43
C SER C 79 7.71 -9.43 -6.43
N LYS C 80 7.67 -9.76 -5.14
CA LYS C 80 7.20 -8.87 -4.10
C LYS C 80 8.25 -7.91 -3.58
N GLY C 81 9.45 -7.91 -4.16
CA GLY C 81 10.54 -7.04 -3.67
C GLY C 81 11.44 -7.65 -2.59
N VAL C 82 11.29 -8.95 -2.28
CA VAL C 82 12.04 -9.63 -1.21
C VAL C 82 12.97 -10.63 -1.90
N LYS C 83 14.27 -10.37 -1.77
CA LYS C 83 15.31 -11.02 -2.55
C LYS C 83 16.09 -12.06 -1.77
N ILE C 84 15.68 -12.35 -0.55
CA ILE C 84 16.48 -13.14 0.39
C ILE C 84 16.68 -14.58 -0.03
N TRP C 85 15.72 -15.18 -0.72
CA TRP C 85 15.92 -16.51 -1.31
C TRP C 85 16.53 -16.52 -2.75
N ASP C 86 16.90 -15.37 -3.31
CA ASP C 86 17.20 -15.29 -4.77
C ASP C 86 18.46 -15.98 -5.18
N ALA C 87 19.54 -15.76 -4.42
CA ALA C 87 20.81 -16.53 -4.57
C ALA C 87 20.68 -18.08 -4.50
N ASN C 88 19.79 -18.59 -3.65
CA ASN C 88 19.57 -20.04 -3.57
C ASN C 88 18.82 -20.65 -4.76
N GLY C 89 18.15 -19.81 -5.56
CA GLY C 89 17.42 -20.22 -6.76
C GLY C 89 18.12 -19.95 -8.09
N SER C 90 19.28 -19.33 -8.04
CA SER C 90 20.00 -18.98 -9.27
C SER C 90 20.46 -20.22 -10.05
N ARG C 91 20.53 -20.07 -11.38
CA ARG C 91 21.08 -21.06 -12.27
C ARG C 91 22.44 -21.56 -11.74
N ASP C 92 23.34 -20.66 -11.40
CA ASP C 92 24.66 -21.09 -10.91
C ASP C 92 24.59 -21.99 -9.69
N PHE C 93 23.83 -21.51 -8.70
CA PHE C 93 23.77 -22.16 -7.41
C PHE C 93 23.10 -23.52 -7.54
N LEU C 94 22.02 -23.55 -8.32
CA LEU C 94 21.33 -24.81 -8.60
C LEU C 94 22.26 -25.81 -9.30
N ASP C 95 23.07 -25.32 -10.26
CA ASP C 95 24.06 -26.14 -10.99
C ASP C 95 25.11 -26.71 -10.02
N SER C 96 25.63 -25.89 -9.10
CA SER C 96 26.52 -26.41 -8.06
C SER C 96 25.99 -27.59 -7.25
N LEU C 97 24.68 -27.73 -7.06
CA LEU C 97 24.15 -28.88 -6.31
C LEU C 97 23.75 -30.10 -7.15
N GLY C 98 23.98 -30.06 -8.47
CA GLY C 98 23.65 -31.17 -9.39
C GLY C 98 22.26 -31.13 -9.97
N PHE C 99 21.56 -29.98 -9.83
CA PHE C 99 20.22 -29.76 -10.38
C PHE C 99 20.27 -28.95 -11.71
N SER C 100 21.11 -29.40 -12.66
CA SER C 100 21.25 -28.72 -13.98
C SER C 100 19.94 -28.68 -14.74
N THR C 101 19.11 -29.68 -14.48
CA THR C 101 17.79 -29.87 -15.09
C THR C 101 16.72 -28.86 -14.63
N ARG C 102 16.91 -28.29 -13.44
CA ARG C 102 15.83 -27.61 -12.72
C ARG C 102 15.74 -26.15 -13.16
N GLU C 103 14.54 -25.57 -13.19
CA GLU C 103 14.39 -24.15 -13.63
C GLU C 103 14.90 -23.19 -12.57
N GLU C 104 15.43 -22.03 -13.00
CA GLU C 104 15.83 -20.96 -12.08
C GLU C 104 14.65 -20.60 -11.10
N GLY C 105 14.98 -20.32 -9.82
CA GLY C 105 13.98 -20.18 -8.76
C GLY C 105 13.39 -21.45 -8.11
N ASP C 106 13.60 -22.64 -8.66
CA ASP C 106 13.07 -23.88 -8.07
C ASP C 106 13.99 -24.35 -6.94
N LEU C 107 13.53 -24.05 -5.72
CA LEU C 107 14.27 -24.30 -4.50
C LEU C 107 14.14 -25.76 -4.01
N GLY C 108 13.36 -26.58 -4.69
CA GLY C 108 13.03 -27.89 -4.23
C GLY C 108 12.04 -27.84 -3.05
N PRO C 109 11.93 -28.93 -2.29
CA PRO C 109 10.93 -29.05 -1.26
C PRO C 109 11.33 -28.40 0.06
N VAL C 110 11.43 -27.08 0.01
CA VAL C 110 11.63 -26.27 1.21
C VAL C 110 10.32 -26.03 1.95
N TYR C 111 10.35 -25.10 2.88
CA TYR C 111 9.30 -24.90 3.89
C TYR C 111 7.86 -25.01 3.38
N GLY C 112 7.57 -24.23 2.34
CA GLY C 112 6.25 -24.14 1.79
C GLY C 112 5.68 -25.51 1.47
N PHE C 113 6.51 -26.33 0.82
CA PHE C 113 6.10 -27.67 0.44
C PHE C 113 5.94 -28.58 1.62
N GLN C 114 6.86 -28.51 2.57
CA GLN C 114 6.78 -29.32 3.81
C GLN C 114 5.55 -28.96 4.68
N TRP C 115 5.24 -27.68 4.76
CA TRP C 115 4.12 -27.23 5.57
C TRP C 115 2.77 -27.66 5.02
N ARG C 116 2.62 -27.59 3.70
CA ARG C 116 1.36 -27.99 3.02
C ARG C 116 1.26 -29.37 2.43
N HIS C 117 2.40 -30.04 2.17
CA HIS C 117 2.46 -31.35 1.47
C HIS C 117 3.55 -32.32 1.98
N PHE C 118 3.87 -32.24 3.26
CA PHE C 118 4.84 -33.15 3.82
C PHE C 118 4.59 -34.58 3.36
N GLY C 119 5.63 -35.21 2.85
CA GLY C 119 5.60 -36.63 2.55
C GLY C 119 5.28 -36.93 1.11
N ALA C 120 4.80 -35.92 0.38
CA ALA C 120 4.52 -36.04 -1.01
C ALA C 120 5.81 -36.02 -1.84
N GLU C 121 5.71 -36.57 -3.04
CA GLU C 121 6.82 -36.77 -3.96
C GLU C 121 7.04 -35.45 -4.70
N TYR C 122 8.21 -34.85 -4.52
CA TYR C 122 8.49 -33.54 -5.13
C TYR C 122 8.85 -33.73 -6.58
N ARG C 123 8.33 -32.87 -7.46
CA ARG C 123 8.64 -32.96 -8.89
C ARG C 123 9.25 -31.62 -9.23
N ASP C 124 8.46 -30.62 -9.60
CA ASP C 124 9.04 -29.27 -9.82
C ASP C 124 8.20 -28.20 -9.09
N MET C 125 8.62 -26.96 -9.21
CA MET C 125 7.94 -25.88 -8.53
C MET C 125 6.55 -25.52 -9.03
N GLU C 126 6.22 -25.94 -10.22
CA GLU C 126 4.95 -25.57 -10.86
C GLU C 126 3.90 -26.70 -10.85
N SER C 127 4.28 -27.88 -10.33
CA SER C 127 3.40 -29.02 -10.29
C SER C 127 2.25 -28.80 -9.28
N ASP C 128 1.15 -29.47 -9.56
CA ASP C 128 -0.03 -29.37 -8.74
C ASP C 128 0.12 -30.46 -7.68
N TYR C 129 0.18 -30.05 -6.42
CA TYR C 129 0.28 -30.99 -5.31
C TYR C 129 -0.98 -31.05 -4.43
N SER C 130 -2.12 -30.60 -4.96
CA SER C 130 -3.42 -30.64 -4.25
C SER C 130 -3.77 -32.02 -3.71
N GLY C 131 -4.04 -32.09 -2.40
CA GLY C 131 -4.35 -33.34 -1.68
C GLY C 131 -3.25 -34.38 -1.61
N GLN C 132 -2.00 -33.97 -1.84
CA GLN C 132 -0.85 -34.91 -1.73
C GLN C 132 -0.09 -34.52 -0.50
N GLY C 133 0.28 -35.54 0.29
CA GLY C 133 1.05 -35.40 1.52
C GLY C 133 0.20 -34.77 2.61
N VAL C 134 0.84 -34.42 3.72
CA VAL C 134 0.15 -34.00 4.92
C VAL C 134 0.19 -32.50 4.97
N ASP C 135 -0.98 -31.91 5.12
CA ASP C 135 -1.07 -30.48 5.24
C ASP C 135 -0.91 -30.11 6.72
N GLN C 136 0.33 -29.93 7.15
CA GLN C 136 0.58 -29.72 8.59
C GLN C 136 0.01 -28.41 9.10
N LEU C 137 0.12 -27.36 8.31
CA LEU C 137 -0.37 -26.04 8.68
C LEU C 137 -1.90 -26.00 8.93
N GLN C 138 -2.70 -26.57 8.02
CA GLN C 138 -4.16 -26.69 8.25
C GLN C 138 -4.50 -27.64 9.41
N ARG C 139 -3.78 -28.76 9.56
CA ARG C 139 -3.98 -29.72 10.68
C ARG C 139 -3.72 -29.12 12.07
N VAL C 140 -2.67 -28.29 12.16
CA VAL C 140 -2.41 -27.51 13.34
C VAL C 140 -3.59 -26.58 13.62
N ILE C 141 -4.02 -25.86 12.61
CA ILE C 141 -5.17 -24.99 12.80
C ILE C 141 -6.43 -25.79 13.27
N ASP C 142 -6.73 -26.93 12.64
CA ASP C 142 -7.88 -27.79 13.02
C ASP C 142 -7.79 -28.30 14.47
N THR C 143 -6.60 -28.73 14.88
CA THR C 143 -6.38 -29.22 16.24
C THR C 143 -6.48 -28.14 17.30
N ILE C 144 -5.97 -26.96 17.01
CA ILE C 144 -6.16 -25.84 17.92
C ILE C 144 -7.67 -25.55 18.13
N LYS C 145 -8.46 -25.68 17.08
CA LYS C 145 -9.90 -25.43 17.15
C LYS C 145 -10.65 -26.52 17.91
N THR C 146 -10.39 -27.81 17.64
CA THR C 146 -11.19 -28.94 18.17
C THR C 146 -10.63 -29.60 19.45
N ASN C 147 -9.30 -29.70 19.58
CA ASN C 147 -8.67 -30.26 20.78
C ASN C 147 -7.43 -29.46 21.22
N PRO C 148 -7.66 -28.29 21.83
CA PRO C 148 -6.56 -27.38 22.18
C PRO C 148 -5.53 -27.90 23.20
N ASP C 149 -5.92 -28.87 24.01
CA ASP C 149 -5.05 -29.50 25.02
C ASP C 149 -4.06 -30.54 24.45
N ASP C 150 -4.22 -30.85 23.17
CA ASP C 150 -3.30 -31.72 22.46
C ASP C 150 -1.81 -31.23 22.60
N ARG C 151 -0.96 -32.20 22.80
CA ARG C 151 0.47 -31.99 22.94
C ARG C 151 1.31 -32.39 21.75
N ARG C 152 0.68 -32.57 20.61
CA ARG C 152 1.29 -33.00 19.34
C ARG C 152 0.98 -31.98 18.25
N ILE C 153 0.73 -30.73 18.60
CA ILE C 153 0.42 -29.68 17.62
C ILE C 153 1.75 -29.15 17.06
N ILE C 154 2.27 -29.90 16.10
CA ILE C 154 3.59 -29.69 15.57
C ILE C 154 3.54 -29.53 14.08
N MET C 155 4.38 -28.66 13.59
CA MET C 155 4.67 -28.50 12.17
C MET C 155 6.19 -28.64 12.02
N CYS C 156 6.61 -29.49 11.09
CA CYS C 156 7.99 -29.93 10.98
C CYS C 156 8.44 -29.70 9.55
N ALA C 157 9.55 -28.99 9.36
CA ALA C 157 10.16 -28.72 8.05
C ALA C 157 11.32 -29.65 7.67
N TRP C 158 11.81 -30.37 8.67
CA TRP C 158 12.95 -31.23 8.58
C TRP C 158 12.42 -32.54 8.07
N ASN C 159 12.81 -32.86 6.86
CA ASN C 159 12.38 -34.06 6.20
C ASN C 159 13.67 -34.67 5.62
N PRO C 160 14.28 -35.63 6.34
CA PRO C 160 15.56 -36.20 5.84
C PRO C 160 15.48 -36.84 4.44
N ARG C 161 14.31 -37.38 4.06
CA ARG C 161 14.08 -37.94 2.66
C ARG C 161 14.16 -36.87 1.58
N ASP C 162 13.74 -35.64 1.89
CA ASP C 162 13.81 -34.52 0.95
C ASP C 162 15.03 -33.63 1.06
N LEU C 163 15.83 -33.72 2.11
CA LEU C 163 17.01 -32.83 2.25
C LEU C 163 17.90 -32.74 1.01
N PRO C 164 18.30 -33.91 0.44
CA PRO C 164 19.18 -33.82 -0.75
C PRO C 164 18.56 -33.04 -1.93
N LEU C 165 17.22 -32.99 -2.04
CA LEU C 165 16.51 -32.19 -3.07
C LEU C 165 16.40 -30.67 -2.76
N MET C 166 16.76 -30.23 -1.55
CA MET C 166 16.54 -28.86 -1.15
C MET C 166 17.72 -28.02 -1.56
N ALA C 167 17.42 -26.79 -1.94
CA ALA C 167 18.47 -25.80 -2.22
C ALA C 167 19.30 -25.45 -0.94
N LEU C 168 18.61 -25.31 0.20
CA LEU C 168 19.19 -25.17 1.54
C LEU C 168 18.52 -26.14 2.51
N PRO C 169 19.28 -26.70 3.47
CA PRO C 169 18.57 -27.36 4.56
C PRO C 169 17.97 -26.33 5.55
N PRO C 170 16.70 -26.55 5.96
CA PRO C 170 15.96 -25.65 6.84
C PRO C 170 16.69 -25.41 8.17
N CYS C 171 16.75 -24.14 8.59
CA CYS C 171 17.17 -23.73 9.94
C CYS C 171 16.07 -23.96 10.94
N HIS C 172 14.82 -23.72 10.51
CA HIS C 172 13.62 -23.86 11.37
C HIS C 172 13.06 -25.23 11.22
N ALA C 173 13.64 -26.13 12.03
CA ALA C 173 13.42 -27.58 11.91
C ALA C 173 11.99 -27.89 12.28
N LEU C 174 11.48 -27.24 13.33
CA LEU C 174 10.09 -27.45 13.72
C LEU C 174 9.54 -26.41 14.65
N CYS C 175 8.23 -26.26 14.64
CA CYS C 175 7.58 -25.44 15.63
C CYS C 175 6.48 -26.25 16.27
N GLN C 176 6.15 -25.91 17.53
CA GLN C 176 5.08 -26.56 18.30
C GLN C 176 4.17 -25.48 18.84
N PHE C 177 2.87 -25.73 18.85
CA PHE C 177 1.92 -24.80 19.48
C PHE C 177 1.34 -25.36 20.77
N TYR C 178 0.83 -24.45 21.58
CA TYR C 178 0.28 -24.77 22.88
C TYR C 178 -0.83 -23.78 23.25
N VAL C 179 -1.88 -24.28 23.89
CA VAL C 179 -3.02 -23.47 24.28
C VAL C 179 -3.35 -23.59 25.78
N VAL C 180 -3.43 -22.47 26.47
CA VAL C 180 -4.03 -22.44 27.80
C VAL C 180 -4.58 -21.05 28.11
N ASN C 181 -5.75 -21.02 28.78
CA ASN C 181 -6.45 -19.80 29.18
C ASN C 181 -6.71 -18.94 27.98
N SER C 182 -7.14 -19.58 26.89
CA SER C 182 -7.37 -18.91 25.59
C SER C 182 -6.16 -18.15 24.97
N GLU C 183 -4.93 -18.54 25.33
CA GLU C 183 -3.71 -17.95 24.76
C GLU C 183 -2.98 -19.00 23.94
N LEU C 184 -2.55 -18.61 22.75
CA LEU C 184 -1.84 -19.53 21.84
C LEU C 184 -0.38 -19.17 21.94
N SER C 185 0.44 -20.15 22.33
CA SER C 185 1.88 -19.95 22.44
C SER C 185 2.53 -20.77 21.35
N CYS C 186 3.73 -20.39 20.92
CA CYS C 186 4.49 -21.09 19.89
C CYS C 186 5.94 -21.24 20.34
N GLN C 187 6.55 -22.38 20.07
CA GLN C 187 7.96 -22.60 20.33
C GLN C 187 8.61 -23.01 19.05
N LEU C 188 9.71 -22.37 18.69
CA LEU C 188 10.47 -22.72 17.50
C LEU C 188 11.74 -23.44 17.87
N TYR C 189 12.05 -24.53 17.15
CA TYR C 189 13.37 -25.14 17.22
C TYR C 189 14.16 -24.80 15.99
N GLN C 190 15.15 -23.96 16.19
CA GLN C 190 15.96 -23.40 15.14
C GLN C 190 17.32 -23.97 15.32
N ARG C 191 17.80 -24.75 14.34
CA ARG C 191 19.01 -25.57 14.51
C ARG C 191 20.31 -24.74 14.49
N SER C 192 20.23 -23.54 13.88
CA SER C 192 21.39 -22.72 13.70
C SER C 192 20.95 -21.31 13.56
N GLY C 193 21.62 -20.43 14.30
CA GLY C 193 21.15 -19.07 14.36
C GLY C 193 22.25 -18.05 14.31
N ASP C 194 22.20 -17.18 13.30
CA ASP C 194 23.11 -16.03 13.19
C ASP C 194 22.43 -14.92 13.95
N MET C 195 23.02 -14.53 15.06
CA MET C 195 22.34 -13.70 16.02
C MET C 195 22.27 -12.26 15.54
N GLY C 196 23.27 -11.84 14.77
CA GLY C 196 23.29 -10.50 14.20
C GLY C 196 22.33 -10.28 13.05
N LEU C 197 22.30 -11.19 12.09
CA LEU C 197 21.47 -11.06 10.86
C LEU C 197 20.15 -11.85 10.89
N GLY C 198 20.22 -13.14 11.22
CA GLY C 198 19.03 -13.99 11.09
C GLY C 198 17.99 -13.82 12.18
N VAL C 199 18.42 -13.98 13.42
CA VAL C 199 17.56 -14.26 14.54
C VAL C 199 16.46 -13.20 14.73
N PRO C 200 16.81 -11.91 14.61
CA PRO C 200 15.79 -10.83 14.72
C PRO C 200 14.63 -11.00 13.75
N PHE C 201 14.99 -11.28 12.52
CA PHE C 201 14.05 -11.67 11.46
C PHE C 201 13.19 -12.94 11.85
N ASN C 202 13.87 -14.00 12.30
CA ASN C 202 13.25 -15.28 12.63
C ASN C 202 12.25 -15.17 13.76
N ILE C 203 12.59 -14.37 14.77
CA ILE C 203 11.65 -14.02 15.82
C ILE C 203 10.37 -13.35 15.31
N ALA C 204 10.54 -12.37 14.42
CA ALA C 204 9.41 -11.71 13.81
C ALA C 204 8.56 -12.68 13.02
N SER C 205 9.16 -13.61 12.31
CA SER C 205 8.36 -14.54 11.45
C SER C 205 7.39 -15.37 12.22
N TYR C 206 7.90 -16.02 13.26
CA TYR C 206 7.09 -16.98 14.07
C TYR C 206 6.15 -16.28 15.05
N ALA C 207 6.52 -15.06 15.48
CA ALA C 207 5.60 -14.23 16.18
C ALA C 207 4.44 -13.87 15.23
N LEU C 208 4.73 -13.56 13.98
CA LEU C 208 3.67 -13.26 12.98
C LEU C 208 2.81 -14.49 12.70
N LEU C 209 3.45 -15.64 12.56
CA LEU C 209 2.67 -16.86 12.38
C LEU C 209 1.72 -17.10 13.53
N THR C 210 2.18 -16.79 14.74
CA THR C 210 1.42 -17.10 15.92
C THR C 210 0.22 -16.15 16.02
N TYR C 211 0.46 -14.88 15.86
CA TYR C 211 -0.63 -13.90 15.62
C TYR C 211 -1.64 -14.35 14.56
N MET C 212 -1.19 -14.84 13.40
CA MET C 212 -2.11 -15.24 12.33
C MET C 212 -3.01 -16.38 12.75
N ILE C 213 -2.42 -17.38 13.39
CA ILE C 213 -3.13 -18.58 13.77
C ILE C 213 -4.07 -18.32 14.94
N ALA C 214 -3.64 -17.50 15.89
CA ALA C 214 -4.53 -17.02 16.96
C ALA C 214 -5.78 -16.34 16.38
N HIS C 215 -5.58 -15.45 15.42
CA HIS C 215 -6.69 -14.76 14.76
C HIS C 215 -7.67 -15.74 14.09
N ILE C 216 -7.18 -16.78 13.43
CA ILE C 216 -8.05 -17.75 12.75
C ILE C 216 -8.85 -18.61 13.74
N THR C 217 -8.24 -18.89 14.88
CA THR C 217 -8.77 -19.83 15.82
C THR C 217 -9.55 -19.12 16.93
N GLY C 218 -9.53 -17.79 16.93
CA GLY C 218 -10.19 -16.97 17.94
C GLY C 218 -9.61 -17.01 19.34
N LEU C 219 -8.26 -17.02 19.42
CA LEU C 219 -7.49 -17.10 20.67
C LEU C 219 -6.61 -15.87 20.73
N LYS C 220 -6.05 -15.56 21.89
CA LYS C 220 -5.11 -14.44 22.00
C LYS C 220 -3.65 -14.92 21.93
N PRO C 221 -2.78 -14.16 21.30
CA PRO C 221 -1.34 -14.49 21.28
C PRO C 221 -0.71 -14.54 22.69
N GLY C 222 0.05 -15.60 23.00
CA GLY C 222 0.59 -15.86 24.32
C GLY C 222 2.07 -15.55 24.31
N ASP C 223 2.92 -16.59 24.24
CA ASP C 223 4.36 -16.43 24.21
C ASP C 223 4.91 -17.01 22.94
N PHE C 224 5.97 -16.37 22.43
CA PHE C 224 6.81 -16.99 21.46
C PHE C 224 8.05 -17.46 22.19
N ILE C 225 8.32 -18.76 22.21
CA ILE C 225 9.54 -19.30 22.81
C ILE C 225 10.50 -19.70 21.72
N HIS C 226 11.69 -19.12 21.75
CA HIS C 226 12.70 -19.28 20.70
C HIS C 226 13.82 -20.14 21.22
N THR C 227 13.95 -21.37 20.73
CA THR C 227 14.99 -22.28 21.16
C THR C 227 16.05 -22.43 20.05
N LEU C 228 17.33 -22.31 20.40
CA LEU C 228 18.43 -22.47 19.44
C LEU C 228 19.29 -23.71 19.69
N GLY C 229 19.76 -24.29 18.60
CA GLY C 229 20.90 -25.19 18.58
C GLY C 229 22.22 -24.41 18.60
N ASP C 230 22.87 -24.29 17.43
CA ASP C 230 24.11 -23.58 17.27
C ASP C 230 23.77 -22.11 17.18
N ALA C 231 23.93 -21.43 18.30
CA ALA C 231 23.79 -19.95 18.38
C ALA C 231 25.17 -19.27 18.20
N HIS C 232 25.33 -18.48 17.16
CA HIS C 232 26.61 -17.92 16.85
C HIS C 232 26.60 -16.48 16.38
N ILE C 233 27.77 -15.84 16.59
CA ILE C 233 28.05 -14.49 16.10
C ILE C 233 29.21 -14.65 15.15
N TYR C 234 29.04 -14.21 13.91
CA TYR C 234 30.16 -14.20 12.99
C TYR C 234 31.17 -13.17 13.54
N LEU C 235 32.45 -13.52 13.49
CA LEU C 235 33.52 -12.68 14.08
C LEU C 235 33.52 -11.21 13.57
N ASN C 236 33.19 -11.03 12.29
CA ASN C 236 33.06 -9.70 11.68
C ASN C 236 31.82 -8.93 12.14
N HIS C 237 30.93 -9.55 12.93
CA HIS C 237 29.76 -8.85 13.52
C HIS C 237 30.01 -8.40 14.97
N ILE C 238 31.13 -8.80 15.56
CA ILE C 238 31.38 -8.51 16.96
C ILE C 238 31.34 -7.01 17.23
N GLU C 239 32.05 -6.24 16.42
CA GLU C 239 32.16 -4.82 16.66
C GLU C 239 30.86 -4.08 16.50
N PRO C 240 30.11 -4.36 15.41
CA PRO C 240 28.79 -3.74 15.28
C PRO C 240 27.84 -4.07 16.42
N LEU C 241 27.88 -5.32 16.87
CA LEU C 241 27.02 -5.78 17.95
C LEU C 241 27.40 -5.12 19.30
N LYS C 242 28.67 -4.86 19.51
CA LYS C 242 29.06 -4.09 20.68
C LYS C 242 28.38 -2.67 20.66
N ILE C 243 28.32 -2.05 19.47
CA ILE C 243 27.63 -0.77 19.28
C ILE C 243 26.14 -0.91 19.69
N GLN C 244 25.47 -1.92 19.13
CA GLN C 244 24.02 -2.14 19.33
C GLN C 244 23.65 -2.51 20.78
N LEU C 245 24.53 -3.19 21.50
CA LEU C 245 24.21 -3.60 22.89
C LEU C 245 23.99 -2.43 23.84
N GLN C 246 24.57 -1.29 23.48
CA GLN C 246 24.44 -0.06 24.23
C GLN C 246 23.46 0.94 23.62
N ARG C 247 22.48 0.43 22.87
CA ARG C 247 21.32 1.24 22.54
C ARG C 247 20.23 0.89 23.55
N GLU C 248 19.51 1.92 23.98
CA GLU C 248 18.35 1.80 24.84
C GLU C 248 17.25 1.14 24.01
N PRO C 249 16.68 0.02 24.48
CA PRO C 249 15.53 -0.52 23.80
C PRO C 249 14.40 0.47 23.92
N ARG C 250 13.71 0.72 22.81
CA ARG C 250 12.40 1.39 22.84
C ARG C 250 11.37 0.29 23.00
N PRO C 251 10.17 0.60 23.55
CA PRO C 251 9.13 -0.42 23.62
C PRO C 251 8.76 -0.97 22.25
N PHE C 252 8.38 -2.24 22.26
CA PHE C 252 7.96 -2.95 21.08
C PHE C 252 6.69 -2.36 20.49
N PRO C 253 6.56 -2.40 19.15
CA PRO C 253 5.34 -1.97 18.48
C PRO C 253 4.18 -2.89 18.73
N LYS C 254 3.03 -2.52 18.20
CA LYS C 254 1.88 -3.43 18.18
C LYS C 254 1.67 -3.91 16.75
N LEU C 255 0.97 -5.02 16.59
CA LEU C 255 0.59 -5.49 15.28
C LEU C 255 -0.91 -5.52 15.22
N ARG C 256 -1.48 -4.69 14.35
CA ARG C 256 -2.92 -4.68 14.07
C ARG C 256 -3.22 -5.52 12.81
N ILE C 257 -4.22 -6.38 12.96
CA ILE C 257 -4.77 -7.17 11.86
C ILE C 257 -6.08 -6.48 11.41
N LEU C 258 -6.11 -5.98 10.17
CA LEU C 258 -7.06 -4.91 9.80
C LEU C 258 -8.48 -5.35 9.46
N ARG C 259 -8.70 -6.67 9.33
CA ARG C 259 -10.03 -7.21 9.07
C ARG C 259 -10.16 -8.63 9.62
N LYS C 260 -11.40 -9.13 9.62
CA LYS C 260 -11.75 -10.46 10.10
C LYS C 260 -11.51 -11.45 8.95
N VAL C 261 -10.48 -12.29 9.11
CA VAL C 261 -10.07 -13.33 8.14
C VAL C 261 -10.37 -14.74 8.67
N GLU C 262 -10.95 -15.58 7.82
CA GLU C 262 -11.49 -16.89 8.24
C GLU C 262 -10.54 -18.06 8.03
N LYS C 263 -9.81 -18.07 6.91
CA LYS C 263 -8.91 -19.17 6.57
C LYS C 263 -7.53 -18.56 6.42
N ILE C 264 -6.49 -19.31 6.79
CA ILE C 264 -5.10 -18.80 6.75
C ILE C 264 -4.58 -18.45 5.35
N ASP C 265 -5.12 -19.12 4.34
CA ASP C 265 -4.79 -18.80 2.93
C ASP C 265 -5.26 -17.42 2.44
N ASP C 266 -6.21 -16.80 3.14
CA ASP C 266 -6.85 -15.53 2.71
C ASP C 266 -6.12 -14.33 3.24
N PHE C 267 -5.11 -14.51 4.07
CA PHE C 267 -4.31 -13.36 4.56
C PHE C 267 -3.57 -12.70 3.40
N LYS C 268 -3.52 -11.36 3.42
CA LYS C 268 -2.79 -10.56 2.42
C LYS C 268 -1.92 -9.59 3.14
N ALA C 269 -0.84 -9.14 2.51
CA ALA C 269 0.11 -8.22 3.15
C ALA C 269 -0.58 -6.96 3.75
N GLU C 270 -1.54 -6.46 2.99
CA GLU C 270 -2.33 -5.25 3.28
C GLU C 270 -3.18 -5.41 4.54
N ASP C 271 -3.48 -6.64 4.92
CA ASP C 271 -4.20 -6.88 6.16
C ASP C 271 -3.46 -6.55 7.46
N PHE C 272 -2.16 -6.21 7.39
CA PHE C 272 -1.33 -6.05 8.61
C PHE C 272 -0.74 -4.66 8.73
N GLN C 273 -0.73 -4.14 9.95
CA GLN C 273 -0.16 -2.82 10.20
C GLN C 273 0.62 -2.86 11.52
N ILE C 274 1.86 -2.40 11.42
CA ILE C 274 2.80 -2.34 12.51
C ILE C 274 2.67 -0.90 12.96
N GLU C 275 2.26 -0.71 14.21
CA GLU C 275 2.05 0.60 14.81
C GLU C 275 3.12 0.83 15.87
N GLY C 276 3.68 2.03 15.90
CA GLY C 276 4.55 2.44 17.00
C GLY C 276 5.94 1.83 16.94
N TYR C 277 6.40 1.57 15.70
CA TYR C 277 7.70 1.00 15.51
C TYR C 277 8.65 2.15 15.44
N ASN C 278 9.49 2.29 16.45
CA ASN C 278 10.49 3.36 16.48
C ASN C 278 11.91 2.80 16.71
N PRO C 279 12.50 2.20 15.65
CA PRO C 279 13.78 1.57 15.81
C PRO C 279 14.94 2.54 15.71
N HIS C 280 16.02 2.25 16.43
CA HIS C 280 17.31 2.88 16.20
C HIS C 280 17.82 2.73 14.74
N PRO C 281 18.70 3.65 14.28
CA PRO C 281 19.20 3.63 12.87
C PRO C 281 20.24 2.55 12.43
N THR C 282 19.75 1.43 11.88
CA THR C 282 20.59 0.43 11.16
C THR C 282 21.72 1.11 10.39
N MET D 1 32.36 -26.36 44.40
CA MET D 1 31.50 -25.14 44.45
C MET D 1 30.43 -25.09 43.34
N PRO D 2 30.69 -25.58 42.09
CA PRO D 2 29.61 -25.45 41.07
C PRO D 2 28.43 -26.34 41.41
N PRO D 3 27.20 -25.82 41.31
CA PRO D 3 26.05 -26.58 41.85
C PRO D 3 25.82 -27.93 41.13
N HIS D 4 25.14 -28.82 41.82
CA HIS D 4 24.90 -30.16 41.34
C HIS D 4 23.91 -30.05 40.16
N GLY D 5 24.21 -30.70 39.03
CA GLY D 5 23.38 -30.68 37.80
C GLY D 5 21.93 -31.06 38.04
N GLU D 6 21.69 -31.98 38.94
CA GLU D 6 20.31 -32.32 39.33
C GLU D 6 19.43 -31.18 39.85
N LEU D 7 20.02 -30.14 40.41
CA LEU D 7 19.25 -29.00 40.83
C LEU D 7 18.49 -28.27 39.71
N GLN D 8 18.94 -28.38 38.47
CA GLN D 8 18.15 -27.94 37.35
C GLN D 8 16.81 -28.71 37.15
N TYR D 9 16.87 -30.04 37.22
CA TYR D 9 15.66 -30.84 37.15
C TYR D 9 14.74 -30.48 38.34
N LEU D 10 15.31 -30.41 39.55
CA LEU D 10 14.50 -30.08 40.71
C LEU D 10 13.96 -28.65 40.64
N GLY D 11 14.72 -27.74 40.04
CA GLY D 11 14.21 -26.39 39.77
C GLY D 11 13.03 -26.41 38.80
N GLN D 12 13.06 -27.27 37.78
CA GLN D 12 11.96 -27.28 36.79
C GLN D 12 10.65 -27.75 37.43
N ILE D 13 10.76 -28.81 38.25
CA ILE D 13 9.64 -29.30 39.07
C ILE D 13 9.06 -28.15 39.89
N GLN D 14 9.93 -27.32 40.46
CA GLN D 14 9.52 -26.28 41.38
C GLN D 14 8.89 -25.13 40.61
N HIS D 15 9.43 -24.75 39.45
CA HIS D 15 8.77 -23.73 38.59
C HIS D 15 7.38 -24.16 38.14
N ILE D 16 7.17 -25.45 37.86
CA ILE D 16 5.87 -25.92 37.43
C ILE D 16 4.84 -25.95 38.59
N LEU D 17 5.26 -26.46 39.75
CA LEU D 17 4.44 -26.44 40.99
C LEU D 17 4.00 -25.05 41.39
N ARG D 18 4.90 -24.08 41.19
CA ARG D 18 4.70 -22.69 41.58
C ARG D 18 4.03 -21.86 40.51
N CYS D 19 4.41 -22.07 39.25
CA CYS D 19 3.93 -21.24 38.15
C CYS D 19 3.10 -21.99 37.09
N GLY D 20 2.91 -23.29 37.26
CA GLY D 20 2.14 -24.05 36.27
C GLY D 20 0.65 -23.72 36.28
N VAL D 21 0.00 -24.03 35.16
CA VAL D 21 -1.45 -23.87 35.00
C VAL D 21 -2.09 -25.23 34.95
N ARG D 22 -3.30 -25.35 35.54
CA ARG D 22 -4.12 -26.61 35.56
C ARG D 22 -4.67 -26.79 34.15
N LYS D 23 -4.69 -28.02 33.59
CA LYS D 23 -5.06 -28.25 32.13
C LYS D 23 -6.06 -29.42 31.80
N ASP D 24 -7.05 -29.67 32.68
CA ASP D 24 -8.19 -30.65 32.51
C ASP D 24 -8.57 -31.24 33.90
N ASP D 25 -9.17 -32.43 34.06
CA ASP D 25 -9.92 -33.24 33.08
C ASP D 25 -11.13 -33.80 33.84
N ARG D 26 -11.98 -34.56 33.14
CA ARG D 26 -13.25 -35.03 33.72
C ARG D 26 -13.17 -36.38 34.45
N THR D 27 -12.17 -37.17 34.06
CA THR D 27 -12.00 -38.55 34.52
C THR D 27 -11.15 -38.69 35.80
N GLY D 28 -10.59 -37.58 36.29
CA GLY D 28 -9.73 -37.57 37.48
C GLY D 28 -8.22 -37.46 37.23
N THR D 29 -7.81 -37.18 36.00
CA THR D 29 -6.40 -37.06 35.62
C THR D 29 -6.20 -35.77 34.81
N GLY D 30 -5.63 -34.77 35.47
CA GLY D 30 -5.21 -33.49 34.85
C GLY D 30 -3.73 -33.17 35.09
N THR D 31 -3.30 -31.95 34.73
CA THR D 31 -1.87 -31.57 34.93
C THR D 31 -1.66 -30.17 35.43
N LEU D 32 -0.49 -29.93 36.04
CA LEU D 32 0.09 -28.58 36.06
C LEU D 32 1.10 -28.52 34.93
N SER D 33 1.04 -27.44 34.15
CA SER D 33 1.92 -27.33 32.99
C SER D 33 2.39 -25.96 32.61
N VAL D 34 3.57 -25.94 32.00
CA VAL D 34 4.30 -24.77 31.48
C VAL D 34 4.83 -25.20 30.10
N PHE D 35 4.89 -24.25 29.18
CA PHE D 35 5.30 -24.56 27.84
C PHE D 35 6.59 -23.81 27.60
N GLY D 36 7.63 -24.57 27.28
CA GLY D 36 8.94 -24.02 26.91
C GLY D 36 9.86 -23.99 28.09
N MET D 37 10.70 -25.00 28.28
CA MET D 37 11.78 -24.97 29.31
C MET D 37 13.04 -25.51 28.68
N GLN D 38 14.17 -25.32 29.38
CA GLN D 38 15.44 -25.85 28.94
C GLN D 38 16.36 -26.12 30.16
N ALA D 39 17.17 -27.18 30.10
CA ALA D 39 18.22 -27.43 31.07
C ALA D 39 19.49 -27.96 30.42
N ARG D 40 20.65 -27.66 31.01
CA ARG D 40 21.97 -28.15 30.57
C ARG D 40 22.56 -29.15 31.63
N TYR D 41 22.79 -30.41 31.25
CA TYR D 41 23.44 -31.40 32.14
C TYR D 41 24.82 -31.65 31.58
N SER D 42 25.88 -31.24 32.28
CA SER D 42 27.26 -31.58 31.89
C SER D 42 27.47 -33.08 31.85
N LEU D 43 28.19 -33.50 30.83
CA LEU D 43 28.54 -34.90 30.67
C LEU D 43 30.03 -35.12 30.98
N ARG D 44 30.77 -34.04 31.30
CA ARG D 44 32.25 -34.12 31.52
C ARG D 44 32.63 -34.89 32.80
N ASP D 45 33.03 -36.16 32.66
CA ASP D 45 33.36 -37.00 33.84
C ASP D 45 32.21 -37.20 34.80
N GLU D 46 30.98 -37.12 34.33
CA GLU D 46 29.82 -37.40 35.15
C GLU D 46 28.72 -37.86 34.19
N PHE D 47 27.76 -38.57 34.74
CA PHE D 47 26.63 -39.07 34.00
C PHE D 47 25.34 -38.70 34.73
N PRO D 48 24.44 -37.93 34.08
CA PRO D 48 23.30 -37.38 34.76
C PRO D 48 22.14 -38.35 34.98
N LEU D 49 22.40 -39.39 35.77
CA LEU D 49 21.41 -40.35 36.22
C LEU D 49 20.94 -39.90 37.61
N LEU D 50 19.68 -39.50 37.72
CA LEU D 50 19.20 -38.78 38.89
C LEU D 50 19.29 -39.58 40.20
N THR D 51 19.60 -38.88 41.29
CA THR D 51 19.83 -39.47 42.60
C THR D 51 18.73 -39.18 43.61
N THR D 52 17.90 -38.17 43.40
CA THR D 52 16.81 -37.94 44.36
C THR D 52 15.73 -39.03 44.30
N LYS D 53 15.89 -39.93 43.37
CA LYS D 53 15.04 -41.08 43.14
C LYS D 53 15.78 -41.99 42.18
N ARG D 54 15.78 -43.29 42.43
CA ARG D 54 16.46 -44.23 41.54
C ARG D 54 15.77 -44.33 40.17
N VAL D 55 16.55 -44.30 39.11
CA VAL D 55 16.02 -44.27 37.75
C VAL D 55 16.24 -45.64 37.17
N PHE D 56 15.28 -46.10 36.35
CA PHE D 56 15.26 -47.48 35.86
C PHE D 56 16.32 -47.68 34.80
N TRP D 57 17.56 -47.80 35.26
CA TRP D 57 18.73 -47.77 34.38
C TRP D 57 18.78 -48.94 33.43
N LYS D 58 18.41 -50.12 33.90
CA LYS D 58 18.29 -51.29 33.02
C LYS D 58 17.37 -50.96 31.80
N GLY D 59 16.20 -50.39 32.11
CA GLY D 59 15.21 -49.91 31.11
C GLY D 59 15.80 -48.91 30.14
N VAL D 60 16.56 -47.92 30.65
CA VAL D 60 17.20 -46.94 29.80
C VAL D 60 18.12 -47.61 28.77
N LEU D 61 18.96 -48.52 29.22
CA LEU D 61 20.03 -49.01 28.35
C LEU D 61 19.47 -50.02 27.35
N GLU D 62 18.55 -50.89 27.81
CA GLU D 62 17.93 -51.86 26.92
C GLU D 62 17.04 -51.18 25.88
N GLU D 63 16.25 -50.19 26.30
CA GLU D 63 15.44 -49.45 25.34
C GLU D 63 16.29 -48.86 24.24
N LEU D 64 17.43 -48.27 24.61
CA LEU D 64 18.29 -47.62 23.62
C LEU D 64 18.96 -48.60 22.64
N LEU D 65 19.40 -49.75 23.16
CA LEU D 65 19.96 -50.77 22.28
C LEU D 65 18.89 -51.30 21.32
N TRP D 66 17.67 -51.44 21.82
CA TRP D 66 16.50 -51.78 21.02
C TRP D 66 16.23 -50.74 19.89
N PHE D 67 16.28 -49.44 20.22
CA PHE D 67 16.22 -48.38 19.19
C PHE D 67 17.29 -48.52 18.12
N ILE D 68 18.51 -48.82 18.54
CA ILE D 68 19.65 -48.93 17.62
C ILE D 68 19.55 -50.11 16.62
N LYS D 69 19.10 -51.27 17.09
CA LYS D 69 18.74 -52.39 16.21
C LYS D 69 17.64 -52.01 15.21
N GLY D 70 16.93 -50.88 15.42
CA GLY D 70 15.91 -50.43 14.50
C GLY D 70 14.61 -51.20 14.67
N SER D 71 14.42 -51.81 15.84
CA SER D 71 13.26 -52.66 16.12
C SER D 71 12.01 -51.82 16.46
N THR D 72 10.87 -52.34 15.97
CA THR D 72 9.53 -51.86 16.26
C THR D 72 8.68 -52.95 16.92
N ASN D 73 9.36 -53.96 17.46
CA ASN D 73 8.70 -55.07 18.12
C ASN D 73 8.87 -54.97 19.61
N ALA D 74 7.77 -54.65 20.32
CA ALA D 74 7.78 -54.58 21.78
C ALA D 74 8.19 -55.89 22.47
N LYS D 75 7.95 -57.02 21.82
CA LYS D 75 8.32 -58.31 22.39
C LYS D 75 9.85 -58.44 22.46
N GLU D 76 10.55 -57.85 21.50
CA GLU D 76 12.01 -57.86 21.48
C GLU D 76 12.61 -57.15 22.67
N LEU D 77 11.98 -56.05 23.11
CA LEU D 77 12.42 -55.33 24.32
C LEU D 77 11.99 -56.05 25.57
N SER D 78 10.79 -56.60 25.55
CA SER D 78 10.19 -57.28 26.70
C SER D 78 10.93 -58.54 27.09
N SER D 79 11.56 -59.15 26.12
CA SER D 79 12.36 -60.36 26.32
C SER D 79 13.61 -60.06 27.15
N LYS D 80 14.04 -58.78 27.19
CA LYS D 80 15.17 -58.37 28.06
C LYS D 80 14.76 -57.94 29.48
N GLY D 81 13.49 -58.10 29.82
CA GLY D 81 12.96 -57.78 31.15
C GLY D 81 12.36 -56.39 31.31
N VAL D 82 12.20 -55.69 30.16
CA VAL D 82 11.81 -54.28 30.09
C VAL D 82 10.42 -54.19 29.45
N LYS D 83 9.44 -53.91 30.28
CA LYS D 83 8.08 -54.02 29.91
C LYS D 83 7.52 -52.68 29.42
N ILE D 84 8.31 -51.60 29.40
CA ILE D 84 7.76 -50.22 29.26
C ILE D 84 6.91 -49.96 27.98
N TRP D 85 7.18 -50.67 26.88
CA TRP D 85 6.43 -50.57 25.62
C TRP D 85 5.32 -51.64 25.45
N ASP D 86 5.17 -52.55 26.41
CA ASP D 86 4.33 -53.73 26.19
C ASP D 86 2.84 -53.41 26.02
N ALA D 87 2.29 -52.59 26.92
CA ALA D 87 0.90 -52.16 26.85
C ALA D 87 0.52 -51.49 25.48
N ASN D 88 1.46 -50.80 24.87
CA ASN D 88 1.24 -50.18 23.57
C ASN D 88 1.22 -51.19 22.40
N GLY D 89 1.76 -52.37 22.63
CA GLY D 89 1.72 -53.43 21.61
C GLY D 89 0.72 -54.54 21.89
N SER D 90 0.00 -54.44 22.99
CA SER D 90 -1.00 -55.44 23.40
C SER D 90 -2.13 -55.53 22.34
N ARG D 91 -2.58 -56.76 22.11
CA ARG D 91 -3.66 -57.07 21.18
C ARG D 91 -4.85 -56.12 21.42
N ASP D 92 -5.24 -55.94 22.68
CA ASP D 92 -6.32 -55.00 23.04
C ASP D 92 -6.06 -53.55 22.64
N PHE D 93 -4.85 -53.05 22.94
CA PHE D 93 -4.54 -51.66 22.59
C PHE D 93 -4.46 -51.46 21.08
N LEU D 94 -3.86 -52.40 20.37
CA LEU D 94 -3.82 -52.32 18.93
C LEU D 94 -5.25 -52.37 18.30
N ASP D 95 -6.10 -53.26 18.82
CA ASP D 95 -7.50 -53.35 18.42
C ASP D 95 -8.22 -52.01 18.60
N SER D 96 -8.07 -51.40 19.79
CA SER D 96 -8.66 -50.05 20.03
C SER D 96 -8.20 -48.97 19.05
N LEU D 97 -7.02 -49.13 18.44
CA LEU D 97 -6.52 -48.19 17.43
C LEU D 97 -6.98 -48.51 15.99
N GLY D 98 -7.63 -49.63 15.78
CA GLY D 98 -8.06 -50.02 14.44
C GLY D 98 -7.14 -51.03 13.82
N PHE D 99 -6.05 -51.40 14.49
CA PHE D 99 -5.06 -52.33 13.89
C PHE D 99 -5.40 -53.76 14.26
N SER D 100 -6.52 -54.26 13.75
CA SER D 100 -7.04 -55.58 14.13
C SER D 100 -6.17 -56.69 13.53
N THR D 101 -5.62 -56.38 12.37
CA THR D 101 -4.74 -57.21 11.58
C THR D 101 -3.27 -57.34 12.12
N ARG D 102 -2.85 -56.39 12.94
CA ARG D 102 -1.43 -56.26 13.27
C ARG D 102 -1.07 -57.33 14.26
N GLU D 103 0.15 -57.84 14.20
CA GLU D 103 0.59 -58.83 15.18
C GLU D 103 0.89 -58.13 16.52
N GLU D 104 0.65 -58.85 17.61
CA GLU D 104 0.90 -58.36 18.99
C GLU D 104 2.39 -57.93 19.14
N GLY D 105 2.63 -56.75 19.69
CA GLY D 105 4.00 -56.21 19.78
C GLY D 105 4.45 -55.24 18.68
N ASP D 106 3.76 -55.24 17.54
CA ASP D 106 4.10 -54.39 16.38
C ASP D 106 3.58 -52.99 16.69
N LEU D 107 4.52 -52.09 16.96
CA LEU D 107 4.19 -50.74 17.43
C LEU D 107 3.97 -49.76 16.25
N GLY D 108 4.10 -50.30 15.03
CA GLY D 108 4.22 -49.50 13.82
C GLY D 108 5.57 -48.82 13.74
N PRO D 109 5.71 -47.79 12.87
CA PRO D 109 6.96 -47.10 12.58
C PRO D 109 7.43 -46.04 13.63
N VAL D 110 7.75 -46.53 14.84
CA VAL D 110 8.29 -45.74 15.94
C VAL D 110 9.84 -45.56 15.90
N TYR D 111 10.45 -45.13 17.01
CA TYR D 111 11.84 -44.59 17.03
C TYR D 111 12.85 -45.39 16.22
N GLY D 112 12.95 -46.68 16.48
CA GLY D 112 13.88 -47.50 15.74
C GLY D 112 13.75 -47.39 14.24
N PHE D 113 12.53 -47.49 13.75
CA PHE D 113 12.23 -47.39 12.29
C PHE D 113 12.55 -45.98 11.76
N GLN D 114 12.20 -44.93 12.49
CA GLN D 114 12.56 -43.58 12.04
C GLN D 114 14.08 -43.28 12.11
N TRP D 115 14.78 -43.73 13.14
CA TRP D 115 16.23 -43.51 13.19
C TRP D 115 17.00 -44.21 12.11
N ARG D 116 16.49 -45.35 11.68
CA ARG D 116 17.23 -46.21 10.75
C ARG D 116 16.72 -46.28 9.34
N HIS D 117 15.42 -46.02 9.15
CA HIS D 117 14.73 -46.23 7.88
C HIS D 117 13.73 -45.08 7.56
N PHE D 118 14.06 -43.83 7.90
CA PHE D 118 13.12 -42.72 7.71
C PHE D 118 12.67 -42.61 6.25
N GLY D 119 11.36 -42.52 6.03
CA GLY D 119 10.82 -42.30 4.70
C GLY D 119 10.47 -43.57 3.94
N ALA D 120 10.88 -44.72 4.44
CA ALA D 120 10.52 -46.03 3.89
C ALA D 120 9.10 -46.46 4.22
N GLU D 121 8.56 -47.36 3.41
CA GLU D 121 7.16 -47.80 3.59
C GLU D 121 7.08 -48.86 4.71
N TYR D 122 6.36 -48.56 5.78
CA TYR D 122 6.27 -49.53 6.85
C TYR D 122 5.25 -50.58 6.51
N ARG D 123 5.65 -51.85 6.59
CA ARG D 123 4.76 -52.93 6.29
C ARG D 123 4.48 -53.56 7.64
N ASP D 124 5.43 -54.30 8.18
CA ASP D 124 5.26 -54.87 9.52
C ASP D 124 6.62 -54.98 10.27
N MET D 125 6.54 -55.38 11.54
CA MET D 125 7.71 -55.36 12.42
C MET D 125 8.70 -56.44 12.08
N GLU D 126 8.32 -57.42 11.27
CA GLU D 126 9.25 -58.48 10.92
C GLU D 126 9.82 -58.33 9.49
N SER D 127 9.35 -57.34 8.73
CA SER D 127 9.79 -57.11 7.34
C SER D 127 11.27 -56.73 7.31
N ASP D 128 11.96 -57.01 6.21
CA ASP D 128 13.34 -56.57 6.01
C ASP D 128 13.33 -55.16 5.36
N TYR D 129 14.00 -54.17 5.98
CA TYR D 129 13.99 -52.79 5.47
C TYR D 129 15.38 -52.36 5.09
N SER D 130 16.32 -53.29 4.92
CA SER D 130 17.73 -52.91 4.67
C SER D 130 17.82 -52.16 3.34
N GLY D 131 18.67 -51.13 3.30
CA GLY D 131 18.79 -50.24 2.13
C GLY D 131 17.68 -49.20 1.87
N GLN D 132 16.56 -49.26 2.62
CA GLN D 132 15.38 -48.39 2.44
C GLN D 132 15.35 -47.24 3.47
N GLY D 133 14.97 -46.05 3.01
CA GLY D 133 14.85 -44.88 3.86
C GLY D 133 16.21 -44.31 4.18
N VAL D 134 16.24 -43.31 5.05
CA VAL D 134 17.47 -42.67 5.46
C VAL D 134 17.93 -43.28 6.81
N ASP D 135 19.15 -43.79 6.82
CA ASP D 135 19.78 -44.25 8.05
C ASP D 135 20.34 -43.01 8.80
N GLN D 136 19.48 -42.36 9.57
CA GLN D 136 19.87 -41.08 10.19
C GLN D 136 20.91 -41.25 11.29
N LEU D 137 20.84 -42.37 12.00
CA LEU D 137 21.76 -42.61 13.07
C LEU D 137 23.15 -42.76 12.48
N GLN D 138 23.30 -43.49 11.40
CA GLN D 138 24.64 -43.65 10.81
C GLN D 138 25.09 -42.38 10.11
N ARG D 139 24.19 -41.63 9.44
CA ARG D 139 24.57 -40.35 8.85
C ARG D 139 25.13 -39.37 9.90
N VAL D 140 24.48 -39.34 11.06
CA VAL D 140 24.97 -38.55 12.20
C VAL D 140 26.43 -38.95 12.59
N ILE D 141 26.66 -40.24 12.74
CA ILE D 141 27.98 -40.72 13.09
C ILE D 141 28.98 -40.35 11.97
N ASP D 142 28.60 -40.58 10.71
CA ASP D 142 29.47 -40.26 9.57
C ASP D 142 29.82 -38.75 9.49
N THR D 143 28.88 -37.88 9.80
CA THR D 143 29.11 -36.41 9.75
C THR D 143 29.96 -35.92 10.96
N ILE D 144 29.81 -36.52 12.13
CA ILE D 144 30.68 -36.15 13.28
C ILE D 144 32.16 -36.46 12.95
N LYS D 145 32.45 -37.63 12.39
CA LYS D 145 33.80 -38.00 11.94
C LYS D 145 34.35 -37.10 10.84
N THR D 146 33.59 -36.82 9.81
CA THR D 146 34.14 -36.15 8.65
C THR D 146 33.99 -34.62 8.73
N ASN D 147 32.85 -34.11 9.19
CA ASN D 147 32.70 -32.67 9.36
C ASN D 147 32.11 -32.23 10.74
N PRO D 148 32.92 -32.23 11.79
CA PRO D 148 32.36 -31.86 13.12
C PRO D 148 31.71 -30.45 13.26
N ASP D 149 32.09 -29.50 12.42
CA ASP D 149 31.57 -28.11 12.50
C ASP D 149 30.16 -27.90 11.93
N ASP D 150 29.63 -28.98 11.33
CA ASP D 150 28.35 -28.97 10.66
C ASP D 150 27.20 -28.65 11.61
N ARG D 151 26.32 -27.79 11.15
CA ARG D 151 25.21 -27.26 11.97
C ARG D 151 23.88 -27.95 11.71
N ARG D 152 23.93 -29.10 11.03
CA ARG D 152 22.75 -29.84 10.51
C ARG D 152 22.79 -31.28 10.98
N ILE D 153 23.47 -31.58 12.11
CA ILE D 153 23.65 -32.98 12.56
C ILE D 153 22.43 -33.33 13.42
N ILE D 154 21.40 -33.80 12.75
CA ILE D 154 20.09 -33.91 13.31
C ILE D 154 19.58 -35.27 13.01
N MET D 155 18.79 -35.82 13.92
CA MET D 155 18.11 -37.09 13.77
C MET D 155 16.68 -36.80 14.21
N CYS D 156 15.73 -37.01 13.28
CA CYS D 156 14.32 -36.64 13.50
C CYS D 156 13.44 -37.86 13.59
N ALA D 157 12.65 -37.99 14.64
CA ALA D 157 11.77 -39.14 14.74
C ALA D 157 10.35 -38.74 14.35
N TRP D 158 10.07 -37.47 14.18
CA TRP D 158 8.72 -37.02 13.94
C TRP D 158 8.44 -37.06 12.43
N ASN D 159 7.51 -37.88 11.96
CA ASN D 159 7.26 -38.12 10.51
C ASN D 159 5.76 -38.03 10.39
N PRO D 160 5.24 -36.88 9.94
CA PRO D 160 3.78 -36.69 9.86
C PRO D 160 3.05 -37.72 9.04
N ARG D 161 3.69 -38.24 8.02
CA ARG D 161 3.11 -39.28 7.17
C ARG D 161 2.86 -40.60 7.95
N ASP D 162 3.75 -40.93 8.88
CA ASP D 162 3.67 -42.19 9.65
C ASP D 162 2.94 -42.12 10.96
N LEU D 163 2.62 -40.94 11.47
CA LEU D 163 1.94 -40.83 12.79
C LEU D 163 0.71 -41.69 12.97
N PRO D 164 -0.19 -41.75 11.95
CA PRO D 164 -1.38 -42.60 12.12
C PRO D 164 -1.09 -44.14 12.17
N LEU D 165 0.07 -44.56 11.67
CA LEU D 165 0.51 -45.98 11.84
C LEU D 165 1.12 -46.34 13.21
N MET D 166 1.44 -45.33 14.01
CA MET D 166 2.18 -45.55 15.26
C MET D 166 1.25 -45.85 16.40
N ALA D 167 1.67 -46.78 17.26
CA ALA D 167 0.94 -47.04 18.50
C ALA D 167 0.91 -45.78 19.33
N LEU D 168 2.03 -45.04 19.28
CA LEU D 168 2.29 -43.87 20.12
C LEU D 168 3.12 -42.87 19.28
N PRO D 169 2.63 -41.60 19.14
CA PRO D 169 3.49 -40.57 18.51
C PRO D 169 4.68 -40.21 19.39
N PRO D 170 5.82 -39.95 18.79
CA PRO D 170 7.05 -39.77 19.57
C PRO D 170 6.93 -38.54 20.44
N CYS D 171 7.37 -38.65 21.69
CA CYS D 171 7.63 -37.49 22.54
C CYS D 171 8.95 -36.84 22.17
N HIS D 172 9.94 -37.64 21.74
CA HIS D 172 11.26 -37.11 21.39
C HIS D 172 11.36 -36.79 19.94
N ALA D 173 10.89 -35.60 19.61
CA ALA D 173 10.72 -35.17 18.22
C ALA D 173 12.01 -35.22 17.43
N LEU D 174 13.03 -34.60 17.96
CA LEU D 174 14.31 -34.62 17.30
C LEU D 174 15.44 -34.37 18.26
N CYS D 175 16.64 -34.68 17.79
CA CYS D 175 17.82 -34.25 18.48
C CYS D 175 18.91 -33.77 17.53
N GLN D 176 19.68 -32.82 18.01
CA GLN D 176 20.80 -32.24 17.30
C GLN D 176 22.12 -32.49 18.06
N PHE D 177 23.17 -32.80 17.28
CA PHE D 177 24.54 -32.89 17.74
C PHE D 177 25.38 -31.70 17.35
N TYR D 178 26.46 -31.49 18.12
CA TYR D 178 27.37 -30.34 18.02
C TYR D 178 28.74 -30.70 18.56
N VAL D 179 29.77 -30.27 17.85
CA VAL D 179 31.12 -30.51 18.28
C VAL D 179 31.95 -29.21 18.29
N VAL D 180 32.75 -29.07 19.33
CA VAL D 180 33.75 -28.00 19.44
C VAL D 180 34.79 -28.51 20.45
N ASN D 181 36.09 -28.21 20.27
CA ASN D 181 37.14 -28.63 21.23
C ASN D 181 37.12 -30.13 21.58
N SER D 182 36.86 -30.97 20.57
CA SER D 182 36.79 -32.42 20.71
C SER D 182 35.76 -32.94 21.73
N GLU D 183 34.68 -32.15 21.92
CA GLU D 183 33.57 -32.48 22.80
C GLU D 183 32.26 -32.54 22.03
N LEU D 184 31.52 -33.62 22.19
CA LEU D 184 30.24 -33.81 21.53
C LEU D 184 29.13 -33.43 22.48
N SER D 185 28.33 -32.43 22.12
CA SER D 185 27.10 -32.15 22.87
C SER D 185 25.88 -32.61 22.08
N CYS D 186 24.80 -32.83 22.78
CA CYS D 186 23.50 -33.25 22.21
C CYS D 186 22.36 -32.39 22.75
N GLN D 187 21.47 -31.94 21.87
CA GLN D 187 20.23 -31.28 22.31
C GLN D 187 18.99 -32.07 21.84
N LEU D 188 18.03 -32.25 22.74
CA LEU D 188 16.84 -33.04 22.52
C LEU D 188 15.67 -32.06 22.58
N TYR D 189 14.88 -32.07 21.52
CA TYR D 189 13.58 -31.44 21.56
C TYR D 189 12.52 -32.49 21.91
N GLN D 190 11.98 -32.39 23.11
CA GLN D 190 10.97 -33.27 23.63
C GLN D 190 9.64 -32.50 23.71
N ARG D 191 8.64 -32.91 22.95
CA ARG D 191 7.41 -32.08 22.74
C ARG D 191 6.51 -32.14 23.96
N SER D 192 6.66 -33.20 24.74
CA SER D 192 5.81 -33.39 25.89
C SER D 192 6.54 -34.15 26.95
N GLY D 193 6.61 -33.57 28.13
CA GLY D 193 7.42 -34.10 29.21
C GLY D 193 6.59 -34.37 30.43
N ASP D 194 6.46 -35.64 30.79
CA ASP D 194 5.96 -36.05 32.12
C ASP D 194 7.13 -35.91 33.08
N MET D 195 7.08 -34.93 33.96
CA MET D 195 8.28 -34.61 34.74
C MET D 195 8.59 -35.59 35.84
N GLY D 196 7.57 -36.17 36.44
CA GLY D 196 7.80 -37.14 37.50
C GLY D 196 8.32 -38.48 37.04
N LEU D 197 7.63 -39.09 36.08
CA LEU D 197 7.97 -40.44 35.64
C LEU D 197 8.86 -40.49 34.36
N GLY D 198 8.69 -39.57 33.42
CA GLY D 198 9.36 -39.69 32.11
C GLY D 198 10.71 -39.01 32.05
N VAL D 199 10.76 -37.73 32.41
CA VAL D 199 11.91 -36.89 32.15
C VAL D 199 13.24 -37.43 32.68
N PRO D 200 13.28 -37.98 33.92
CA PRO D 200 14.55 -38.53 34.44
C PRO D 200 15.09 -39.65 33.54
N PHE D 201 14.20 -40.55 33.17
CA PHE D 201 14.49 -41.64 32.27
C PHE D 201 15.00 -41.06 30.91
N ASN D 202 14.29 -40.08 30.36
CA ASN D 202 14.67 -39.51 29.04
C ASN D 202 16.05 -38.81 29.09
N ILE D 203 16.32 -38.11 30.19
CA ILE D 203 17.62 -37.47 30.40
C ILE D 203 18.72 -38.53 30.29
N ALA D 204 18.54 -39.63 30.99
CA ALA D 204 19.53 -40.70 30.97
C ALA D 204 19.71 -41.30 29.58
N SER D 205 18.61 -41.53 28.85
CA SER D 205 18.68 -42.15 27.48
C SER D 205 19.57 -41.38 26.51
N TYR D 206 19.39 -40.06 26.47
CA TYR D 206 20.08 -39.19 25.50
C TYR D 206 21.50 -38.83 25.91
N ALA D 207 21.72 -38.73 27.22
CA ALA D 207 23.06 -38.75 27.80
C ALA D 207 23.78 -40.05 27.41
N LEU D 208 23.10 -41.18 27.55
CA LEU D 208 23.73 -42.45 27.18
C LEU D 208 24.04 -42.51 25.69
N LEU D 209 23.07 -42.04 24.88
CA LEU D 209 23.25 -41.96 23.42
C LEU D 209 24.50 -41.11 23.05
N THR D 210 24.71 -40.02 23.77
CA THR D 210 25.82 -39.12 23.48
C THR D 210 27.17 -39.75 23.86
N TYR D 211 27.22 -40.44 25.00
CA TYR D 211 28.39 -41.26 25.36
C TYR D 211 28.68 -42.27 24.26
N MET D 212 27.66 -42.99 23.79
CA MET D 212 27.87 -44.03 22.76
C MET D 212 28.47 -43.40 21.49
N ILE D 213 27.91 -42.29 21.04
CA ILE D 213 28.37 -41.69 19.77
C ILE D 213 29.71 -41.01 19.95
N ALA D 214 29.95 -40.46 21.14
CA ALA D 214 31.28 -39.95 21.47
C ALA D 214 32.39 -41.04 21.42
N HIS D 215 32.08 -42.23 21.90
CA HIS D 215 33.04 -43.35 21.97
C HIS D 215 33.38 -43.88 20.56
N ILE D 216 32.36 -44.05 19.71
CA ILE D 216 32.53 -44.37 18.28
C ILE D 216 33.37 -43.34 17.48
N THR D 217 33.26 -42.05 17.78
CA THR D 217 33.83 -40.97 16.93
C THR D 217 35.14 -40.36 17.47
N GLY D 218 35.60 -40.93 18.60
CA GLY D 218 36.85 -40.52 19.28
C GLY D 218 36.81 -39.14 19.91
N LEU D 219 35.67 -38.83 20.55
CA LEU D 219 35.43 -37.52 21.13
C LEU D 219 35.11 -37.72 22.56
N LYS D 220 35.17 -36.67 23.38
CA LYS D 220 34.70 -36.73 24.76
C LYS D 220 33.26 -36.15 24.90
N PRO D 221 32.44 -36.71 25.80
CA PRO D 221 31.15 -36.08 26.07
C PRO D 221 31.22 -34.65 26.60
N GLY D 222 30.30 -33.82 26.13
CA GLY D 222 30.22 -32.37 26.48
C GLY D 222 29.01 -32.06 27.34
N ASP D 223 27.98 -31.43 26.76
CA ASP D 223 26.71 -31.17 27.44
C ASP D 223 25.52 -31.97 26.84
N PHE D 224 24.52 -32.29 27.63
CA PHE D 224 23.26 -32.74 27.10
C PHE D 224 22.29 -31.64 27.41
N ILE D 225 21.65 -31.08 26.38
CA ILE D 225 20.70 -29.98 26.55
C ILE D 225 19.27 -30.51 26.35
N HIS D 226 18.45 -30.43 27.38
CA HIS D 226 17.12 -30.97 27.37
C HIS D 226 16.20 -29.80 27.18
N THR D 227 15.58 -29.72 25.99
CA THR D 227 14.53 -28.78 25.68
C THR D 227 13.14 -29.44 25.71
N LEU D 228 12.20 -28.79 26.38
CA LEU D 228 10.83 -29.23 26.51
C LEU D 228 9.80 -28.31 25.83
N GLY D 229 8.80 -28.93 25.21
CA GLY D 229 7.49 -28.27 24.93
C GLY D 229 6.54 -28.22 26.13
N ASP D 230 5.47 -29.00 26.09
CA ASP D 230 4.52 -29.09 27.19
C ASP D 230 5.16 -29.89 28.32
N ALA D 231 5.79 -29.18 29.26
CA ALA D 231 6.38 -29.78 30.46
C ALA D 231 5.34 -29.86 31.54
N HIS D 232 5.07 -31.04 32.06
CA HIS D 232 3.97 -31.10 33.00
C HIS D 232 4.13 -32.10 34.13
N ILE D 233 3.41 -31.81 35.22
CA ILE D 233 3.27 -32.72 36.36
C ILE D 233 1.83 -33.18 36.46
N TYR D 234 1.59 -34.48 36.41
CA TYR D 234 0.22 -34.97 36.64
C TYR D 234 -0.15 -34.76 38.12
N LEU D 235 -1.39 -34.36 38.39
CA LEU D 235 -1.86 -33.99 39.75
C LEU D 235 -1.70 -35.14 40.76
N ASN D 236 -2.00 -36.31 40.25
CA ASN D 236 -1.58 -37.63 40.70
C ASN D 236 -0.13 -37.71 41.25
N HIS D 237 0.83 -37.04 40.60
CA HIS D 237 2.27 -37.08 40.97
C HIS D 237 2.74 -35.95 41.90
N ILE D 238 1.86 -35.03 42.28
CA ILE D 238 2.34 -33.89 43.05
C ILE D 238 2.84 -34.28 44.44
N GLU D 239 2.14 -35.18 45.10
CA GLU D 239 2.52 -35.55 46.44
C GLU D 239 3.82 -36.35 46.46
N PRO D 240 4.04 -37.27 45.54
CA PRO D 240 5.31 -37.99 45.49
C PRO D 240 6.50 -37.08 45.13
N LEU D 241 6.33 -36.16 44.20
CA LEU D 241 7.39 -35.19 43.84
C LEU D 241 7.72 -34.20 44.96
N LYS D 242 6.73 -33.78 45.74
CA LYS D 242 7.01 -32.92 46.91
C LYS D 242 7.93 -33.64 47.87
N ILE D 243 7.76 -34.94 47.94
CA ILE D 243 8.61 -35.78 48.74
C ILE D 243 10.00 -35.84 48.14
N GLN D 244 10.10 -36.04 46.85
CA GLN D 244 11.40 -36.11 46.20
C GLN D 244 12.15 -34.80 46.36
N LEU D 245 11.42 -33.70 46.36
CA LEU D 245 12.03 -32.39 46.46
C LEU D 245 12.67 -32.13 47.82
N GLN D 246 12.27 -32.88 48.86
CA GLN D 246 12.90 -32.80 50.18
C GLN D 246 14.35 -33.33 50.24
N ARG D 247 14.67 -34.19 49.30
CA ARG D 247 15.95 -34.86 49.27
C ARG D 247 17.12 -34.14 48.68
N GLU D 248 18.27 -34.34 49.29
CA GLU D 248 19.50 -33.76 48.81
C GLU D 248 20.08 -34.72 47.76
N PRO D 249 20.38 -34.22 46.56
CA PRO D 249 21.07 -35.03 45.53
C PRO D 249 22.40 -35.50 46.02
N ARG D 250 22.78 -36.72 45.64
CA ARG D 250 24.15 -37.20 45.81
C ARG D 250 24.90 -36.96 44.52
N PRO D 251 26.26 -36.92 44.57
CA PRO D 251 27.05 -36.79 43.36
C PRO D 251 26.69 -37.83 42.29
N PHE D 252 26.71 -37.36 41.06
CA PHE D 252 26.28 -38.16 39.95
C PHE D 252 27.28 -39.31 39.80
N PRO D 253 26.84 -40.44 39.26
CA PRO D 253 27.78 -41.49 38.98
C PRO D 253 28.61 -41.19 37.77
N LYS D 254 29.43 -42.14 37.41
CA LYS D 254 30.20 -42.09 36.20
C LYS D 254 29.81 -43.27 35.34
N LEU D 255 29.89 -43.07 34.01
CA LEU D 255 29.59 -44.15 33.09
C LEU D 255 30.88 -44.67 32.50
N ARG D 256 31.12 -45.99 32.67
CA ARG D 256 32.29 -46.64 32.09
C ARG D 256 31.88 -47.50 30.91
N ILE D 257 32.65 -47.40 29.85
CA ILE D 257 32.46 -48.16 28.64
C ILE D 257 33.61 -49.15 28.59
N LEU D 258 33.32 -50.42 28.78
CA LEU D 258 34.33 -51.41 29.24
C LEU D 258 35.22 -51.99 28.14
N ARG D 259 34.96 -51.67 26.88
CA ARG D 259 35.87 -52.08 25.79
C ARG D 259 35.78 -51.14 24.59
N LYS D 260 36.77 -51.20 23.70
CA LYS D 260 36.75 -50.45 22.45
C LYS D 260 35.68 -51.02 21.51
N VAL D 261 34.90 -50.13 20.87
CA VAL D 261 33.76 -50.50 20.00
C VAL D 261 33.79 -49.61 18.77
N GLU D 262 33.72 -50.23 17.59
CA GLU D 262 33.95 -49.54 16.30
C GLU D 262 32.64 -49.05 15.62
N LYS D 263 31.54 -49.79 15.84
CA LYS D 263 30.24 -49.45 15.26
C LYS D 263 29.12 -49.45 16.33
N ILE D 264 28.20 -48.52 16.16
CA ILE D 264 27.07 -48.37 17.07
C ILE D 264 26.26 -49.65 17.19
N ASP D 265 26.17 -50.36 16.09
CA ASP D 265 25.53 -51.65 16.06
C ASP D 265 26.20 -52.63 17.03
N ASP D 266 27.52 -52.55 17.24
CA ASP D 266 28.27 -53.51 18.09
C ASP D 266 28.17 -53.37 19.63
N PHE D 267 27.47 -52.37 20.16
CA PHE D 267 27.39 -52.23 21.60
C PHE D 267 26.45 -53.27 22.18
N LYS D 268 26.77 -53.76 23.37
CA LYS D 268 26.00 -54.77 24.08
C LYS D 268 25.82 -54.23 25.48
N ALA D 269 24.71 -54.55 26.13
CA ALA D 269 24.49 -54.13 27.53
C ALA D 269 25.69 -54.35 28.48
N GLU D 270 26.47 -55.40 28.26
CA GLU D 270 27.54 -55.81 29.21
C GLU D 270 28.70 -54.83 29.10
N ASP D 271 28.80 -54.11 27.98
CA ASP D 271 29.86 -53.16 27.76
C ASP D 271 29.72 -51.88 28.61
N PHE D 272 28.63 -51.72 29.38
CA PHE D 272 28.42 -50.48 30.14
C PHE D 272 28.41 -50.71 31.65
N GLN D 273 29.14 -49.90 32.41
CA GLN D 273 29.10 -50.01 33.86
C GLN D 273 28.90 -48.63 34.46
N ILE D 274 27.91 -48.57 35.34
CA ILE D 274 27.57 -47.41 36.10
C ILE D 274 28.29 -47.51 37.43
N GLU D 275 29.08 -46.50 37.75
CA GLU D 275 30.01 -46.53 38.85
C GLU D 275 29.63 -45.43 39.85
N GLY D 276 29.37 -45.81 41.09
CA GLY D 276 29.14 -44.87 42.16
C GLY D 276 27.76 -44.26 42.14
N TYR D 277 26.76 -45.07 41.81
CA TYR D 277 25.39 -44.56 41.74
C TYR D 277 24.83 -44.83 43.11
N ASN D 278 24.44 -43.77 43.82
CA ASN D 278 24.01 -43.89 45.20
C ASN D 278 22.71 -43.16 45.40
N PRO D 279 21.65 -43.62 44.75
CA PRO D 279 20.36 -42.91 44.81
C PRO D 279 19.60 -43.13 46.06
N HIS D 280 18.67 -42.23 46.30
CA HIS D 280 17.69 -42.38 47.35
C HIS D 280 16.66 -43.41 46.84
N PRO D 281 15.89 -44.00 47.74
CA PRO D 281 14.88 -44.98 47.36
C PRO D 281 13.93 -44.61 46.21
N THR D 282 13.66 -45.58 45.37
CA THR D 282 12.80 -45.43 44.23
C THR D 282 11.47 -44.88 44.65
N ILE D 283 10.96 -43.92 43.91
CA ILE D 283 9.65 -43.36 44.17
C ILE D 283 8.69 -43.81 43.09
N LYS D 284 7.54 -44.35 43.50
CA LYS D 284 6.59 -44.84 42.54
C LYS D 284 5.62 -43.75 42.16
N MET D 285 5.22 -43.75 40.89
CA MET D 285 4.28 -42.79 40.30
C MET D 285 3.46 -43.49 39.21
N GLU D 286 2.13 -43.40 39.19
CA GLU D 286 1.26 -44.07 38.16
C GLU D 286 0.81 -43.17 36.97
N MET E 1 -20.77 -29.95 -43.31
CA MET E 1 -20.75 -29.36 -41.93
C MET E 1 -20.24 -27.91 -42.01
N PRO E 2 -20.49 -27.07 -41.00
CA PRO E 2 -20.03 -25.65 -41.04
C PRO E 2 -18.51 -25.46 -41.27
N PRO E 3 -18.11 -24.53 -42.14
CA PRO E 3 -16.64 -24.43 -42.27
C PRO E 3 -15.86 -24.20 -40.91
N HIS E 4 -14.61 -24.63 -40.91
CA HIS E 4 -13.77 -24.46 -39.75
C HIS E 4 -13.47 -22.96 -39.52
N GLY E 5 -13.72 -22.50 -38.29
CA GLY E 5 -13.57 -21.10 -37.88
C GLY E 5 -12.21 -20.49 -38.11
N GLU E 6 -11.16 -21.31 -38.04
CA GLU E 6 -9.78 -20.89 -38.38
C GLU E 6 -9.61 -20.42 -39.80
N LEU E 7 -10.47 -20.88 -40.71
CA LEU E 7 -10.41 -20.40 -42.10
C LEU E 7 -10.60 -18.90 -42.21
N GLN E 8 -11.33 -18.31 -41.27
CA GLN E 8 -11.35 -16.82 -41.20
C GLN E 8 -9.98 -16.16 -40.94
N TYR E 9 -9.25 -16.67 -39.95
CA TYR E 9 -7.91 -16.19 -39.62
C TYR E 9 -7.03 -16.37 -40.83
N LEU E 10 -7.08 -17.57 -41.43
CA LEU E 10 -6.25 -17.84 -42.63
C LEU E 10 -6.68 -16.98 -43.86
N GLY E 11 -7.97 -16.73 -43.97
CA GLY E 11 -8.46 -15.81 -45.00
C GLY E 11 -8.03 -14.37 -44.76
N GLN E 12 -7.86 -13.98 -43.48
CA GLN E 12 -7.36 -12.65 -43.21
C GLN E 12 -5.89 -12.52 -43.64
N ILE E 13 -5.12 -13.55 -43.38
CA ILE E 13 -3.70 -13.55 -43.76
C ILE E 13 -3.57 -13.43 -45.28
N GLN E 14 -4.39 -14.20 -45.95
CA GLN E 14 -4.38 -14.28 -47.39
C GLN E 14 -4.87 -12.95 -48.04
N HIS E 15 -5.85 -12.29 -47.42
CA HIS E 15 -6.29 -10.94 -47.86
C HIS E 15 -5.18 -9.91 -47.74
N ILE E 16 -4.44 -9.98 -46.65
CA ILE E 16 -3.37 -9.01 -46.41
C ILE E 16 -2.20 -9.25 -47.36
N LEU E 17 -1.86 -10.52 -47.54
CA LEU E 17 -0.86 -10.88 -48.54
C LEU E 17 -1.24 -10.45 -49.98
N ARG E 18 -2.51 -10.54 -50.37
CA ARG E 18 -2.89 -10.13 -51.72
C ARG E 18 -3.10 -8.63 -51.88
N CYS E 19 -3.81 -8.00 -50.94
CA CYS E 19 -4.30 -6.62 -51.10
C CYS E 19 -3.68 -5.61 -50.11
N GLY E 20 -2.87 -6.05 -49.14
CA GLY E 20 -2.29 -5.15 -48.17
C GLY E 20 -1.35 -4.25 -48.91
N VAL E 21 -1.03 -3.12 -48.29
CA VAL E 21 -0.07 -2.13 -48.78
C VAL E 21 1.12 -1.99 -47.83
N ARG E 22 2.25 -1.65 -48.44
CA ARG E 22 3.48 -1.42 -47.70
C ARG E 22 3.39 -0.13 -46.85
N LYS E 23 3.51 -0.33 -45.55
CA LYS E 23 3.37 0.73 -44.56
C LYS E 23 4.48 0.45 -43.56
N ASP E 24 5.31 1.46 -43.30
CA ASP E 24 6.46 1.31 -42.41
C ASP E 24 6.08 1.50 -40.94
N ASP E 25 7.02 1.15 -40.08
CA ASP E 25 6.92 1.38 -38.65
C ASP E 25 8.28 1.87 -38.09
N ARG E 26 8.16 2.45 -36.90
CA ARG E 26 9.15 2.44 -35.80
C ARG E 26 10.46 1.64 -36.04
N THR E 27 10.36 0.32 -36.21
CA THR E 27 11.54 -0.53 -36.38
C THR E 27 12.20 -0.53 -37.79
N GLY E 28 11.62 0.17 -38.77
CA GLY E 28 12.04 0.03 -40.18
C GLY E 28 12.02 -1.41 -40.74
N THR E 29 11.21 -2.30 -40.16
CA THR E 29 11.11 -3.69 -40.60
C THR E 29 10.18 -3.75 -41.80
N GLY E 30 9.06 -3.03 -41.66
CA GLY E 30 8.09 -2.86 -42.73
C GLY E 30 6.95 -3.85 -42.63
N THR E 31 5.80 -3.46 -43.21
CA THR E 31 4.63 -4.31 -43.14
C THR E 31 3.84 -4.18 -44.41
N LEU E 32 3.03 -5.22 -44.60
CA LEU E 32 1.84 -5.22 -45.40
C LEU E 32 0.62 -4.99 -44.49
N SER E 33 -0.28 -4.09 -44.86
CA SER E 33 -1.28 -3.53 -43.96
C SER E 33 -2.65 -3.32 -44.62
N VAL E 34 -3.69 -3.74 -43.91
CA VAL E 34 -5.08 -3.44 -44.19
C VAL E 34 -5.67 -2.81 -42.93
N PHE E 35 -6.42 -1.71 -43.10
CA PHE E 35 -7.19 -1.14 -42.01
C PHE E 35 -8.65 -1.62 -41.96
N GLY E 36 -9.08 -2.17 -40.82
CA GLY E 36 -10.48 -2.60 -40.58
C GLY E 36 -10.77 -4.00 -41.05
N MET E 37 -10.77 -4.95 -40.14
CA MET E 37 -11.17 -6.31 -40.45
C MET E 37 -12.06 -6.86 -39.34
N GLN E 38 -12.87 -7.89 -39.62
CA GLN E 38 -13.66 -8.51 -38.59
C GLN E 38 -13.74 -10.05 -38.79
N ALA E 39 -13.63 -10.85 -37.73
CA ALA E 39 -13.85 -12.32 -37.83
C ALA E 39 -14.70 -12.78 -36.68
N ARG E 40 -15.48 -13.86 -36.85
CA ARG E 40 -16.38 -14.31 -35.79
C ARG E 40 -16.01 -15.75 -35.46
N TYR E 41 -15.73 -16.06 -34.20
CA TYR E 41 -15.30 -17.41 -33.81
C TYR E 41 -16.30 -17.95 -32.88
N SER E 42 -17.00 -19.01 -33.27
CA SER E 42 -17.94 -19.64 -32.36
C SER E 42 -17.17 -20.22 -31.16
N LEU E 43 -17.75 -20.06 -29.99
CA LEU E 43 -17.27 -20.66 -28.74
C LEU E 43 -18.19 -21.81 -28.25
N ARG E 44 -19.18 -22.24 -29.03
CA ARG E 44 -20.18 -23.25 -28.59
C ARG E 44 -19.61 -24.67 -28.73
N ASP E 45 -19.34 -25.34 -27.60
CA ASP E 45 -18.58 -26.64 -27.53
C ASP E 45 -17.29 -26.67 -28.35
N GLU E 46 -16.58 -25.56 -28.39
CA GLU E 46 -15.24 -25.54 -28.96
C GLU E 46 -14.53 -24.31 -28.44
N PHE E 47 -13.20 -24.35 -28.52
CA PHE E 47 -12.39 -23.27 -28.10
C PHE E 47 -11.43 -22.89 -29.20
N PRO E 48 -11.45 -21.62 -29.62
CA PRO E 48 -10.69 -21.24 -30.81
C PRO E 48 -9.19 -21.08 -30.55
N LEU E 49 -8.54 -22.20 -30.23
CA LEU E 49 -7.08 -22.27 -30.13
C LEU E 49 -6.50 -22.76 -31.45
N LEU E 50 -5.75 -21.92 -32.16
CA LEU E 50 -5.43 -22.19 -33.55
C LEU E 50 -4.56 -23.46 -33.67
N THR E 51 -4.79 -24.18 -34.77
CA THR E 51 -4.21 -25.47 -34.97
C THR E 51 -3.19 -25.50 -36.10
N THR E 52 -3.20 -24.53 -37.01
CA THR E 52 -2.19 -24.53 -38.09
C THR E 52 -0.79 -24.13 -37.57
N LYS E 53 -0.72 -23.86 -36.28
CA LYS E 53 0.48 -23.50 -35.56
C LYS E 53 0.17 -23.64 -34.09
N ARG E 54 1.07 -24.22 -33.31
CA ARG E 54 0.90 -24.42 -31.87
C ARG E 54 0.95 -23.02 -31.22
N VAL E 55 -0.07 -22.73 -30.41
CA VAL E 55 -0.18 -21.48 -29.67
C VAL E 55 0.24 -21.69 -28.20
N PHE E 56 0.95 -20.70 -27.66
CA PHE E 56 1.48 -20.72 -26.29
C PHE E 56 0.39 -20.55 -25.20
N TRP E 57 -0.36 -21.63 -25.01
CA TRP E 57 -1.58 -21.65 -24.18
C TRP E 57 -1.27 -21.28 -22.73
N LYS E 58 -0.18 -21.78 -22.19
CA LYS E 58 0.21 -21.45 -20.83
C LYS E 58 0.39 -19.93 -20.69
N GLY E 59 1.06 -19.33 -21.67
CA GLY E 59 1.16 -17.87 -21.84
C GLY E 59 -0.19 -17.21 -21.80
N VAL E 60 -1.14 -17.72 -22.57
CA VAL E 60 -2.49 -17.15 -22.65
C VAL E 60 -3.17 -17.16 -21.26
N LEU E 61 -3.10 -18.31 -20.60
CA LEU E 61 -3.82 -18.50 -19.33
C LEU E 61 -3.20 -17.71 -18.18
N GLU E 62 -1.87 -17.74 -18.09
CA GLU E 62 -1.19 -17.07 -16.98
C GLU E 62 -1.27 -15.54 -17.16
N GLU E 63 -1.20 -15.04 -18.39
CA GLU E 63 -1.33 -13.61 -18.61
C GLU E 63 -2.70 -13.16 -18.19
N LEU E 64 -3.72 -13.93 -18.52
CA LEU E 64 -5.08 -13.50 -18.20
C LEU E 64 -5.26 -13.49 -16.69
N LEU E 65 -4.74 -14.50 -15.97
CA LEU E 65 -4.89 -14.48 -14.50
C LEU E 65 -4.11 -13.30 -13.88
N TRP E 66 -2.95 -12.99 -14.46
CA TRP E 66 -2.16 -11.85 -14.05
C TRP E 66 -3.00 -10.57 -14.28
N PHE E 67 -3.66 -10.41 -15.43
CA PHE E 67 -4.53 -9.26 -15.65
C PHE E 67 -5.61 -9.20 -14.60
N ILE E 68 -6.25 -10.34 -14.34
CA ILE E 68 -7.37 -10.40 -13.40
C ILE E 68 -6.99 -9.99 -11.96
N LYS E 69 -5.77 -10.34 -11.52
CA LYS E 69 -5.22 -9.91 -10.23
C LYS E 69 -4.99 -8.41 -10.14
N GLY E 70 -4.92 -7.72 -11.28
CA GLY E 70 -4.79 -6.25 -11.29
C GLY E 70 -3.33 -5.84 -11.36
N SER E 71 -2.44 -6.80 -11.68
CA SER E 71 -0.99 -6.63 -11.49
C SER E 71 -0.40 -5.83 -12.63
N THR E 72 0.60 -5.01 -12.33
CA THR E 72 1.34 -4.30 -13.37
C THR E 72 2.81 -4.54 -13.26
N ASN E 73 3.13 -5.71 -12.71
CA ASN E 73 4.44 -6.13 -12.37
C ASN E 73 4.80 -7.32 -13.22
N ALA E 74 5.71 -7.08 -14.16
CA ALA E 74 6.14 -8.07 -15.13
C ALA E 74 6.76 -9.27 -14.45
N LYS E 75 7.37 -9.06 -13.29
CA LYS E 75 7.97 -10.13 -12.50
C LYS E 75 7.01 -11.17 -11.98
N GLU E 76 5.79 -10.76 -11.63
CA GLU E 76 4.77 -11.70 -11.14
C GLU E 76 4.34 -12.65 -12.23
N LEU E 77 4.35 -12.20 -13.49
CA LEU E 77 4.05 -13.04 -14.64
C LEU E 77 5.27 -13.91 -15.00
N SER E 78 6.44 -13.32 -14.96
CA SER E 78 7.66 -14.06 -15.16
C SER E 78 7.87 -15.19 -14.13
N SER E 79 7.35 -15.00 -12.93
CA SER E 79 7.50 -15.98 -11.90
C SER E 79 6.80 -17.30 -12.28
N LYS E 80 5.78 -17.19 -13.12
CA LYS E 80 4.99 -18.30 -13.62
C LYS E 80 5.56 -18.93 -14.90
N GLY E 81 6.75 -18.55 -15.33
CA GLY E 81 7.36 -19.11 -16.55
C GLY E 81 7.01 -18.39 -17.86
N VAL E 82 6.28 -17.27 -17.78
CA VAL E 82 5.78 -16.62 -18.98
C VAL E 82 6.55 -15.31 -19.11
N LYS E 83 7.37 -15.20 -20.15
CA LYS E 83 8.28 -14.06 -20.28
C LYS E 83 7.81 -12.94 -21.26
N ILE E 84 6.56 -13.00 -21.74
CA ILE E 84 6.10 -12.13 -22.83
C ILE E 84 6.14 -10.63 -22.50
N TRP E 85 6.07 -10.27 -21.22
CA TRP E 85 6.18 -8.88 -20.78
C TRP E 85 7.52 -8.48 -20.21
N ASP E 86 8.46 -9.42 -20.03
CA ASP E 86 9.75 -9.10 -19.37
C ASP E 86 10.58 -7.98 -20.07
N ALA E 87 10.69 -8.01 -21.38
CA ALA E 87 11.54 -7.06 -22.07
C ALA E 87 11.04 -5.61 -21.91
N ASN E 88 9.72 -5.46 -21.80
CA ASN E 88 9.09 -4.18 -21.54
C ASN E 88 9.20 -3.68 -20.12
N GLY E 89 9.55 -4.55 -19.18
CA GLY E 89 9.82 -4.14 -17.80
C GLY E 89 11.30 -4.05 -17.44
N SER E 90 12.19 -4.31 -18.41
CA SER E 90 13.63 -4.33 -18.18
C SER E 90 14.12 -2.90 -17.94
N ARG E 91 15.16 -2.79 -17.12
CA ARG E 91 15.85 -1.53 -16.83
C ARG E 91 16.25 -0.81 -18.12
N ASP E 92 16.78 -1.52 -19.10
CA ASP E 92 17.11 -0.85 -20.33
C ASP E 92 15.89 -0.25 -21.07
N PHE E 93 14.80 -1.01 -21.16
CA PHE E 93 13.60 -0.54 -21.86
C PHE E 93 12.90 0.60 -21.13
N LEU E 94 12.73 0.48 -19.82
CA LEU E 94 12.14 1.57 -19.03
C LEU E 94 12.98 2.83 -19.12
N ASP E 95 14.32 2.69 -19.03
CA ASP E 95 15.24 3.85 -19.21
C ASP E 95 14.99 4.48 -20.57
N SER E 96 14.81 3.69 -21.62
CA SER E 96 14.64 4.26 -22.97
C SER E 96 13.35 5.11 -23.13
N LEU E 97 12.34 4.86 -22.28
CA LEU E 97 11.12 5.64 -22.27
C LEU E 97 11.23 6.85 -21.37
N GLY E 98 12.35 7.00 -20.66
CA GLY E 98 12.56 8.11 -19.75
C GLY E 98 12.14 7.81 -18.35
N PHE E 99 11.98 6.54 -17.98
CA PHE E 99 11.57 6.13 -16.62
C PHE E 99 12.75 5.57 -15.85
N SER E 100 13.84 6.33 -15.77
CA SER E 100 15.05 5.85 -15.05
C SER E 100 14.81 5.61 -13.54
N THR E 101 13.96 6.47 -13.02
CA THR E 101 13.42 6.46 -11.66
C THR E 101 12.65 5.19 -11.26
N ARG E 102 12.04 4.51 -12.24
CA ARG E 102 11.06 3.47 -11.97
C ARG E 102 11.72 2.12 -11.78
N GLU E 103 11.16 1.31 -10.88
CA GLU E 103 11.68 -0.02 -10.59
C GLU E 103 11.46 -1.01 -11.72
N GLU E 104 12.35 -2.00 -11.79
CA GLU E 104 12.35 -3.00 -12.84
C GLU E 104 11.10 -3.90 -12.70
N GLY E 105 10.45 -4.22 -13.83
CA GLY E 105 9.15 -4.89 -13.87
C GLY E 105 7.88 -4.02 -13.77
N ASP E 106 8.01 -2.75 -13.40
CA ASP E 106 6.87 -1.85 -13.30
C ASP E 106 6.48 -1.37 -14.71
N LEU E 107 5.41 -1.93 -15.23
CA LEU E 107 4.94 -1.63 -16.60
C LEU E 107 4.11 -0.34 -16.66
N GLY E 108 3.79 0.20 -15.51
CA GLY E 108 2.98 1.36 -15.45
C GLY E 108 1.53 0.87 -15.41
N PRO E 109 0.58 1.80 -15.65
CA PRO E 109 -0.87 1.49 -15.51
C PRO E 109 -1.45 0.75 -16.76
N VAL E 110 -1.05 -0.50 -16.94
CA VAL E 110 -1.46 -1.28 -18.12
C VAL E 110 -2.71 -2.07 -17.75
N TYR E 111 -3.04 -3.09 -18.53
CA TYR E 111 -4.31 -3.79 -18.44
C TYR E 111 -4.92 -3.99 -17.07
N GLY E 112 -4.16 -4.63 -16.20
CA GLY E 112 -4.67 -5.08 -14.92
C GLY E 112 -5.15 -3.93 -14.08
N PHE E 113 -4.40 -2.86 -14.08
CA PHE E 113 -4.78 -1.62 -13.43
C PHE E 113 -5.99 -0.96 -14.08
N GLN E 114 -6.04 -0.91 -15.40
CA GLN E 114 -7.25 -0.31 -16.08
C GLN E 114 -8.53 -1.13 -15.85
N TRP E 115 -8.41 -2.45 -15.87
CA TRP E 115 -9.54 -3.31 -15.65
C TRP E 115 -10.08 -3.29 -14.22
N ARG E 116 -9.21 -3.17 -13.25
CA ARG E 116 -9.62 -3.15 -11.85
C ARG E 116 -9.67 -1.79 -11.18
N HIS E 117 -8.94 -0.80 -11.69
CA HIS E 117 -8.89 0.52 -11.05
C HIS E 117 -8.92 1.71 -12.03
N PHE E 118 -9.67 1.63 -13.11
CA PHE E 118 -9.66 2.70 -14.09
C PHE E 118 -9.87 4.04 -13.41
N GLY E 119 -8.95 4.98 -13.65
CA GLY E 119 -9.14 6.39 -13.29
C GLY E 119 -8.49 6.71 -11.96
N ALA E 120 -8.05 5.69 -11.21
CA ALA E 120 -7.21 5.83 -10.02
C ALA E 120 -5.85 6.38 -10.44
N GLU E 121 -5.22 7.07 -9.51
CA GLU E 121 -3.95 7.72 -9.80
C GLU E 121 -2.89 6.64 -9.65
N TYR E 122 -2.14 6.35 -10.69
CA TYR E 122 -1.10 5.33 -10.58
C TYR E 122 0.11 5.88 -9.82
N ARG E 123 0.66 5.10 -8.91
CA ARG E 123 1.88 5.47 -8.20
C ARG E 123 2.94 4.48 -8.63
N ASP E 124 2.89 3.28 -8.10
CA ASP E 124 3.83 2.26 -8.55
C ASP E 124 3.18 0.88 -8.44
N MET E 125 3.93 -0.14 -8.85
CA MET E 125 3.36 -1.45 -8.96
C MET E 125 3.07 -2.13 -7.62
N GLU E 126 3.57 -1.58 -6.53
CA GLU E 126 3.37 -2.18 -5.20
C GLU E 126 2.28 -1.52 -4.38
N SER E 127 1.87 -0.30 -4.74
CA SER E 127 0.83 0.42 -4.03
C SER E 127 -0.44 -0.37 -3.93
N ASP E 128 -1.24 0.03 -2.95
CA ASP E 128 -2.49 -0.60 -2.64
C ASP E 128 -3.57 0.24 -3.31
N TYR E 129 -4.30 -0.35 -4.24
CA TYR E 129 -5.32 0.42 -4.95
C TYR E 129 -6.75 0.00 -4.58
N SER E 130 -6.91 -0.76 -3.52
CA SER E 130 -8.22 -1.26 -3.12
C SER E 130 -9.19 -0.11 -3.00
N GLY E 131 -10.32 -0.24 -3.69
CA GLY E 131 -11.36 0.78 -3.66
C GLY E 131 -11.07 2.07 -4.37
N GLN E 132 -9.99 2.17 -5.11
CA GLN E 132 -9.72 3.32 -5.99
C GLN E 132 -10.12 2.96 -7.45
N GLY E 133 -10.69 3.93 -8.15
CA GLY E 133 -11.05 3.80 -9.55
C GLY E 133 -12.22 2.88 -9.78
N VAL E 134 -12.52 2.62 -11.04
CA VAL E 134 -13.64 1.74 -11.38
C VAL E 134 -13.15 0.32 -11.64
N ASP E 135 -13.79 -0.61 -10.98
CA ASP E 135 -13.48 -1.99 -11.20
C ASP E 135 -14.36 -2.48 -12.34
N GLN E 136 -13.88 -2.30 -13.56
CA GLN E 136 -14.70 -2.59 -14.75
C GLN E 136 -15.00 -4.05 -14.83
N LEU E 137 -14.06 -4.89 -14.41
CA LEU E 137 -14.20 -6.33 -14.59
C LEU E 137 -15.37 -6.86 -13.76
N GLN E 138 -15.50 -6.40 -12.52
CA GLN E 138 -16.58 -6.85 -11.64
C GLN E 138 -17.89 -6.18 -12.03
N ARG E 139 -17.85 -4.91 -12.38
CA ARG E 139 -19.02 -4.21 -12.94
C ARG E 139 -19.67 -4.96 -14.14
N VAL E 140 -18.82 -5.37 -15.06
CA VAL E 140 -19.24 -6.18 -16.21
C VAL E 140 -19.96 -7.47 -15.76
N ILE E 141 -19.34 -8.24 -14.87
CA ILE E 141 -19.95 -9.46 -14.34
C ILE E 141 -21.32 -9.21 -13.67
N ASP E 142 -21.37 -8.19 -12.82
CA ASP E 142 -22.59 -7.84 -12.14
C ASP E 142 -23.66 -7.44 -13.10
N THR E 143 -23.30 -6.70 -14.14
CA THR E 143 -24.33 -6.25 -15.08
C THR E 143 -24.87 -7.44 -15.84
N ILE E 144 -24.01 -8.35 -16.22
CA ILE E 144 -24.41 -9.57 -16.91
C ILE E 144 -25.43 -10.33 -16.05
N LYS E 145 -25.15 -10.45 -14.76
CA LYS E 145 -26.11 -11.08 -13.85
C LYS E 145 -27.44 -10.32 -13.75
N THR E 146 -27.40 -9.02 -13.47
CA THR E 146 -28.60 -8.30 -13.09
C THR E 146 -29.34 -7.73 -14.27
N ASN E 147 -28.65 -7.53 -15.38
CA ASN E 147 -29.24 -6.83 -16.48
C ASN E 147 -28.68 -7.21 -17.84
N PRO E 148 -28.84 -8.49 -18.26
CA PRO E 148 -28.14 -9.01 -19.43
C PRO E 148 -28.47 -8.35 -20.78
N ASP E 149 -29.63 -7.71 -20.91
CA ASP E 149 -29.99 -6.94 -22.12
C ASP E 149 -29.24 -5.62 -22.27
N ASP E 150 -28.52 -5.21 -21.23
CA ASP E 150 -27.75 -3.97 -21.26
C ASP E 150 -26.81 -3.89 -22.48
N ARG E 151 -26.85 -2.76 -23.16
CA ARG E 151 -25.97 -2.51 -24.31
C ARG E 151 -24.66 -1.74 -24.03
N ARG E 152 -24.30 -1.60 -22.75
CA ARG E 152 -23.19 -0.77 -22.23
C ARG E 152 -22.25 -1.67 -21.43
N ILE E 153 -22.27 -2.97 -21.70
CA ILE E 153 -21.40 -3.89 -20.95
C ILE E 153 -19.99 -3.85 -21.61
N ILE E 154 -19.14 -2.96 -21.10
CA ILE E 154 -17.88 -2.63 -21.79
C ILE E 154 -16.75 -2.55 -20.79
N MET E 155 -15.57 -2.99 -21.22
CA MET E 155 -14.40 -2.89 -20.44
C MET E 155 -13.35 -2.25 -21.30
N CYS E 156 -12.86 -1.09 -20.88
CA CYS E 156 -11.97 -0.27 -21.68
C CYS E 156 -10.60 -0.17 -21.03
N ALA E 157 -9.56 -0.40 -21.80
CA ALA E 157 -8.15 -0.30 -21.32
C ALA E 157 -7.45 0.93 -21.85
N TRP E 158 -8.08 1.57 -22.83
CA TRP E 158 -7.55 2.77 -23.40
C TRP E 158 -7.88 3.98 -22.52
N ASN E 159 -6.86 4.60 -21.95
CA ASN E 159 -6.98 5.67 -21.00
C ASN E 159 -5.94 6.68 -21.42
N PRO E 160 -6.34 7.67 -22.24
CA PRO E 160 -5.48 8.78 -22.64
C PRO E 160 -4.71 9.47 -21.52
N ARG E 161 -5.29 9.63 -20.33
CA ARG E 161 -4.60 10.31 -19.22
C ARG E 161 -3.36 9.53 -18.75
N ASP E 162 -3.49 8.21 -18.81
CA ASP E 162 -2.49 7.27 -18.33
C ASP E 162 -1.54 6.78 -19.42
N LEU E 163 -1.87 6.91 -20.71
CA LEU E 163 -0.91 6.54 -21.81
C LEU E 163 0.57 6.91 -21.59
N PRO E 164 0.91 8.16 -21.23
CA PRO E 164 2.35 8.48 -21.15
C PRO E 164 3.14 7.73 -20.04
N LEU E 165 2.48 7.19 -19.03
CA LEU E 165 3.15 6.35 -18.04
C LEU E 165 3.23 4.84 -18.40
N MET E 166 2.61 4.42 -19.49
CA MET E 166 2.57 2.99 -19.75
C MET E 166 3.81 2.59 -20.47
N ALA E 167 4.30 1.38 -20.21
CA ALA E 167 5.47 0.91 -20.88
C ALA E 167 5.12 0.63 -22.34
N LEU E 168 3.85 0.23 -22.58
CA LEU E 168 3.26 -0.01 -23.91
C LEU E 168 1.82 0.40 -23.97
N PRO E 169 1.44 1.17 -25.01
CA PRO E 169 -0.01 1.49 -25.04
C PRO E 169 -0.83 0.23 -25.41
N PRO E 170 -2.06 0.12 -24.91
CA PRO E 170 -2.75 -1.15 -25.10
C PRO E 170 -3.06 -1.39 -26.55
N CYS E 171 -2.87 -2.62 -27.05
CA CYS E 171 -3.47 -3.06 -28.32
C CYS E 171 -4.96 -3.37 -28.20
N HIS E 172 -5.38 -3.81 -27.03
CA HIS E 172 -6.75 -4.17 -26.78
C HIS E 172 -7.46 -2.99 -26.14
N ALA E 173 -7.90 -2.08 -27.02
CA ALA E 173 -8.51 -0.84 -26.62
C ALA E 173 -9.73 -1.12 -25.76
N LEU E 174 -10.59 -1.99 -26.25
CA LEU E 174 -11.79 -2.32 -25.48
C LEU E 174 -12.43 -3.59 -25.86
N CYS E 175 -13.26 -4.08 -24.95
CA CYS E 175 -14.15 -5.19 -25.26
C CYS E 175 -15.60 -5.01 -24.79
N GLN E 176 -16.54 -5.62 -25.51
CA GLN E 176 -17.94 -5.43 -25.21
C GLN E 176 -18.58 -6.78 -25.06
N PHE E 177 -19.45 -6.90 -24.08
CA PHE E 177 -20.22 -8.13 -23.91
C PHE E 177 -21.70 -7.99 -24.27
N TYR E 178 -22.30 -9.12 -24.56
CA TYR E 178 -23.62 -9.23 -25.11
C TYR E 178 -24.20 -10.58 -24.69
N VAL E 179 -25.46 -10.55 -24.29
CA VAL E 179 -26.13 -11.76 -23.87
C VAL E 179 -27.45 -11.95 -24.59
N VAL E 180 -27.65 -13.12 -25.19
CA VAL E 180 -28.96 -13.48 -25.70
C VAL E 180 -29.14 -15.00 -25.65
N ASN E 181 -30.36 -15.42 -25.31
CA ASN E 181 -30.70 -16.85 -25.14
C ASN E 181 -29.74 -17.56 -24.20
N SER E 182 -29.39 -16.91 -23.09
CA SER E 182 -28.47 -17.47 -22.09
C SER E 182 -27.08 -17.79 -22.63
N GLU E 183 -26.70 -17.12 -23.73
CA GLU E 183 -25.37 -17.20 -24.31
C GLU E 183 -24.61 -15.83 -24.24
N LEU E 184 -23.39 -15.84 -23.71
CA LEU E 184 -22.50 -14.69 -23.66
C LEU E 184 -21.53 -14.58 -24.87
N SER E 185 -21.61 -13.46 -25.60
CA SER E 185 -20.63 -13.11 -26.63
C SER E 185 -19.74 -11.97 -26.16
N CYS E 186 -18.62 -11.83 -26.83
CA CYS E 186 -17.66 -10.81 -26.56
C CYS E 186 -17.12 -10.27 -27.87
N GLN E 187 -17.07 -8.95 -28.03
CA GLN E 187 -16.33 -8.33 -29.12
C GLN E 187 -15.12 -7.55 -28.61
N LEU E 188 -13.99 -7.78 -29.26
CA LEU E 188 -12.72 -7.09 -28.98
C LEU E 188 -12.42 -6.12 -30.07
N TYR E 189 -12.21 -4.85 -29.72
CA TYR E 189 -11.61 -3.91 -30.63
C TYR E 189 -10.14 -3.93 -30.40
N GLN E 190 -9.38 -4.48 -31.35
CA GLN E 190 -7.93 -4.48 -31.26
C GLN E 190 -7.38 -3.44 -32.22
N ARG E 191 -6.68 -2.41 -31.73
CA ARG E 191 -6.29 -1.31 -32.59
C ARG E 191 -5.18 -1.62 -33.58
N SER E 192 -4.42 -2.67 -33.24
CA SER E 192 -3.23 -3.03 -33.97
C SER E 192 -3.01 -4.50 -33.78
N GLY E 193 -2.87 -5.23 -34.88
CA GLY E 193 -2.79 -6.68 -34.85
C GLY E 193 -1.62 -7.19 -35.68
N ASP E 194 -0.64 -7.78 -35.02
CA ASP E 194 0.48 -8.46 -35.71
C ASP E 194 -0.08 -9.80 -36.02
N MET E 195 -0.50 -9.99 -37.25
CA MET E 195 -1.28 -11.15 -37.62
C MET E 195 -0.54 -12.49 -37.45
N GLY E 196 0.75 -12.47 -37.64
CA GLY E 196 1.52 -13.67 -37.52
C GLY E 196 1.84 -14.06 -36.11
N LEU E 197 2.32 -13.10 -35.35
CA LEU E 197 2.72 -13.36 -33.99
C LEU E 197 1.66 -13.26 -32.90
N GLY E 198 1.08 -12.10 -32.76
CA GLY E 198 0.10 -11.78 -31.69
C GLY E 198 -1.30 -12.33 -31.88
N VAL E 199 -1.88 -12.18 -33.06
CA VAL E 199 -3.35 -12.39 -33.23
C VAL E 199 -3.86 -13.75 -32.76
N PRO E 200 -3.14 -14.84 -33.06
CA PRO E 200 -3.61 -16.16 -32.57
C PRO E 200 -3.72 -16.27 -31.02
N PHE E 201 -2.70 -15.71 -30.37
CA PHE E 201 -2.61 -15.56 -28.92
C PHE E 201 -3.76 -14.68 -28.41
N ASN E 202 -3.98 -13.59 -29.12
CA ASN E 202 -5.04 -12.64 -28.76
C ASN E 202 -6.43 -13.23 -28.84
N ILE E 203 -6.74 -13.94 -29.92
CA ILE E 203 -8.01 -14.67 -30.08
C ILE E 203 -8.24 -15.59 -28.85
N ALA E 204 -7.19 -16.33 -28.46
CA ALA E 204 -7.31 -17.28 -27.33
C ALA E 204 -7.55 -16.58 -25.98
N SER E 205 -6.96 -15.40 -25.75
CA SER E 205 -7.12 -14.68 -24.45
C SER E 205 -8.55 -14.32 -24.19
N TYR E 206 -9.19 -13.77 -25.22
CA TYR E 206 -10.54 -13.21 -25.10
C TYR E 206 -11.61 -14.27 -25.21
N ALA E 207 -11.34 -15.29 -26.02
CA ALA E 207 -12.11 -16.50 -25.95
C ALA E 207 -12.12 -17.03 -24.51
N LEU E 208 -10.93 -17.12 -23.92
CA LEU E 208 -10.77 -17.62 -22.53
C LEU E 208 -11.47 -16.75 -21.50
N LEU E 209 -11.35 -15.43 -21.69
CA LEU E 209 -12.01 -14.51 -20.79
C LEU E 209 -13.52 -14.72 -20.85
N THR E 210 -14.05 -14.87 -22.05
CA THR E 210 -15.48 -15.09 -22.21
C THR E 210 -15.94 -16.39 -21.56
N TYR E 211 -15.14 -17.45 -21.64
CA TYR E 211 -15.44 -18.73 -20.91
C TYR E 211 -15.46 -18.47 -19.40
N MET E 212 -14.48 -17.68 -18.92
CA MET E 212 -14.45 -17.37 -17.51
C MET E 212 -15.67 -16.63 -17.05
N ILE E 213 -16.07 -15.58 -17.78
CA ILE E 213 -17.19 -14.77 -17.32
C ILE E 213 -18.53 -15.55 -17.44
N ALA E 214 -18.70 -16.33 -18.49
CA ALA E 214 -19.87 -17.23 -18.67
C ALA E 214 -20.00 -18.23 -17.51
N HIS E 215 -18.88 -18.83 -17.14
CA HIS E 215 -18.86 -19.73 -15.99
C HIS E 215 -19.38 -19.05 -14.71
N ILE E 216 -18.82 -17.88 -14.40
CA ILE E 216 -19.19 -17.11 -13.21
C ILE E 216 -20.64 -16.66 -13.20
N THR E 217 -21.19 -16.38 -14.37
CA THR E 217 -22.52 -15.83 -14.51
C THR E 217 -23.60 -16.89 -14.87
N GLY E 218 -23.23 -18.17 -15.06
CA GLY E 218 -24.19 -19.23 -15.40
C GLY E 218 -24.70 -19.20 -16.83
N LEU E 219 -23.89 -18.68 -17.73
CA LEU E 219 -24.24 -18.65 -19.12
C LEU E 219 -23.37 -19.64 -19.88
N LYS E 220 -23.71 -19.87 -21.14
CA LYS E 220 -22.90 -20.66 -22.01
C LYS E 220 -22.19 -19.67 -22.91
N PRO E 221 -20.97 -19.99 -23.37
CA PRO E 221 -20.27 -19.12 -24.33
C PRO E 221 -20.94 -19.05 -25.71
N GLY E 222 -20.99 -17.85 -26.31
CA GLY E 222 -21.67 -17.61 -27.57
C GLY E 222 -20.66 -17.48 -28.68
N ASP E 223 -20.42 -16.24 -29.10
CA ASP E 223 -19.37 -15.95 -30.09
C ASP E 223 -18.29 -15.06 -29.49
N PHE E 224 -17.08 -15.17 -30.05
CA PHE E 224 -16.05 -14.16 -29.93
C PHE E 224 -15.90 -13.48 -31.29
N ILE E 225 -16.06 -12.14 -31.34
CA ILE E 225 -15.92 -11.33 -32.54
C ILE E 225 -14.65 -10.52 -32.41
N HIS E 226 -13.76 -10.62 -33.39
CA HIS E 226 -12.44 -10.01 -33.31
C HIS E 226 -12.40 -9.01 -34.41
N THR E 227 -12.42 -7.74 -33.99
CA THR E 227 -12.32 -6.61 -34.86
C THR E 227 -10.91 -6.01 -34.69
N LEU E 228 -10.29 -5.70 -35.81
CA LEU E 228 -9.02 -5.09 -35.88
C LEU E 228 -9.07 -3.68 -36.53
N GLY E 229 -8.17 -2.82 -36.06
CA GLY E 229 -7.76 -1.61 -36.79
C GLY E 229 -6.66 -1.91 -37.78
N ASP E 230 -5.43 -1.50 -37.49
CA ASP E 230 -4.30 -1.74 -38.37
C ASP E 230 -3.90 -3.20 -38.27
N ALA E 231 -4.34 -3.97 -39.26
CA ALA E 231 -4.02 -5.39 -39.33
C ALA E 231 -2.88 -5.60 -40.29
N HIS E 232 -1.81 -6.22 -39.84
CA HIS E 232 -0.59 -6.20 -40.60
C HIS E 232 0.28 -7.45 -40.42
N ILE E 233 1.05 -7.71 -41.48
CA ILE E 233 2.10 -8.74 -41.54
C ILE E 233 3.46 -8.06 -41.74
N TYR E 234 4.39 -8.30 -40.82
CA TYR E 234 5.77 -7.86 -40.97
C TYR E 234 6.42 -8.61 -42.13
N LEU E 235 7.33 -7.94 -42.83
CA LEU E 235 7.89 -8.57 -44.03
C LEU E 235 8.74 -9.80 -43.63
N ASN E 236 9.28 -9.66 -42.46
CA ASN E 236 9.97 -10.64 -41.75
C ASN E 236 9.21 -11.95 -41.68
N HIS E 237 7.90 -11.88 -41.61
CA HIS E 237 7.04 -13.04 -41.41
C HIS E 237 6.32 -13.61 -42.60
N ILE E 238 6.58 -13.12 -43.78
CA ILE E 238 5.82 -13.53 -44.97
C ILE E 238 6.13 -14.98 -45.33
N GLU E 239 7.41 -15.34 -45.37
CA GLU E 239 7.82 -16.73 -45.72
C GLU E 239 7.29 -17.75 -44.69
N PRO E 240 7.37 -17.43 -43.43
CA PRO E 240 6.82 -18.29 -42.40
C PRO E 240 5.30 -18.39 -42.50
N LEU E 241 4.62 -17.30 -42.81
CA LEU E 241 3.18 -17.31 -42.93
C LEU E 241 2.75 -18.11 -44.13
N LYS E 242 3.52 -18.07 -45.19
CA LYS E 242 3.20 -18.88 -46.40
C LYS E 242 3.33 -20.40 -46.11
N ILE E 243 4.34 -20.79 -45.32
CA ILE E 243 4.43 -22.20 -44.81
C ILE E 243 3.10 -22.53 -44.10
N GLN E 244 2.69 -21.73 -43.14
CA GLN E 244 1.48 -21.98 -42.38
C GLN E 244 0.20 -22.11 -43.19
N LEU E 245 0.02 -21.24 -44.16
CA LEU E 245 -1.17 -21.24 -45.04
C LEU E 245 -1.39 -22.57 -45.77
N GLN E 246 -0.27 -23.24 -46.07
CA GLN E 246 -0.26 -24.61 -46.63
C GLN E 246 -0.92 -25.69 -45.77
N ARG E 247 -1.22 -25.42 -44.49
CA ARG E 247 -1.73 -26.45 -43.59
C ARG E 247 -3.23 -26.43 -43.47
N GLU E 248 -3.76 -27.62 -43.25
CA GLU E 248 -5.19 -27.84 -43.14
C GLU E 248 -5.53 -27.80 -41.62
N PRO E 249 -6.54 -27.01 -41.23
CA PRO E 249 -6.85 -27.00 -39.82
C PRO E 249 -7.28 -28.38 -39.34
N ARG E 250 -6.98 -28.69 -38.08
CA ARG E 250 -7.56 -29.80 -37.33
C ARG E 250 -8.68 -29.23 -36.48
N PRO E 251 -9.69 -30.04 -36.16
CA PRO E 251 -10.71 -29.53 -35.28
C PRO E 251 -10.16 -28.78 -34.04
N PHE E 252 -10.86 -27.70 -33.66
CA PHE E 252 -10.55 -26.97 -32.46
C PHE E 252 -10.75 -27.90 -31.27
N PRO E 253 -9.95 -27.69 -30.19
CA PRO E 253 -10.09 -28.40 -28.94
C PRO E 253 -11.28 -27.91 -28.14
N LYS E 254 -11.45 -28.45 -26.95
CA LYS E 254 -12.47 -28.02 -26.04
C LYS E 254 -11.78 -27.53 -24.81
N LEU E 255 -12.46 -26.62 -24.09
CA LEU E 255 -11.98 -26.02 -22.85
C LEU E 255 -12.84 -26.53 -21.72
N ARG E 256 -12.24 -27.25 -20.79
CA ARG E 256 -12.95 -27.71 -19.62
C ARG E 256 -12.53 -26.86 -18.40
N ILE E 257 -13.53 -26.41 -17.66
CA ILE E 257 -13.33 -25.75 -16.41
C ILE E 257 -13.67 -26.77 -15.32
N LEU E 258 -12.70 -27.13 -14.48
CA LEU E 258 -12.79 -28.36 -13.65
C LEU E 258 -13.56 -28.24 -12.35
N ARG E 259 -13.87 -27.05 -11.85
CA ARG E 259 -14.75 -26.94 -10.68
C ARG E 259 -15.77 -25.82 -10.83
N LYS E 260 -16.69 -25.77 -9.88
CA LYS E 260 -17.58 -24.65 -9.72
C LYS E 260 -16.76 -23.51 -9.04
N VAL E 261 -16.56 -22.40 -9.75
CA VAL E 261 -15.86 -21.20 -9.24
C VAL E 261 -16.88 -20.06 -9.11
N GLU E 262 -16.87 -19.36 -7.98
CA GLU E 262 -17.91 -18.37 -7.67
C GLU E 262 -17.54 -16.94 -8.09
N LYS E 263 -16.28 -16.57 -7.91
CA LYS E 263 -15.77 -15.22 -8.22
C LYS E 263 -14.57 -15.29 -9.17
N ILE E 264 -14.53 -14.35 -10.10
CA ILE E 264 -13.47 -14.19 -11.09
C ILE E 264 -12.05 -14.29 -10.52
N ASP E 265 -11.85 -13.76 -9.32
CA ASP E 265 -10.53 -13.79 -8.63
C ASP E 265 -10.05 -15.18 -8.14
N ASP E 266 -10.98 -16.12 -7.99
CA ASP E 266 -10.67 -17.45 -7.41
C ASP E 266 -10.18 -18.43 -8.46
N PHE E 267 -10.30 -18.09 -9.75
CA PHE E 267 -9.74 -18.92 -10.78
C PHE E 267 -8.26 -19.11 -10.59
N LYS E 268 -7.84 -20.35 -10.80
CA LYS E 268 -6.44 -20.74 -10.84
C LYS E 268 -6.21 -21.53 -12.11
N ALA E 269 -4.96 -21.58 -12.54
CA ALA E 269 -4.55 -22.24 -13.77
C ALA E 269 -4.90 -23.75 -13.92
N GLU E 270 -4.89 -24.45 -12.79
CA GLU E 270 -5.13 -25.89 -12.67
C GLU E 270 -6.63 -26.17 -12.78
N ASP E 271 -7.46 -25.11 -12.63
CA ASP E 271 -8.90 -25.18 -12.89
C ASP E 271 -9.29 -25.34 -14.37
N PHE E 272 -8.36 -25.17 -15.30
CA PHE E 272 -8.69 -25.15 -16.74
C PHE E 272 -8.00 -26.29 -17.42
N GLN E 273 -8.64 -26.90 -18.42
CA GLN E 273 -7.99 -27.93 -19.21
C GLN E 273 -8.42 -27.98 -20.67
N ILE E 274 -7.42 -27.96 -21.54
CA ILE E 274 -7.59 -28.07 -22.98
C ILE E 274 -7.51 -29.54 -23.41
N GLU E 275 -8.66 -30.09 -23.82
CA GLU E 275 -8.75 -31.47 -24.38
C GLU E 275 -8.65 -31.47 -25.87
N GLY E 276 -7.80 -32.36 -26.39
CA GLY E 276 -7.78 -32.71 -27.77
C GLY E 276 -7.25 -31.60 -28.64
N TYR E 277 -6.17 -30.95 -28.19
CA TYR E 277 -5.47 -29.94 -28.97
C TYR E 277 -4.37 -30.65 -29.77
N ASN E 278 -4.48 -30.61 -31.10
CA ASN E 278 -3.56 -31.35 -31.94
C ASN E 278 -3.07 -30.42 -33.01
N PRO E 279 -2.25 -29.44 -32.63
CA PRO E 279 -1.76 -28.46 -33.63
C PRO E 279 -0.62 -28.96 -34.51
N HIS E 280 -0.49 -28.38 -35.69
CA HIS E 280 0.67 -28.56 -36.52
C HIS E 280 1.91 -27.99 -35.76
N PRO E 281 3.13 -28.30 -36.23
CA PRO E 281 4.32 -27.82 -35.47
C PRO E 281 4.39 -26.29 -35.30
N THR E 282 4.99 -25.86 -34.19
CA THR E 282 5.27 -24.43 -34.00
C THR E 282 6.25 -23.95 -35.10
N ILE E 283 6.08 -22.68 -35.42
CA ILE E 283 6.81 -21.96 -36.45
C ILE E 283 7.39 -20.71 -35.86
N LYS E 284 8.70 -20.62 -35.83
CA LYS E 284 9.34 -19.45 -35.30
C LYS E 284 9.15 -18.33 -36.29
N MET E 285 8.99 -17.11 -35.79
CA MET E 285 8.81 -15.99 -36.70
C MET E 285 9.85 -14.87 -36.57
N GLU E 286 10.12 -14.42 -35.36
CA GLU E 286 9.23 -13.63 -34.59
C GLU E 286 9.94 -12.35 -34.17
N MET F 1 -20.48 -8.19 -59.30
CA MET F 1 -19.39 -7.48 -58.49
C MET F 1 -19.86 -7.23 -57.03
N PRO F 2 -18.93 -7.26 -56.04
CA PRO F 2 -19.39 -7.28 -54.61
C PRO F 2 -20.12 -5.98 -54.13
N PRO F 3 -21.07 -6.11 -53.18
CA PRO F 3 -21.84 -4.94 -52.65
C PRO F 3 -20.98 -3.80 -52.10
N HIS F 4 -21.14 -2.61 -52.70
CA HIS F 4 -20.44 -1.39 -52.30
C HIS F 4 -21.44 -0.30 -51.83
N GLY F 5 -20.93 0.63 -51.00
CA GLY F 5 -21.64 1.82 -50.61
C GLY F 5 -22.90 1.55 -49.78
N GLU F 6 -24.01 2.10 -50.26
CA GLU F 6 -25.24 1.99 -49.55
C GLU F 6 -25.74 0.54 -49.45
N LEU F 7 -25.35 -0.28 -50.41
CA LEU F 7 -25.74 -1.70 -50.41
C LEU F 7 -25.22 -2.49 -49.19
N GLN F 8 -24.08 -2.09 -48.64
CA GLN F 8 -23.67 -2.64 -47.32
C GLN F 8 -24.60 -2.37 -46.16
N TYR F 9 -25.07 -1.13 -46.08
CA TYR F 9 -26.01 -0.75 -45.05
C TYR F 9 -27.24 -1.59 -45.26
N LEU F 10 -27.75 -1.63 -46.50
CA LEU F 10 -29.00 -2.39 -46.76
C LEU F 10 -28.79 -3.87 -46.55
N GLY F 11 -27.58 -4.35 -46.84
CA GLY F 11 -27.18 -5.72 -46.54
C GLY F 11 -27.23 -6.02 -45.05
N GLN F 12 -26.74 -5.09 -44.23
CA GLN F 12 -26.79 -5.27 -42.78
C GLN F 12 -28.22 -5.41 -42.24
N ILE F 13 -29.11 -4.59 -42.76
CA ILE F 13 -30.50 -4.60 -42.34
C ILE F 13 -31.07 -6.00 -42.68
N GLN F 14 -30.75 -6.47 -43.88
CA GLN F 14 -31.21 -7.76 -44.41
C GLN F 14 -30.71 -8.93 -43.55
N HIS F 15 -29.43 -8.90 -43.18
CA HIS F 15 -28.88 -9.86 -42.27
C HIS F 15 -29.60 -9.84 -40.93
N ILE F 16 -29.95 -8.67 -40.43
CA ILE F 16 -30.65 -8.61 -39.13
C ILE F 16 -32.08 -9.14 -39.24
N LEU F 17 -32.80 -8.74 -40.27
CA LEU F 17 -34.19 -9.20 -40.42
C LEU F 17 -34.22 -10.72 -40.51
N ARG F 18 -33.25 -11.27 -41.23
CA ARG F 18 -33.14 -12.72 -41.46
C ARG F 18 -32.54 -13.56 -40.29
N CYS F 19 -31.46 -13.08 -39.65
CA CYS F 19 -30.67 -13.83 -38.63
C CYS F 19 -30.71 -13.23 -37.22
N GLY F 20 -31.42 -12.12 -37.06
CA GLY F 20 -31.43 -11.41 -35.80
C GLY F 20 -32.27 -12.14 -34.78
N VAL F 21 -31.90 -12.00 -33.51
CA VAL F 21 -32.63 -12.66 -32.45
C VAL F 21 -33.50 -11.62 -31.78
N ARG F 22 -34.60 -12.05 -31.18
CA ARG F 22 -35.43 -11.17 -30.37
C ARG F 22 -34.88 -10.86 -28.97
N LYS F 23 -34.54 -9.59 -28.73
CA LYS F 23 -34.12 -9.06 -27.42
C LYS F 23 -35.30 -8.28 -26.90
N ASP F 24 -36.33 -9.06 -26.63
CA ASP F 24 -37.66 -8.60 -26.24
C ASP F 24 -37.70 -8.29 -24.72
N GLY F 30 -39.45 -3.92 -28.04
CA GLY F 30 -38.40 -4.90 -28.34
C GLY F 30 -37.67 -4.77 -29.69
N THR F 31 -36.68 -5.66 -29.92
CA THR F 31 -35.75 -5.55 -31.06
C THR F 31 -35.46 -6.89 -31.74
N LEU F 32 -35.06 -6.83 -33.02
CA LEU F 32 -34.26 -7.88 -33.65
C LEU F 32 -32.77 -7.44 -33.57
N SER F 33 -31.91 -8.35 -33.13
CA SER F 33 -30.54 -7.99 -32.91
C SER F 33 -29.45 -9.04 -33.26
N VAL F 34 -28.32 -8.51 -33.70
CA VAL F 34 -27.10 -9.28 -34.03
C VAL F 34 -25.93 -8.56 -33.35
N PHE F 35 -24.98 -9.32 -32.80
CA PHE F 35 -23.82 -8.72 -32.20
C PHE F 35 -22.56 -8.83 -33.06
N GLY F 36 -21.97 -7.69 -33.40
CA GLY F 36 -20.80 -7.70 -34.25
C GLY F 36 -21.11 -7.61 -35.72
N MET F 37 -21.00 -6.40 -36.27
CA MET F 37 -21.10 -6.18 -37.72
C MET F 37 -20.07 -5.15 -38.17
N GLN F 38 -19.80 -5.12 -39.47
CA GLN F 38 -18.84 -4.22 -40.02
C GLN F 38 -19.17 -3.93 -41.47
N ALA F 39 -19.03 -2.66 -41.86
CA ALA F 39 -19.25 -2.17 -43.23
C ALA F 39 -18.15 -1.19 -43.56
N ARG F 40 -17.82 -1.08 -44.83
CA ARG F 40 -16.78 -0.21 -45.29
C ARG F 40 -17.42 0.77 -46.30
N TYR F 41 -17.33 2.07 -46.07
CA TYR F 41 -17.85 3.08 -47.00
C TYR F 41 -16.67 3.85 -47.55
N SER F 42 -16.41 3.71 -48.85
CA SER F 42 -15.43 4.54 -49.53
C SER F 42 -15.79 6.03 -49.42
N LEU F 43 -14.77 6.86 -49.17
CA LEU F 43 -14.92 8.30 -49.09
C LEU F 43 -14.27 8.96 -50.30
N ARG F 44 -13.88 8.19 -51.33
CA ARG F 44 -13.08 8.75 -52.43
C ARG F 44 -14.00 9.38 -53.45
N ASP F 45 -14.02 10.71 -53.51
CA ASP F 45 -14.89 11.45 -54.44
C ASP F 45 -16.41 11.27 -54.25
N GLU F 46 -16.82 10.84 -53.06
CA GLU F 46 -18.22 10.69 -52.71
C GLU F 46 -18.38 10.79 -51.18
N PHE F 47 -19.61 10.95 -50.73
CA PHE F 47 -19.85 11.14 -49.30
C PHE F 47 -21.04 10.29 -48.94
N PRO F 48 -20.86 9.39 -47.97
CA PRO F 48 -21.87 8.39 -47.69
C PRO F 48 -23.08 8.95 -46.93
N LEU F 49 -23.81 9.88 -47.54
CA LEU F 49 -25.10 10.32 -46.99
C LEU F 49 -26.18 9.48 -47.65
N LEU F 50 -26.84 8.61 -46.88
CA LEU F 50 -27.70 7.57 -47.50
C LEU F 50 -28.82 8.16 -48.30
N THR F 51 -29.15 7.48 -49.41
CA THR F 51 -30.15 7.89 -50.34
C THR F 51 -31.46 7.15 -50.27
N THR F 52 -31.54 5.97 -49.65
CA THR F 52 -32.83 5.28 -49.63
C THR F 52 -33.81 5.88 -48.65
N LYS F 53 -33.33 6.80 -47.82
CA LYS F 53 -34.15 7.65 -46.96
C LYS F 53 -33.27 8.83 -46.55
N ARG F 54 -33.86 10.01 -46.44
CA ARG F 54 -33.11 11.23 -46.19
C ARG F 54 -32.45 11.24 -44.78
N VAL F 55 -31.19 11.62 -44.71
CA VAL F 55 -30.54 11.86 -43.44
C VAL F 55 -30.58 13.38 -43.10
N PHE F 56 -30.76 13.67 -41.80
CA PHE F 56 -30.86 15.04 -41.27
C PHE F 56 -29.46 15.71 -41.26
N TRP F 57 -29.04 16.13 -42.45
CA TRP F 57 -27.70 16.62 -42.69
C TRP F 57 -27.32 17.76 -41.74
N LYS F 58 -28.23 18.72 -41.54
CA LYS F 58 -27.97 19.90 -40.73
C LYS F 58 -27.71 19.44 -39.30
N GLY F 59 -28.48 18.46 -38.83
CA GLY F 59 -28.23 17.84 -37.54
C GLY F 59 -26.81 17.28 -37.48
N VAL F 60 -26.40 16.57 -38.51
CA VAL F 60 -25.08 15.97 -38.56
C VAL F 60 -23.97 17.02 -38.36
N LEU F 61 -24.04 18.11 -39.11
CA LEU F 61 -22.97 19.07 -39.21
C LEU F 61 -22.95 19.95 -37.95
N GLU F 62 -24.10 20.44 -37.52
CA GLU F 62 -24.14 21.24 -36.28
C GLU F 62 -23.76 20.43 -35.02
N GLU F 63 -24.14 19.16 -34.96
CA GLU F 63 -23.73 18.33 -33.84
C GLU F 63 -22.21 18.17 -33.83
N LEU F 64 -21.59 17.90 -34.97
CA LEU F 64 -20.17 17.74 -34.99
C LEU F 64 -19.40 19.02 -34.62
N LEU F 65 -19.87 20.18 -35.09
CA LEU F 65 -19.23 21.46 -34.69
C LEU F 65 -19.40 21.67 -33.20
N TRP F 66 -20.55 21.25 -32.70
CA TRP F 66 -20.86 21.41 -31.30
C TRP F 66 -19.86 20.57 -30.50
N PHE F 67 -19.64 19.29 -30.89
CA PHE F 67 -18.61 18.42 -30.26
C PHE F 67 -17.21 19.03 -30.33
N ILE F 68 -16.87 19.52 -31.51
CA ILE F 68 -15.54 20.09 -31.71
C ILE F 68 -15.27 21.27 -30.74
N LYS F 69 -16.30 22.07 -30.48
CA LYS F 69 -16.24 23.18 -29.55
C LYS F 69 -15.94 22.73 -28.13
N GLY F 70 -16.14 21.45 -27.81
CA GLY F 70 -16.02 20.94 -26.44
C GLY F 70 -17.30 21.09 -25.60
N SER F 71 -18.42 21.37 -26.26
CA SER F 71 -19.61 21.82 -25.54
C SER F 71 -20.35 20.61 -24.99
N THR F 72 -20.86 20.78 -23.78
CA THR F 72 -21.76 19.81 -23.15
C THR F 72 -23.10 20.40 -22.81
N ASN F 73 -23.41 21.51 -23.47
CA ASN F 73 -24.60 22.28 -23.22
C ASN F 73 -25.58 22.08 -24.36
N ALA F 74 -26.64 21.31 -24.12
CA ALA F 74 -27.62 20.96 -25.14
C ALA F 74 -28.31 22.19 -25.75
N LYS F 75 -28.51 23.22 -24.92
CA LYS F 75 -29.12 24.46 -25.33
C LYS F 75 -28.33 25.17 -26.39
N GLU F 76 -27.01 24.96 -26.36
CA GLU F 76 -26.13 25.49 -27.40
C GLU F 76 -26.32 24.79 -28.74
N LEU F 77 -26.60 23.47 -28.75
CA LEU F 77 -26.98 22.79 -30.00
C LEU F 77 -28.41 23.12 -30.42
N SER F 78 -29.33 23.14 -29.47
CA SER F 78 -30.76 23.53 -29.70
C SER F 78 -30.93 24.96 -30.27
N SER F 79 -30.03 25.88 -29.91
CA SER F 79 -30.09 27.22 -30.44
C SER F 79 -29.79 27.26 -31.97
N LYS F 80 -29.15 26.21 -32.51
CA LYS F 80 -28.88 26.11 -33.94
C LYS F 80 -29.95 25.34 -34.71
N GLY F 81 -31.11 25.11 -34.10
CA GLY F 81 -32.18 24.35 -34.79
C GLY F 81 -32.14 22.81 -34.66
N VAL F 82 -31.24 22.28 -33.83
CA VAL F 82 -31.02 20.85 -33.69
C VAL F 82 -31.38 20.38 -32.25
N LYS F 83 -32.47 19.66 -32.16
CA LYS F 83 -33.15 19.38 -30.91
C LYS F 83 -32.79 18.00 -30.39
N ILE F 84 -31.86 17.31 -31.05
CA ILE F 84 -31.65 15.87 -30.81
C ILE F 84 -31.14 15.54 -29.39
N TRP F 85 -30.47 16.48 -28.73
CA TRP F 85 -30.00 16.26 -27.37
C TRP F 85 -30.88 16.85 -26.29
N ASP F 86 -31.90 17.61 -26.68
CA ASP F 86 -32.69 18.41 -25.74
C ASP F 86 -33.43 17.63 -24.68
N ALA F 87 -34.03 16.51 -25.03
CA ALA F 87 -34.68 15.68 -24.00
C ALA F 87 -33.68 15.16 -22.95
N ASN F 88 -32.44 14.92 -23.36
CA ASN F 88 -31.44 14.42 -22.42
C ASN F 88 -30.95 15.46 -21.41
N GLY F 89 -31.20 16.72 -21.68
CA GLY F 89 -30.79 17.80 -20.80
C GLY F 89 -31.93 18.48 -20.08
N SER F 90 -33.14 17.92 -20.18
CA SER F 90 -34.34 18.53 -19.61
C SER F 90 -34.34 18.47 -18.06
N ARG F 91 -35.04 19.42 -17.46
CA ARG F 91 -35.10 19.49 -16.00
C ARG F 91 -35.49 18.13 -15.43
N ASP F 92 -36.50 17.54 -16.03
CA ASP F 92 -37.07 16.31 -15.54
C ASP F 92 -36.18 15.09 -15.68
N PHE F 93 -35.64 14.92 -16.88
CA PHE F 93 -34.63 13.88 -17.11
C PHE F 93 -33.40 13.99 -16.22
N LEU F 94 -32.84 15.19 -16.05
CA LEU F 94 -31.68 15.35 -15.16
C LEU F 94 -32.06 15.02 -13.69
N ASP F 95 -33.26 15.44 -13.29
CA ASP F 95 -33.81 15.14 -11.95
C ASP F 95 -33.89 13.64 -11.73
N SER F 96 -34.40 12.90 -12.71
CA SER F 96 -34.46 11.43 -12.62
C SER F 96 -33.11 10.72 -12.49
N LEU F 97 -32.03 11.36 -12.93
CA LEU F 97 -30.67 10.82 -12.72
C LEU F 97 -30.03 11.22 -11.37
N GLY F 98 -30.69 12.08 -10.59
CA GLY F 98 -30.21 12.53 -9.28
C GLY F 98 -29.41 13.82 -9.36
N PHE F 99 -29.49 14.50 -10.52
CA PHE F 99 -28.81 15.80 -10.81
C PHE F 99 -29.75 16.96 -10.70
N SER F 100 -30.44 17.08 -9.56
CA SER F 100 -31.41 18.15 -9.37
C SER F 100 -30.80 19.55 -9.22
N THR F 101 -29.52 19.62 -8.91
CA THR F 101 -28.79 20.88 -8.76
C THR F 101 -28.23 21.47 -10.09
N ARG F 102 -28.23 20.62 -11.12
CA ARG F 102 -27.56 20.88 -12.40
C ARG F 102 -28.47 21.75 -13.24
N GLU F 103 -27.92 22.72 -13.95
CA GLU F 103 -28.76 23.59 -14.75
C GLU F 103 -29.31 22.77 -15.96
N GLU F 104 -30.54 23.05 -16.37
CA GLU F 104 -31.16 22.49 -17.58
C GLU F 104 -30.22 22.64 -18.76
N GLY F 105 -30.00 21.56 -19.50
CA GLY F 105 -29.09 21.54 -20.64
C GLY F 105 -27.70 20.95 -20.39
N ASP F 106 -27.32 20.83 -19.13
CA ASP F 106 -26.02 20.29 -18.81
C ASP F 106 -26.06 18.76 -18.85
N LEU F 107 -25.51 18.26 -19.93
CA LEU F 107 -25.47 16.84 -20.22
C LEU F 107 -24.35 16.09 -19.46
N GLY F 108 -23.52 16.84 -18.72
CA GLY F 108 -22.35 16.25 -18.05
C GLY F 108 -21.22 15.99 -19.03
N PRO F 109 -20.22 15.16 -18.66
CA PRO F 109 -19.03 15.10 -19.53
C PRO F 109 -19.22 14.15 -20.75
N VAL F 110 -20.00 14.59 -21.73
CA VAL F 110 -20.29 13.76 -22.91
C VAL F 110 -19.21 14.01 -23.98
N TYR F 111 -19.52 13.75 -25.24
CA TYR F 111 -18.51 13.67 -26.29
C TYR F 111 -17.53 14.86 -26.31
N GLY F 112 -18.05 16.09 -26.35
CA GLY F 112 -17.21 17.26 -26.53
C GLY F 112 -16.14 17.36 -25.44
N PHE F 113 -16.59 17.16 -24.21
CA PHE F 113 -15.71 17.21 -23.06
C PHE F 113 -14.63 16.09 -23.12
N GLN F 114 -14.97 14.84 -23.44
CA GLN F 114 -13.97 13.79 -23.59
C GLN F 114 -12.99 13.95 -24.76
N TRP F 115 -13.45 14.46 -25.88
CA TRP F 115 -12.62 14.68 -27.03
C TRP F 115 -11.56 15.79 -26.80
N ARG F 116 -11.94 16.83 -26.06
CA ARG F 116 -11.09 17.97 -25.78
C ARG F 116 -10.46 18.03 -24.40
N HIS F 117 -11.00 17.34 -23.39
CA HIS F 117 -10.57 17.44 -22.00
C HIS F 117 -10.58 16.11 -21.25
N PHE F 118 -10.30 15.03 -21.96
CA PHE F 118 -10.35 13.69 -21.37
C PHE F 118 -9.54 13.65 -20.05
N GLY F 119 -10.22 13.30 -18.97
CA GLY F 119 -9.59 13.02 -17.67
C GLY F 119 -9.59 14.22 -16.72
N ALA F 120 -10.08 15.37 -17.18
CA ALA F 120 -10.11 16.53 -16.35
C ALA F 120 -11.34 16.37 -15.50
N GLU F 121 -11.43 17.17 -14.46
CA GLU F 121 -12.50 17.04 -13.48
C GLU F 121 -13.70 17.88 -13.95
N TYR F 122 -14.85 17.25 -14.17
CA TYR F 122 -16.03 17.97 -14.69
C TYR F 122 -16.72 18.78 -13.61
N ARG F 123 -17.00 20.03 -13.85
CA ARG F 123 -17.76 20.79 -12.85
C ARG F 123 -19.16 21.00 -13.40
N ASP F 124 -19.32 21.95 -14.32
CA ASP F 124 -20.58 22.15 -15.05
C ASP F 124 -20.29 22.57 -16.49
N MET F 125 -21.34 22.64 -17.26
CA MET F 125 -21.19 22.97 -18.66
C MET F 125 -20.68 24.40 -18.91
N GLU F 126 -20.75 25.30 -17.95
CA GLU F 126 -20.19 26.66 -18.16
C GLU F 126 -18.72 26.85 -17.74
N SER F 127 -18.07 25.85 -17.08
CA SER F 127 -16.71 26.02 -16.54
C SER F 127 -15.67 26.13 -17.68
N ASP F 128 -14.54 26.77 -17.37
CA ASP F 128 -13.43 26.88 -18.24
C ASP F 128 -12.56 25.64 -17.99
N TYR F 129 -12.33 24.84 -19.03
CA TYR F 129 -11.49 23.66 -18.95
C TYR F 129 -10.19 23.80 -19.74
N SER F 130 -9.90 25.00 -20.21
CA SER F 130 -8.64 25.33 -20.92
C SER F 130 -7.39 24.76 -20.29
N GLY F 131 -6.67 23.95 -21.08
CA GLY F 131 -5.42 23.30 -20.67
C GLY F 131 -5.59 22.05 -19.81
N GLN F 132 -6.82 21.69 -19.47
CA GLN F 132 -7.00 20.57 -18.56
C GLN F 132 -7.36 19.35 -19.37
N GLY F 133 -6.84 18.21 -18.95
CA GLY F 133 -7.18 16.91 -19.51
C GLY F 133 -6.46 16.78 -20.81
N VAL F 134 -6.79 15.72 -21.54
CA VAL F 134 -6.10 15.41 -22.78
C VAL F 134 -6.92 15.86 -23.97
N ASP F 135 -6.29 16.68 -24.82
CA ASP F 135 -6.96 17.15 -26.02
C ASP F 135 -6.80 16.10 -27.12
N GLN F 136 -7.64 15.07 -27.07
CA GLN F 136 -7.47 13.94 -27.99
C GLN F 136 -7.67 14.34 -29.45
N LEU F 137 -8.59 15.26 -29.73
CA LEU F 137 -8.84 15.65 -31.12
C LEU F 137 -7.57 16.30 -31.72
N GLN F 138 -7.02 17.28 -31.03
CA GLN F 138 -5.83 17.97 -31.53
C GLN F 138 -4.65 17.01 -31.54
N ARG F 139 -4.54 16.10 -30.54
CA ARG F 139 -3.48 15.08 -30.58
C ARG F 139 -3.58 14.21 -31.80
N VAL F 140 -4.81 13.86 -32.19
CA VAL F 140 -5.03 13.06 -33.42
C VAL F 140 -4.42 13.79 -34.60
N ILE F 141 -4.73 15.08 -34.67
CA ILE F 141 -4.34 15.87 -35.83
C ILE F 141 -2.81 16.02 -35.91
N ASP F 142 -2.20 16.33 -34.79
CA ASP F 142 -0.76 16.45 -34.68
C ASP F 142 -0.06 15.15 -35.05
N THR F 143 -0.58 14.00 -34.61
CA THR F 143 0.07 12.70 -34.90
C THR F 143 -0.02 12.34 -36.39
N ILE F 144 -1.14 12.67 -37.02
CA ILE F 144 -1.31 12.44 -38.42
C ILE F 144 -0.23 13.22 -39.23
N LYS F 145 -0.04 14.48 -38.89
CA LYS F 145 0.93 15.31 -39.54
C LYS F 145 2.36 14.80 -39.35
N THR F 146 2.77 14.59 -38.10
CA THR F 146 4.15 14.28 -37.75
C THR F 146 4.51 12.80 -37.80
N ASN F 147 3.55 11.89 -37.63
CA ASN F 147 3.86 10.44 -37.72
C ASN F 147 2.68 9.65 -38.20
N PRO F 148 2.34 9.80 -39.47
CA PRO F 148 1.15 9.12 -40.03
C PRO F 148 1.09 7.59 -39.96
N ASP F 149 2.23 6.94 -39.76
CA ASP F 149 2.30 5.47 -39.70
C ASP F 149 1.84 4.89 -38.39
N ASP F 150 1.72 5.78 -37.41
CA ASP F 150 1.31 5.46 -36.04
C ASP F 150 0.01 4.66 -36.00
N ARG F 151 0.05 3.59 -35.21
CA ARG F 151 -1.07 2.73 -34.99
C ARG F 151 -1.89 3.00 -33.71
N ARG F 152 -1.69 4.15 -33.08
CA ARG F 152 -2.36 4.57 -31.85
C ARG F 152 -3.16 5.92 -32.02
N ILE F 153 -3.60 6.22 -33.24
CA ILE F 153 -4.27 7.48 -33.51
C ILE F 153 -5.75 7.26 -33.15
N ILE F 154 -6.03 7.45 -31.86
CA ILE F 154 -7.28 7.05 -31.29
C ILE F 154 -7.95 8.20 -30.53
N MET F 155 -9.26 8.32 -30.68
CA MET F 155 -10.08 9.24 -29.86
C MET F 155 -11.12 8.43 -29.12
N CYS F 156 -11.10 8.47 -27.79
CA CYS F 156 -11.96 7.63 -26.98
C CYS F 156 -12.95 8.49 -26.23
N ALA F 157 -14.25 8.17 -26.29
CA ALA F 157 -15.27 8.87 -25.51
C ALA F 157 -15.69 8.08 -24.29
N TRP F 158 -15.38 6.79 -24.26
CA TRP F 158 -15.75 5.93 -23.13
C TRP F 158 -14.80 6.21 -22.01
N ASN F 159 -15.30 6.82 -20.94
CA ASN F 159 -14.52 7.12 -19.73
C ASN F 159 -15.34 6.55 -18.55
N PRO F 160 -15.05 5.30 -18.12
CA PRO F 160 -15.72 4.63 -17.00
C PRO F 160 -15.89 5.51 -15.76
N ARG F 161 -14.88 6.31 -15.47
CA ARG F 161 -14.93 7.18 -14.30
C ARG F 161 -16.00 8.27 -14.44
N ASP F 162 -16.17 8.81 -15.64
CA ASP F 162 -17.16 9.86 -15.89
C ASP F 162 -18.55 9.35 -16.26
N LEU F 163 -18.72 8.08 -16.66
CA LEU F 163 -20.08 7.53 -16.96
C LEU F 163 -21.22 7.89 -15.96
N PRO F 164 -21.02 7.73 -14.64
CA PRO F 164 -22.13 8.13 -13.73
C PRO F 164 -22.51 9.63 -13.84
N LEU F 165 -21.58 10.50 -14.21
CA LEU F 165 -21.95 11.90 -14.39
C LEU F 165 -22.67 12.25 -15.73
N MET F 166 -22.68 11.33 -16.68
CA MET F 166 -23.25 11.66 -17.98
C MET F 166 -24.76 11.44 -18.08
N ALA F 167 -25.38 12.29 -18.87
CA ALA F 167 -26.77 12.17 -19.20
C ALA F 167 -27.07 10.87 -19.93
N LEU F 168 -26.22 10.50 -20.91
CA LEU F 168 -26.23 9.18 -21.61
C LEU F 168 -24.83 8.67 -21.73
N PRO F 169 -24.63 7.35 -21.60
CA PRO F 169 -23.30 6.87 -21.93
C PRO F 169 -23.12 6.88 -23.44
N PRO F 170 -21.91 7.21 -23.90
CA PRO F 170 -21.78 7.31 -25.36
C PRO F 170 -22.08 6.00 -26.08
N CYS F 171 -22.83 6.05 -27.19
CA CYS F 171 -22.84 5.02 -28.24
C CYS F 171 -21.50 4.84 -29.01
N HIS F 172 -20.83 5.95 -29.31
CA HIS F 172 -19.60 5.91 -30.12
C HIS F 172 -18.40 5.88 -29.21
N ALA F 173 -17.98 4.68 -28.84
CA ALA F 173 -17.07 4.51 -27.75
C ALA F 173 -15.69 5.02 -28.16
N LEU F 174 -15.33 4.81 -29.41
CA LEU F 174 -14.04 5.18 -29.88
C LEU F 174 -13.94 5.11 -31.37
N CYS F 175 -13.03 5.92 -31.88
CA CYS F 175 -12.67 5.88 -33.26
C CYS F 175 -11.17 5.88 -33.38
N GLN F 176 -10.68 5.29 -34.48
CA GLN F 176 -9.27 5.23 -34.79
C GLN F 176 -9.07 5.73 -36.19
N PHE F 177 -7.95 6.42 -36.37
CA PHE F 177 -7.52 6.89 -37.68
C PHE F 177 -6.35 6.13 -38.25
N TYR F 178 -6.23 6.15 -39.59
CA TYR F 178 -5.19 5.37 -40.29
C TYR F 178 -4.72 6.04 -41.56
N VAL F 179 -3.40 6.05 -41.79
CA VAL F 179 -2.89 6.66 -43.00
C VAL F 179 -1.99 5.77 -43.84
N VAL F 180 -2.31 5.75 -45.14
CA VAL F 180 -1.45 5.14 -46.14
C VAL F 180 -1.73 5.74 -47.51
N ASN F 181 -0.65 5.94 -48.31
CA ASN F 181 -0.73 6.49 -49.66
C ASN F 181 -1.50 7.80 -49.76
N SER F 182 -1.21 8.71 -48.84
CA SER F 182 -1.93 9.98 -48.72
C SER F 182 -3.49 9.95 -48.53
N GLU F 183 -4.01 8.78 -48.10
CA GLU F 183 -5.42 8.66 -47.78
C GLU F 183 -5.62 8.49 -46.25
N LEU F 184 -6.55 9.26 -45.68
CA LEU F 184 -6.93 9.14 -44.29
C LEU F 184 -8.18 8.29 -44.18
N SER F 185 -8.09 7.20 -43.42
CA SER F 185 -9.24 6.39 -43.07
C SER F 185 -9.58 6.46 -41.55
N CYS F 186 -10.80 6.08 -41.23
CA CYS F 186 -11.36 6.15 -39.89
C CYS F 186 -12.20 4.92 -39.62
N GLN F 187 -12.01 4.29 -38.47
CA GLN F 187 -12.91 3.26 -38.02
C GLN F 187 -13.60 3.67 -36.75
N LEU F 188 -14.91 3.42 -36.70
CA LEU F 188 -15.73 3.75 -35.53
C LEU F 188 -16.17 2.48 -34.85
N TYR F 189 -15.98 2.43 -33.51
CA TYR F 189 -16.60 1.39 -32.67
C TYR F 189 -17.84 1.97 -32.09
N GLN F 190 -18.98 1.55 -32.60
CA GLN F 190 -20.26 1.94 -32.07
C GLN F 190 -20.84 0.78 -31.28
N ARG F 191 -21.06 0.96 -29.96
CA ARG F 191 -21.48 -0.16 -29.11
C ARG F 191 -22.93 -0.56 -29.30
N SER F 192 -23.72 0.33 -29.89
CA SER F 192 -25.11 0.11 -30.02
C SER F 192 -25.69 0.94 -31.11
N GLY F 193 -26.40 0.28 -32.00
CA GLY F 193 -26.84 0.90 -33.25
C GLY F 193 -28.26 0.55 -33.67
N ASP F 194 -29.07 1.58 -33.70
CA ASP F 194 -30.43 1.53 -34.25
C ASP F 194 -30.33 1.81 -35.76
N MET F 195 -30.58 0.77 -36.56
CA MET F 195 -30.24 0.81 -38.00
C MET F 195 -31.20 1.69 -38.78
N GLY F 196 -32.45 1.72 -38.32
CA GLY F 196 -33.48 2.57 -38.90
C GLY F 196 -33.19 4.05 -38.80
N LEU F 197 -32.86 4.53 -37.60
CA LEU F 197 -32.78 5.99 -37.30
C LEU F 197 -31.34 6.54 -37.11
N GLY F 198 -30.67 6.10 -36.06
CA GLY F 198 -29.32 6.56 -35.77
C GLY F 198 -28.21 6.23 -36.76
N VAL F 199 -28.15 4.98 -37.21
CA VAL F 199 -27.01 4.53 -37.99
C VAL F 199 -26.66 5.37 -39.25
N PRO F 200 -27.61 5.68 -40.16
CA PRO F 200 -27.36 6.68 -41.26
C PRO F 200 -26.73 8.01 -40.79
N PHE F 201 -27.26 8.52 -39.69
CA PHE F 201 -26.74 9.73 -39.04
C PHE F 201 -25.28 9.53 -38.57
N ASN F 202 -25.04 8.42 -37.86
CA ASN F 202 -23.71 8.10 -37.36
C ASN F 202 -22.65 7.98 -38.47
N ILE F 203 -22.99 7.27 -39.54
CA ILE F 203 -22.09 7.16 -40.68
C ILE F 203 -21.75 8.56 -41.23
N ALA F 204 -22.78 9.40 -41.38
CA ALA F 204 -22.56 10.70 -41.97
C ALA F 204 -21.60 11.53 -41.07
N SER F 205 -21.75 11.41 -39.75
CA SER F 205 -20.95 12.17 -38.76
C SER F 205 -19.46 11.89 -38.86
N TYR F 206 -19.13 10.59 -38.80
CA TYR F 206 -17.75 10.17 -38.79
C TYR F 206 -17.10 10.32 -40.16
N ALA F 207 -17.84 10.14 -41.22
CA ALA F 207 -17.36 10.52 -42.54
C ALA F 207 -17.06 12.02 -42.61
N LEU F 208 -17.94 12.81 -41.99
CA LEU F 208 -17.76 14.27 -41.99
C LEU F 208 -16.48 14.60 -41.23
N LEU F 209 -16.31 13.95 -40.10
CA LEU F 209 -15.15 14.16 -39.25
C LEU F 209 -13.89 13.83 -40.03
N THR F 210 -13.90 12.71 -40.76
CA THR F 210 -12.76 12.31 -41.56
C THR F 210 -12.44 13.31 -42.69
N TYR F 211 -13.47 13.76 -43.39
CA TYR F 211 -13.27 14.84 -44.38
C TYR F 211 -12.62 16.07 -43.75
N MET F 212 -13.09 16.46 -42.56
CA MET F 212 -12.54 17.61 -41.88
C MET F 212 -11.06 17.37 -41.54
N ILE F 213 -10.73 16.21 -40.95
CA ILE F 213 -9.35 15.99 -40.49
C ILE F 213 -8.42 15.87 -41.70
N ALA F 214 -8.91 15.21 -42.75
CA ALA F 214 -8.19 15.10 -44.00
C ALA F 214 -7.87 16.47 -44.56
N HIS F 215 -8.86 17.37 -44.56
CA HIS F 215 -8.65 18.71 -45.07
C HIS F 215 -7.56 19.45 -44.27
N ILE F 216 -7.59 19.30 -42.95
CA ILE F 216 -6.66 19.97 -42.06
C ILE F 216 -5.23 19.43 -42.26
N THR F 217 -5.09 18.16 -42.63
CA THR F 217 -3.79 17.50 -42.60
C THR F 217 -3.17 17.38 -43.99
N GLY F 218 -3.88 17.88 -45.02
CA GLY F 218 -3.45 17.78 -46.42
C GLY F 218 -3.53 16.39 -47.03
N LEU F 219 -4.45 15.58 -46.54
CA LEU F 219 -4.62 14.22 -47.01
C LEU F 219 -5.94 14.15 -47.78
N LYS F 220 -6.10 13.06 -48.55
CA LYS F 220 -7.40 12.75 -49.18
C LYS F 220 -8.18 11.74 -48.36
N PRO F 221 -9.51 11.89 -48.30
CA PRO F 221 -10.35 10.86 -47.62
C PRO F 221 -10.22 9.47 -48.23
N GLY F 222 -10.16 8.45 -47.36
CA GLY F 222 -9.96 7.06 -47.74
C GLY F 222 -11.22 6.26 -47.51
N ASP F 223 -11.21 5.41 -46.47
CA ASP F 223 -12.42 4.66 -46.07
C ASP F 223 -12.94 5.11 -44.70
N PHE F 224 -14.24 4.96 -44.48
CA PHE F 224 -14.85 4.97 -43.17
C PHE F 224 -15.29 3.55 -42.93
N ILE F 225 -14.77 2.93 -41.84
CA ILE F 225 -15.18 1.60 -41.43
C ILE F 225 -16.08 1.69 -40.19
N HIS F 226 -17.27 1.09 -40.27
CA HIS F 226 -18.30 1.23 -39.25
C HIS F 226 -18.43 -0.12 -38.58
N THR F 227 -17.97 -0.22 -37.34
CA THR F 227 -18.07 -1.45 -36.57
C THR F 227 -19.19 -1.33 -35.51
N LEU F 228 -20.07 -2.34 -35.43
CA LEU F 228 -21.13 -2.32 -34.41
C LEU F 228 -21.02 -3.43 -33.34
N GLY F 229 -21.34 -3.07 -32.11
CA GLY F 229 -21.68 -4.03 -31.10
C GLY F 229 -23.10 -4.56 -31.30
N ASP F 230 -24.03 -4.07 -30.50
CA ASP F 230 -25.41 -4.49 -30.58
C ASP F 230 -26.12 -3.73 -31.72
N ALA F 231 -26.26 -4.42 -32.84
CA ALA F 231 -26.85 -3.92 -34.05
C ALA F 231 -28.32 -4.33 -34.07
N HIS F 232 -29.21 -3.36 -34.02
CA HIS F 232 -30.64 -3.76 -33.94
C HIS F 232 -31.59 -2.91 -34.79
N ILE F 233 -32.76 -3.51 -35.00
CA ILE F 233 -33.96 -2.87 -35.60
C ILE F 233 -35.10 -3.00 -34.58
N TYR F 234 -35.79 -1.91 -34.32
CA TYR F 234 -36.98 -1.91 -33.50
C TYR F 234 -38.13 -2.58 -34.23
N LEU F 235 -38.86 -3.46 -33.54
CA LEU F 235 -39.91 -4.26 -34.18
C LEU F 235 -40.88 -3.40 -35.01
N ASN F 236 -41.36 -2.30 -34.42
CA ASN F 236 -42.15 -1.26 -35.14
C ASN F 236 -41.54 -0.66 -36.44
N HIS F 237 -40.21 -0.70 -36.58
CA HIS F 237 -39.54 -0.27 -37.82
C HIS F 237 -39.42 -1.38 -38.92
N ILE F 238 -39.94 -2.59 -38.72
CA ILE F 238 -39.68 -3.70 -39.67
C ILE F 238 -40.37 -3.45 -41.02
N GLU F 239 -41.68 -3.18 -41.00
CA GLU F 239 -42.42 -3.03 -42.26
C GLU F 239 -41.92 -1.85 -43.09
N PRO F 240 -41.64 -0.70 -42.45
CA PRO F 240 -41.10 0.46 -43.21
C PRO F 240 -39.72 0.24 -43.81
N LEU F 241 -38.84 -0.40 -43.04
CA LEU F 241 -37.53 -0.88 -43.53
C LEU F 241 -37.66 -1.89 -44.67
N LYS F 242 -38.66 -2.75 -44.58
CA LYS F 242 -38.93 -3.68 -45.66
C LYS F 242 -39.24 -2.97 -47.00
N ILE F 243 -39.90 -1.81 -46.94
CA ILE F 243 -40.15 -1.03 -48.18
C ILE F 243 -38.86 -0.34 -48.67
N GLN F 244 -38.10 0.23 -47.73
CA GLN F 244 -36.86 0.96 -48.04
C GLN F 244 -35.80 0.02 -48.60
N LEU F 245 -35.80 -1.24 -48.15
CA LEU F 245 -34.86 -2.23 -48.70
C LEU F 245 -34.95 -2.42 -50.21
N GLN F 246 -36.11 -2.12 -50.77
CA GLN F 246 -36.30 -2.29 -52.21
C GLN F 246 -36.17 -1.03 -53.01
N ARG F 247 -36.00 0.11 -52.37
CA ARG F 247 -35.67 1.32 -53.12
C ARG F 247 -34.26 1.18 -53.70
N GLU F 248 -34.13 1.53 -54.99
CA GLU F 248 -32.86 1.48 -55.72
C GLU F 248 -31.97 2.59 -55.21
N PRO F 249 -30.78 2.26 -54.68
CA PRO F 249 -29.93 3.36 -54.24
C PRO F 249 -29.51 4.25 -55.39
N ARG F 250 -29.33 5.51 -55.08
CA ARG F 250 -28.85 6.46 -56.05
C ARG F 250 -27.38 6.72 -55.71
N PRO F 251 -26.63 7.30 -56.67
CA PRO F 251 -25.25 7.71 -56.37
C PRO F 251 -25.17 8.60 -55.13
N PHE F 252 -24.17 8.34 -54.30
CA PHE F 252 -23.89 9.23 -53.18
C PHE F 252 -23.63 10.63 -53.66
N PRO F 253 -23.91 11.62 -52.82
CA PRO F 253 -23.53 12.96 -53.13
C PRO F 253 -22.05 13.21 -52.89
N LYS F 254 -21.62 14.44 -53.07
CA LYS F 254 -20.27 14.84 -52.81
C LYS F 254 -20.26 15.93 -51.75
N LEU F 255 -19.21 15.96 -50.96
CA LEU F 255 -19.05 17.01 -49.97
C LEU F 255 -17.96 17.98 -50.45
N ARG F 256 -18.33 19.25 -50.52
N ARG F 256 -18.35 19.26 -50.58
CA ARG F 256 -17.46 20.33 -50.94
CA ARG F 256 -17.45 20.36 -50.95
C ARG F 256 -17.14 21.17 -49.71
C ARG F 256 -17.13 21.16 -49.69
N ILE F 257 -15.85 21.45 -49.49
CA ILE F 257 -15.40 22.37 -48.45
C ILE F 257 -14.95 23.63 -49.18
N LEU F 258 -15.56 24.75 -48.84
CA LEU F 258 -15.59 25.95 -49.72
C LEU F 258 -14.45 26.93 -49.52
N ARG F 259 -13.67 26.79 -48.45
CA ARG F 259 -12.43 27.55 -48.27
C ARG F 259 -11.38 26.67 -47.66
N LYS F 260 -10.15 27.19 -47.65
CA LYS F 260 -8.98 26.54 -47.06
C LYS F 260 -8.93 26.86 -45.55
N VAL F 261 -8.92 25.82 -44.70
CA VAL F 261 -9.06 25.96 -43.23
C VAL F 261 -7.89 25.26 -42.51
N GLU F 262 -7.30 25.96 -41.54
CA GLU F 262 -6.00 25.55 -40.97
C GLU F 262 -6.12 24.79 -39.64
N LYS F 263 -7.06 25.20 -38.80
CA LYS F 263 -7.31 24.59 -37.49
C LYS F 263 -8.72 24.03 -37.51
N ILE F 264 -8.90 22.82 -36.99
CA ILE F 264 -10.25 22.22 -36.88
C ILE F 264 -11.29 23.11 -36.15
N ASP F 265 -10.86 23.96 -35.24
CA ASP F 265 -11.77 24.88 -34.53
C ASP F 265 -12.38 25.99 -35.41
N ASP F 266 -11.70 26.33 -36.51
CA ASP F 266 -12.15 27.34 -37.46
C ASP F 266 -13.26 26.91 -38.38
N PHE F 267 -13.55 25.61 -38.54
CA PHE F 267 -14.67 25.24 -39.42
C PHE F 267 -15.98 25.86 -38.94
N LYS F 268 -16.76 26.33 -39.90
CA LYS F 268 -18.08 26.87 -39.69
C LYS F 268 -18.99 26.13 -40.65
N ALA F 269 -20.28 26.06 -40.35
CA ALA F 269 -21.26 25.34 -41.13
C ALA F 269 -21.39 25.81 -42.60
N GLU F 270 -21.15 27.09 -42.85
CA GLU F 270 -21.23 27.66 -44.19
C GLU F 270 -20.04 27.17 -45.00
N ASP F 271 -19.01 26.62 -44.38
CA ASP F 271 -17.89 26.11 -45.16
C ASP F 271 -18.24 24.81 -45.89
N PHE F 272 -19.44 24.22 -45.70
CA PHE F 272 -19.74 22.90 -46.29
C PHE F 272 -20.90 22.91 -47.26
N GLN F 273 -20.76 22.21 -48.38
CA GLN F 273 -21.82 22.09 -49.35
C GLN F 273 -21.96 20.64 -49.76
N ILE F 274 -23.17 20.11 -49.62
CA ILE F 274 -23.52 18.79 -50.06
C ILE F 274 -24.09 18.98 -51.46
N GLU F 275 -23.50 18.26 -52.41
CA GLU F 275 -23.76 18.40 -53.84
C GLU F 275 -24.34 17.13 -54.38
N GLY F 276 -25.50 17.25 -55.05
CA GLY F 276 -26.14 16.15 -55.76
C GLY F 276 -26.85 15.09 -54.90
N TYR F 277 -27.48 15.52 -53.80
CA TYR F 277 -28.11 14.60 -52.91
C TYR F 277 -29.59 14.49 -53.23
N ASN F 278 -30.04 13.30 -53.64
CA ASN F 278 -31.44 13.05 -54.07
C ASN F 278 -32.00 11.88 -53.33
N PRO F 279 -32.36 12.09 -52.09
CA PRO F 279 -32.89 10.93 -51.41
C PRO F 279 -34.28 10.58 -51.93
N HIS F 280 -34.64 9.30 -51.84
CA HIS F 280 -36.02 8.87 -51.97
C HIS F 280 -36.97 9.51 -50.90
N PRO F 281 -38.26 9.74 -51.27
CA PRO F 281 -39.24 10.13 -50.26
C PRO F 281 -39.49 9.01 -49.22
N THR F 282 -39.91 9.41 -48.02
CA THR F 282 -39.98 8.53 -46.87
C THR F 282 -41.44 8.17 -46.51
N1 DCM G . 14.23 22.35 13.89
C2 DCM G . 14.28 23.74 13.88
N3 DCM G . 14.34 24.43 12.70
C4 DCM G . 14.36 23.80 11.51
C5 DCM G . 14.33 22.41 11.46
C6 DCM G . 14.28 21.71 12.67
O2 DCM G . 14.26 24.41 14.91
N4 DCM G . 14.40 24.48 10.28
C1' DCM G . 14.25 21.55 15.10
C2' DCM G . 12.88 21.49 16.05
C3' DCM G . 12.86 20.28 16.58
C4' DCM G . 13.41 19.34 15.45
O4' DCM G . 14.54 20.28 14.84
O3' DCM G . 13.73 20.07 17.78
C5' DCM G . 12.42 18.92 14.58
O5' DCM G . 11.76 17.88 15.28
P DCM G . 10.17 17.75 15.41
O1P DCM G . 9.57 17.62 14.02
O2P DCM G . 9.85 16.50 16.19
O3P DCM G . 9.55 18.96 16.04
N1 DCM H . -13.32 38.10 10.88
C2 DCM H . -12.87 37.70 12.15
N3 DCM H . -13.11 36.40 12.54
C4 DCM H . -13.75 35.52 11.75
C5 DCM H . -14.22 35.90 10.50
C6 DCM H . -13.99 37.20 10.09
O2 DCM H . -12.25 38.42 12.99
N4 DCM H . -13.99 34.19 12.16
C1' DCM H . -13.18 39.44 10.38
C2' DCM H . -11.64 39.90 9.92
C3' DCM H . -11.82 40.78 8.95
C4' DCM H . -13.07 40.26 8.17
O4' DCM H . -13.97 39.73 9.35
O3' DCM H . -12.14 42.15 9.44
C5' DCM H . -12.73 39.34 7.19
O5' DCM H . -11.94 40.08 6.26
P DCM H . -10.67 39.64 5.42
O1P DCM H . -10.86 38.31 4.73
O2P DCM H . -10.52 40.75 4.41
O3P DCM H . -9.43 39.54 6.23
N1 DCM I . 20.63 -18.27 9.13
C2 DCM I . 19.87 -17.84 10.22
N3 DCM I . 18.52 -17.68 10.12
C4 DCM I . 17.91 -17.93 8.94
C5 DCM I . 18.62 -18.35 7.82
C6 DCM I . 19.99 -18.51 7.94
O2 DCM I . 20.35 -17.57 11.32
N4 DCM I . 16.53 -17.79 8.80
C1' DCM I . 22.05 -18.40 9.16
C2' DCM I . 22.59 -19.51 10.25
C3' DCM I . 23.77 -19.86 9.79
C4' DCM I . 23.58 -19.92 8.24
O4' DCM I . 22.58 -18.73 7.98
O3' DCM I . 24.78 -18.84 10.09
C5' DCM I . 23.13 -21.16 7.80
O5' DCM I . 24.27 -22.03 7.87
P DCM I . 24.19 -23.58 8.24
O1P DCM I . 23.13 -24.23 7.41
O2P DCM I . 25.56 -24.19 8.03
O3P DCM I . 23.87 -23.74 9.72
N1 DCM J . 6.09 -39.30 28.18
C2 DCM J . 7.35 -38.87 28.58
N3 DCM J . 8.46 -39.44 28.08
C4 DCM J . 8.37 -40.45 27.19
C5 DCM J . 7.16 -40.93 26.76
C6 DCM J . 6.01 -40.35 27.28
O2 DCM J . 7.56 -37.97 29.38
N4 DCM J . 9.56 -41.00 26.70
C1' DCM J . 4.86 -38.76 28.69
C2' DCM J . 4.48 -37.22 28.16
C3' DCM J . 3.16 -37.18 28.21
C4' DCM J . 2.69 -38.56 27.73
O4' DCM J . 3.77 -39.48 28.43
O3' DCM J . 2.72 -37.09 29.60
C5' DCM J . 2.61 -38.68 26.35
O5' DCM J . 1.30 -38.35 25.94
P DCM J . 0.90 -37.08 25.08
O1P DCM J . 1.03 -37.42 23.62
O2P DCM J . -0.51 -36.64 25.40
O3P DCM J . 1.85 -35.94 25.35
N1 DCM K . 0.88 -6.75 -30.70
C2 DCM K . -0.18 -7.65 -30.81
N3 DCM K . -0.82 -8.09 -29.68
C4 DCM K . -0.45 -7.69 -28.44
C5 DCM K . 0.61 -6.79 -28.30
C6 DCM K . 1.26 -6.35 -29.44
O2 DCM K . -0.62 -8.09 -31.90
N4 DCM K . -1.11 -8.15 -27.27
C1' DCM K . 1.66 -6.26 -31.82
C2' DCM K . 0.99 -5.17 -32.92
C3' DCM K . 2.01 -4.45 -33.38
C4' DCM K . 2.93 -4.28 -32.15
O4' DCM K . 2.82 -5.70 -31.44
O3' DCM K . 2.84 -5.11 -34.43
C5' DCM K . 2.55 -3.22 -31.33
O5' DCM K . 3.02 -2.01 -31.88
P DCM K . 2.18 -0.67 -32.00
O1P DCM K . 0.93 -1.05 -32.71
O2P DCM K . 3.05 0.24 -32.85
O3P DCM K . 1.98 0.11 -30.72
N1 DCM L . -28.79 5.23 -30.97
C2 DCM L . -28.11 5.12 -32.17
N3 DCM L . -27.16 6.05 -32.47
C4 DCM L . -26.89 7.08 -31.63
C5 DCM L . -27.57 7.22 -30.42
C6 DCM L . -28.52 6.27 -30.11
O2 DCM L . -28.30 4.22 -32.99
N4 DCM L . -25.90 8.01 -31.97
C1' DCM L . -29.81 4.30 -30.61
C2' DCM L . -29.21 2.82 -30.15
C3' DCM L . -30.08 2.39 -29.25
C4' DCM L . -30.49 3.66 -28.45
O4' DCM L . -30.54 4.74 -29.60
O3' DCM L . -31.32 1.87 -29.89
C5' DCM L . -29.64 3.96 -27.39
O5' DCM L . -29.93 3.01 -26.36
P DCM L . -28.84 2.32 -25.43
O1P DCM L . -27.96 1.43 -26.26
O2P DCM L . -29.53 1.43 -24.40
O3P DCM L . -28.00 3.39 -24.74
#